data_4KNH
#
_entry.id   4KNH
#
_cell.length_a   102.874
_cell.length_b   102.874
_cell.length_c   443.070
_cell.angle_alpha   90.00
_cell.angle_beta   90.00
_cell.angle_gamma   90.00
#
_symmetry.space_group_name_H-M   'P 43 21 2'
#
loop_
_entity.id
_entity.type
_entity.pdbx_description
1 polymer Nup192p
2 non-polymer 'SULFATE ION'
3 non-polymer 1,2-ETHANEDIOL
4 non-polymer 'MAGNESIUM ION'
5 water water
#
_entity_poly.entity_id   1
_entity_poly.type   'polypeptide(L)'
_entity_poly.pdbx_seq_one_letter_code
;GPHMTDLRKLEALQALHAELVAVRQHRFEGLQVLETLLEEQTDAFKALIAKPARDTKDREALGKEPKKLKIGEEEYSLNE
DFVNDCLKLADELDLNEKESARILIDCDAEGDVETQSRPLWECGVIRFHQERKYLLDCMRLILEIAADEDIDAGLQESFG
VAAEDKIFGIPPPWERNKENQPTQVKKFIPRCMEAMKGVRSMLQCMADKANARNMLQQASLVRPLDNQETLDFSRLSLVE
QHECLASILHAAVQRHHATIADFQDFIKILRKWDKYDHFLIHLIPVLAAYITEFGSPEGMGDLQQARRLNDFICKGGDED
SWALPVLGAAVRAWWIAEHNGFYLDDTVQDLRGINLDEEDEQRTKQFLDALKEGAFDFILSVAADCKAQEWQDPSQLGAR
QWLQRKIPSLPSEPFPFSHFLQHSLMVHLEGFVDATISNLPDVLRKLRTEEDEQRQLRPNHEQDMDLERFLIIISYAYEG
RPDAAMSFWEDPDSNLAGFLQWASRRASTPLVSAFCEMLRCLADNEECATAAHNFLLDEGHQASGKMKRSQSLTWSQIFK
ELEYFTTKVCSERPNPPQASMHRPGRPGADPAEIEPESALMLECYLRLIAKLATESEIARKRLIMDEDFNLVDTILKLSV
GVIPHRLRACIFYVLKALMIRKTHEELDAMWRWVEAWMTNPFSSLPGSQGAPQRISFLGQTPGPQECMEMMFREFGTGFE
QSNAFIQLLTTLLVPPEGLNSLNDSVPFPEWLGSSIRTLGIEPYVDFVFDVFANRTKDISDPSQLRILRLSCLDFVMVCL
VTFNEDLIVLGHESNISIDDAMAATNLATYVRLHPFSRVMEWLFNEKVITSLINTIHQDPISLGSASPDSPLVVSILRAI
QVMIKALELQETYLHLVRPEVLRYQGEAGVRRKPVANAAYSAFEDGILSHLSLVVDLGKYCNLGHAELTLACLKLLEKIS
T
;
_entity_poly.pdbx_strand_id   A,B
#
loop_
_chem_comp.id
_chem_comp.type
_chem_comp.name
_chem_comp.formula
EDO non-polymer 1,2-ETHANEDIOL 'C2 H6 O2'
MG non-polymer 'MAGNESIUM ION' 'Mg 2'
SO4 non-polymer 'SULFATE ION' 'O4 S -2'
#
# COMPACT_ATOMS: atom_id res chain seq x y z
N GLY A 1 -25.67 8.00 38.50
CA GLY A 1 -24.89 6.74 38.54
C GLY A 1 -24.11 6.59 39.83
N PRO A 2 -23.44 5.44 40.01
CA PRO A 2 -22.64 5.15 41.21
C PRO A 2 -21.20 5.63 41.08
N HIS A 3 -20.76 6.45 42.04
CA HIS A 3 -19.40 6.99 42.02
C HIS A 3 -18.87 7.19 43.43
N MET A 4 -17.54 7.37 43.54
CA MET A 4 -16.92 7.71 44.81
C MET A 4 -17.00 9.23 45.01
N THR A 5 -16.61 9.71 46.19
CA THR A 5 -16.77 11.12 46.52
C THR A 5 -15.64 11.99 45.96
N ASP A 6 -14.39 11.58 46.19
CA ASP A 6 -13.24 12.37 45.77
C ASP A 6 -12.53 11.74 44.58
N LEU A 7 -13.13 11.88 43.40
CA LEU A 7 -12.55 11.33 42.18
C LEU A 7 -11.40 12.19 41.70
N ARG A 8 -10.36 11.55 41.18
CA ARG A 8 -9.23 12.26 40.59
C ARG A 8 -9.64 12.77 39.20
N LYS A 9 -8.92 13.77 38.70
CA LYS A 9 -9.32 14.51 37.51
C LYS A 9 -9.89 13.63 36.40
N LEU A 10 -9.17 12.58 36.02
CA LEU A 10 -9.62 11.70 34.94
C LEU A 10 -10.93 10.99 35.29
N GLU A 11 -10.94 10.28 36.41
CA GLU A 11 -12.12 9.52 36.84
C GLU A 11 -13.32 10.44 37.00
N ALA A 12 -13.07 11.68 37.40
CA ALA A 12 -14.13 12.67 37.54
C ALA A 12 -14.73 12.99 36.17
N LEU A 13 -13.86 13.24 35.20
CA LEU A 13 -14.30 13.54 33.84
C LEU A 13 -15.04 12.35 33.22
N GLN A 14 -14.59 11.14 33.55
CA GLN A 14 -15.22 9.93 33.05
C GLN A 14 -16.61 9.76 33.65
N ALA A 15 -16.76 10.21 34.90
CA ALA A 15 -18.06 10.15 35.58
C ALA A 15 -19.04 11.08 34.90
N LEU A 16 -18.63 12.33 34.73
CA LEU A 16 -19.45 13.33 34.06
C LEU A 16 -19.84 12.86 32.67
N HIS A 17 -18.88 12.26 31.98
CA HIS A 17 -19.10 11.76 30.62
C HIS A 17 -20.22 10.71 30.63
N ALA A 18 -20.16 9.80 31.60
CA ALA A 18 -21.15 8.74 31.71
C ALA A 18 -22.54 9.31 31.98
N GLU A 19 -22.62 10.36 32.79
CA GLU A 19 -23.89 11.01 33.09
C GLU A 19 -24.42 11.69 31.83
N LEU A 20 -23.53 12.34 31.08
CA LEU A 20 -23.91 13.02 29.86
C LEU A 20 -24.45 12.02 28.84
N VAL A 21 -23.81 10.86 28.76
CA VAL A 21 -24.27 9.81 27.85
C VAL A 21 -25.68 9.38 28.23
N ALA A 22 -25.91 9.25 29.53
CA ALA A 22 -27.22 8.86 30.04
C ALA A 22 -28.29 9.83 29.56
N VAL A 23 -28.10 11.11 29.88
CA VAL A 23 -29.03 12.15 29.44
C VAL A 23 -29.21 12.10 27.93
N ARG A 24 -28.12 11.83 27.22
CA ARG A 24 -28.15 11.79 25.77
C ARG A 24 -28.99 10.61 25.28
N GLN A 25 -29.06 9.56 26.09
CA GLN A 25 -29.86 8.39 25.78
C GLN A 25 -31.19 8.43 26.52
N HIS A 26 -31.62 9.63 26.89
CA HIS A 26 -32.92 9.84 27.53
C HIS A 26 -33.05 9.09 28.85
N ARG A 27 -32.05 9.26 29.71
CA ARG A 27 -32.12 8.76 31.08
C ARG A 27 -31.77 9.91 32.03
N PHE A 28 -32.78 10.43 32.72
CA PHE A 28 -32.61 11.63 33.52
C PHE A 28 -32.60 11.33 35.01
N GLU A 29 -32.22 10.10 35.36
CA GLU A 29 -32.21 9.68 36.76
C GLU A 29 -31.07 10.34 37.53
N GLY A 30 -30.03 10.76 36.83
CA GLY A 30 -28.84 11.30 37.48
C GLY A 30 -28.51 12.72 37.12
N LEU A 31 -29.53 13.52 36.82
CA LEU A 31 -29.32 14.94 36.51
C LEU A 31 -28.66 15.65 37.69
N GLN A 32 -28.96 15.20 38.90
CA GLN A 32 -28.48 15.86 40.11
C GLN A 32 -26.99 15.63 40.32
N VAL A 33 -26.52 14.45 39.94
CA VAL A 33 -25.10 14.13 40.08
C VAL A 33 -24.33 14.64 38.85
N LEU A 34 -25.04 14.84 37.75
CA LEU A 34 -24.44 15.41 36.55
C LEU A 34 -24.01 16.85 36.84
N GLU A 35 -24.92 17.63 37.39
CA GLU A 35 -24.65 19.03 37.69
C GLU A 35 -23.51 19.20 38.68
N THR A 36 -23.45 18.32 39.68
CA THR A 36 -22.41 18.41 40.71
C THR A 36 -21.03 18.23 40.08
N LEU A 37 -20.97 17.39 39.04
CA LEU A 37 -19.72 17.12 38.35
C LEU A 37 -19.39 18.24 37.36
N LEU A 38 -20.42 18.91 36.88
CA LEU A 38 -20.25 20.00 35.92
C LEU A 38 -19.51 21.17 36.54
N GLU A 39 -20.04 21.67 37.66
CA GLU A 39 -19.40 22.78 38.37
C GLU A 39 -18.01 22.40 38.84
N GLU A 40 -17.79 21.12 39.05
CA GLU A 40 -16.50 20.62 39.54
C GLU A 40 -15.43 20.73 38.46
N GLN A 41 -15.86 20.85 37.20
CA GLN A 41 -14.93 20.91 36.08
C GLN A 41 -14.98 22.27 35.37
N THR A 42 -15.60 23.26 36.01
CA THR A 42 -15.74 24.58 35.39
C THR A 42 -14.39 25.13 34.92
N ASP A 43 -13.40 25.07 35.80
CA ASP A 43 -12.08 25.60 35.48
C ASP A 43 -11.48 24.90 34.27
N ALA A 44 -11.45 23.57 34.31
CA ALA A 44 -10.91 22.78 33.21
C ALA A 44 -11.64 23.09 31.91
N PHE A 45 -12.94 23.36 32.02
CA PHE A 45 -13.75 23.65 30.85
C PHE A 45 -13.34 24.97 30.18
N LYS A 46 -13.03 25.97 30.99
CA LYS A 46 -12.62 27.27 30.47
C LYS A 46 -11.17 27.22 29.97
N ALA A 47 -10.41 26.26 30.48
CA ALA A 47 -8.99 26.15 30.14
C ALA A 47 -8.78 25.47 28.80
N LEU A 48 -9.79 24.76 28.32
CA LEU A 48 -9.75 24.11 27.01
C LEU A 48 -8.40 23.42 26.77
N ILE A 49 -8.16 22.34 27.50
CA ILE A 49 -6.93 21.55 27.40
C ILE A 49 -5.65 22.37 27.28
N ALA A 50 -5.63 23.55 27.90
CA ALA A 50 -4.42 24.35 27.92
C ALA A 50 -3.30 23.56 28.58
N LYS A 51 -2.15 23.48 27.91
CA LYS A 51 -1.02 22.69 28.41
C LYS A 51 0.03 23.57 29.08
N PRO A 52 0.16 23.45 30.41
CA PRO A 52 1.18 24.20 31.15
C PRO A 52 2.58 24.03 30.57
N ALA A 53 3.28 25.14 30.37
CA ALA A 53 4.60 25.12 29.76
C ALA A 53 5.65 24.52 30.70
N ARG A 54 6.65 23.88 30.11
CA ARG A 54 7.75 23.31 30.88
C ARG A 54 8.58 24.44 31.48
N ASP A 55 9.12 24.22 32.67
CA ASP A 55 9.79 25.29 33.40
C ASP A 55 11.12 24.83 34.01
N THR A 56 12.04 25.78 34.16
CA THR A 56 13.36 25.51 34.72
C THR A 56 13.34 25.41 36.23
N LYS A 57 12.52 26.24 36.87
CA LYS A 57 12.42 26.26 38.32
C LYS A 57 12.06 24.88 38.89
N ASP A 58 11.15 24.19 38.23
CA ASP A 58 10.68 22.89 38.70
C ASP A 58 11.65 21.78 38.33
N ARG A 59 12.30 21.90 37.18
CA ARG A 59 13.30 20.92 36.76
C ARG A 59 14.49 20.97 37.71
N GLU A 60 15.02 22.16 37.93
CA GLU A 60 16.16 22.36 38.83
C GLU A 60 15.82 21.84 40.22
N ALA A 61 14.54 21.89 40.58
CA ALA A 61 14.09 21.46 41.89
C ALA A 61 13.93 19.95 41.97
N LEU A 62 13.30 19.37 40.96
CA LEU A 62 12.96 17.95 40.97
C LEU A 62 14.20 17.08 41.22
N GLY A 63 15.28 17.39 40.51
CA GLY A 63 16.49 16.57 40.58
C GLY A 63 17.35 16.86 41.80
N LYS A 64 17.45 18.14 42.17
CA LYS A 64 18.32 18.54 43.28
C LYS A 64 17.83 17.99 44.62
N GLU A 65 16.57 18.26 44.95
CA GLU A 65 15.95 17.70 46.15
C GLU A 65 14.86 16.72 45.75
N PRO A 66 15.27 15.48 45.42
CA PRO A 66 14.37 14.40 44.96
C PRO A 66 13.79 13.62 46.13
N LYS A 67 13.16 14.32 47.08
CA LYS A 67 12.72 13.69 48.31
C LYS A 67 11.22 13.84 48.56
N LYS A 68 10.81 15.02 49.01
CA LYS A 68 9.41 15.23 49.40
C LYS A 68 8.66 16.10 48.41
N LEU A 69 7.60 15.55 47.83
CA LEU A 69 6.77 16.26 46.86
C LEU A 69 5.48 16.77 47.48
N LYS A 70 5.23 18.07 47.35
CA LYS A 70 4.01 18.67 47.88
C LYS A 70 3.21 19.30 46.75
N ILE A 71 2.04 18.73 46.47
CA ILE A 71 1.16 19.30 45.47
C ILE A 71 -0.12 19.81 46.13
N GLY A 72 -0.36 21.11 46.00
CA GLY A 72 -1.52 21.74 46.59
C GLY A 72 -1.62 21.47 48.08
N GLU A 73 -2.59 20.63 48.46
CA GLU A 73 -2.94 20.41 49.86
C GLU A 73 -2.19 19.24 50.52
N GLU A 74 -1.63 18.34 49.72
CA GLU A 74 -1.12 17.08 50.23
C GLU A 74 0.39 16.90 50.07
N GLU A 75 0.90 15.79 50.62
CA GLU A 75 2.33 15.49 50.59
C GLU A 75 2.58 14.05 50.16
N TYR A 76 3.59 13.86 49.32
CA TYR A 76 4.01 12.53 48.88
C TYR A 76 5.53 12.42 48.96
N SER A 77 6.03 11.17 48.97
CA SER A 77 7.46 10.94 49.07
C SER A 77 8.03 10.36 47.76
N LEU A 78 9.01 11.05 47.19
CA LEU A 78 9.61 10.65 45.93
C LEU A 78 10.76 9.67 46.11
N ASN A 79 10.74 8.59 45.35
CA ASN A 79 11.89 7.70 45.23
C ASN A 79 12.62 8.01 43.93
N GLU A 80 13.94 7.82 43.92
CA GLU A 80 14.76 8.22 42.78
C GLU A 80 14.21 7.67 41.46
N ASP A 81 13.43 6.61 41.53
CA ASP A 81 12.80 6.04 40.34
C ASP A 81 11.60 6.86 39.89
N PHE A 82 10.77 7.28 40.84
CA PHE A 82 9.58 8.06 40.54
C PHE A 82 9.96 9.41 39.93
N VAL A 83 10.92 10.08 40.56
CA VAL A 83 11.35 11.40 40.10
C VAL A 83 11.84 11.35 38.65
N ASN A 84 12.44 10.23 38.27
CA ASN A 84 12.93 10.07 36.89
C ASN A 84 11.78 9.95 35.90
N ASP A 85 10.67 9.37 36.35
CA ASP A 85 9.50 9.20 35.50
C ASP A 85 8.82 10.55 35.23
N CYS A 86 8.93 11.46 36.19
CA CYS A 86 8.38 12.81 36.01
C CYS A 86 9.15 13.53 34.91
N LEU A 87 10.48 13.44 34.97
CA LEU A 87 11.32 14.07 33.96
C LEU A 87 11.07 13.44 32.59
N LYS A 88 10.84 12.13 32.58
CA LYS A 88 10.56 11.41 31.34
C LYS A 88 9.22 11.86 30.77
N LEU A 89 8.22 11.98 31.63
CA LEU A 89 6.88 12.38 31.19
C LEU A 89 6.88 13.83 30.71
N ALA A 90 7.55 14.69 31.46
CA ALA A 90 7.63 16.11 31.12
C ALA A 90 8.30 16.30 29.75
N ASP A 91 9.25 15.43 29.43
CA ASP A 91 9.94 15.48 28.16
C ASP A 91 9.04 15.00 27.03
N GLU A 92 8.44 13.83 27.22
CA GLU A 92 7.60 13.22 26.18
C GLU A 92 6.43 14.10 25.79
N LEU A 93 5.89 14.85 26.75
CA LEU A 93 4.72 15.68 26.52
C LEU A 93 5.08 17.16 26.47
N ASP A 94 6.35 17.48 26.71
CA ASP A 94 6.75 18.88 26.87
C ASP A 94 5.75 19.52 27.82
N LEU A 95 5.67 18.96 29.03
CA LEU A 95 4.66 19.36 30.00
C LEU A 95 5.32 19.87 31.28
N ASN A 96 4.61 20.73 32.00
CA ASN A 96 5.08 21.25 33.27
C ASN A 96 5.48 20.12 34.21
N GLU A 97 6.67 20.21 34.78
CA GLU A 97 7.20 19.17 35.64
C GLU A 97 6.25 18.86 36.79
N LYS A 98 5.60 19.90 37.31
CA LYS A 98 4.65 19.74 38.41
C LYS A 98 3.38 19.04 37.96
N GLU A 99 2.83 19.49 36.83
CA GLU A 99 1.64 18.85 36.26
C GLU A 99 1.95 17.38 35.95
N SER A 100 3.16 17.12 35.48
CA SER A 100 3.60 15.77 35.19
C SER A 100 3.55 14.92 36.46
N ALA A 101 4.08 15.47 37.55
CA ALA A 101 4.11 14.76 38.82
C ALA A 101 2.69 14.42 39.27
N ARG A 102 1.79 15.38 39.14
CA ARG A 102 0.40 15.18 39.55
C ARG A 102 -0.19 14.00 38.80
N ILE A 103 -0.01 13.97 37.48
CA ILE A 103 -0.55 12.90 36.66
C ILE A 103 -0.01 11.54 37.08
N LEU A 104 1.28 11.49 37.41
CA LEU A 104 1.92 10.23 37.78
C LEU A 104 1.45 9.75 39.14
N ILE A 105 1.08 10.68 40.01
CA ILE A 105 0.53 10.33 41.31
C ILE A 105 -0.87 9.76 41.16
N ASP A 106 -1.64 10.34 40.26
CA ASP A 106 -2.97 9.83 39.95
C ASP A 106 -2.85 8.44 39.33
N CYS A 107 -1.78 8.22 38.57
CA CYS A 107 -1.51 6.91 37.96
C CYS A 107 -1.13 5.89 39.01
N ASP A 108 -0.23 6.27 39.91
CA ASP A 108 0.23 5.37 40.97
C ASP A 108 -0.92 5.05 41.92
N ALA A 109 -1.63 6.08 42.34
CA ALA A 109 -2.75 5.92 43.28
C ALA A 109 -3.80 4.99 42.72
N GLU A 110 -4.38 5.36 41.58
CA GLU A 110 -5.39 4.54 40.92
C GLU A 110 -4.77 3.22 40.46
N GLY A 111 -3.44 3.19 40.42
CA GLY A 111 -2.72 1.97 40.08
C GLY A 111 -3.09 1.45 38.71
N ASP A 112 -2.97 2.29 37.69
CA ASP A 112 -3.22 1.86 36.32
C ASP A 112 -1.96 1.32 35.66
N VAL A 113 -0.87 1.27 36.43
CA VAL A 113 0.34 0.59 35.98
C VAL A 113 0.08 -0.91 35.90
N GLU A 114 -0.67 -1.42 36.86
CA GLU A 114 -1.02 -2.84 36.89
C GLU A 114 -2.26 -3.08 36.03
N THR A 115 -3.13 -2.08 35.95
CA THR A 115 -4.37 -2.21 35.18
C THR A 115 -4.06 -2.26 33.69
N GLN A 116 -2.99 -1.59 33.29
CA GLN A 116 -2.60 -1.55 31.88
C GLN A 116 -1.22 -2.17 31.63
N SER A 117 -0.60 -2.66 32.69
CA SER A 117 0.73 -3.28 32.60
C SER A 117 1.67 -2.53 31.66
N ARG A 118 2.09 -1.34 32.09
CA ARG A 118 3.06 -0.53 31.36
C ARG A 118 3.94 0.22 32.35
N PRO A 119 5.11 0.69 31.90
CA PRO A 119 5.94 1.55 32.75
C PRO A 119 5.16 2.77 33.22
N LEU A 120 5.49 3.30 34.39
CA LEU A 120 4.72 4.39 34.98
C LEU A 120 4.62 5.61 34.06
N TRP A 121 5.75 6.00 33.46
CA TRP A 121 5.77 7.19 32.62
C TRP A 121 4.83 7.04 31.42
N GLU A 122 4.69 5.81 30.93
CA GLU A 122 3.78 5.55 29.82
C GLU A 122 2.32 5.73 30.25
N CYS A 123 2.02 5.32 31.47
CA CYS A 123 0.68 5.51 32.01
C CYS A 123 0.36 6.98 32.12
N GLY A 124 1.37 7.77 32.49
CA GLY A 124 1.23 9.21 32.53
C GLY A 124 0.78 9.75 31.19
N VAL A 125 1.40 9.28 30.12
CA VAL A 125 1.04 9.72 28.78
C VAL A 125 -0.42 9.42 28.50
N ILE A 126 -0.83 8.18 28.79
CA ILE A 126 -2.19 7.75 28.53
C ILE A 126 -3.21 8.56 29.33
N ARG A 127 -2.93 8.76 30.61
CA ARG A 127 -3.82 9.53 31.47
C ARG A 127 -3.91 10.98 30.98
N PHE A 128 -2.77 11.55 30.61
CA PHE A 128 -2.73 12.92 30.10
C PHE A 128 -3.70 13.08 28.93
N HIS A 129 -3.65 12.13 28.01
CA HIS A 129 -4.48 12.18 26.81
C HIS A 129 -5.94 11.81 27.10
N GLN A 130 -6.15 10.88 28.03
CA GLN A 130 -7.50 10.48 28.42
C GLN A 130 -8.26 11.68 28.97
N GLU A 131 -7.61 12.45 29.83
CA GLU A 131 -8.21 13.63 30.43
C GLU A 131 -8.65 14.61 29.35
N ARG A 132 -7.77 14.85 28.38
CA ARG A 132 -8.06 15.78 27.30
C ARG A 132 -9.26 15.31 26.48
N LYS A 133 -9.20 14.05 26.05
CA LYS A 133 -10.24 13.50 25.19
C LYS A 133 -11.60 13.54 25.86
N TYR A 134 -11.68 13.05 27.09
CA TYR A 134 -12.94 13.01 27.81
C TYR A 134 -13.49 14.41 28.05
N LEU A 135 -12.61 15.34 28.42
CA LEU A 135 -13.02 16.73 28.63
C LEU A 135 -13.69 17.27 27.38
N LEU A 136 -13.06 17.08 26.23
CA LEU A 136 -13.57 17.60 24.97
C LEU A 136 -14.84 16.90 24.53
N ASP A 137 -14.92 15.59 24.76
CA ASP A 137 -16.08 14.82 24.34
C ASP A 137 -17.28 15.13 25.23
N CYS A 138 -17.02 15.54 26.46
CA CYS A 138 -18.08 15.98 27.36
C CYS A 138 -18.71 17.25 26.82
N MET A 139 -17.86 18.17 26.35
CA MET A 139 -18.34 19.41 25.76
C MET A 139 -19.19 19.11 24.53
N ARG A 140 -18.70 18.21 23.68
CA ARG A 140 -19.42 17.83 22.47
C ARG A 140 -20.80 17.28 22.83
N LEU A 141 -20.87 16.52 23.91
CA LEU A 141 -22.11 15.92 24.35
C LEU A 141 -23.08 16.96 24.88
N ILE A 142 -22.57 17.93 25.64
CA ILE A 142 -23.40 19.00 26.18
C ILE A 142 -24.05 19.78 25.04
N LEU A 143 -23.25 20.16 24.05
CA LEU A 143 -23.76 20.86 22.88
C LEU A 143 -24.80 20.00 22.18
N GLU A 144 -24.52 18.70 22.09
CA GLU A 144 -25.40 17.78 21.39
C GLU A 144 -26.73 17.63 22.13
N ILE A 145 -26.68 17.67 23.46
CA ILE A 145 -27.89 17.60 24.27
C ILE A 145 -28.68 18.90 24.14
N ALA A 146 -27.97 20.01 24.00
CA ALA A 146 -28.60 21.31 23.88
C ALA A 146 -29.40 21.44 22.59
N ALA A 147 -29.12 20.55 21.64
CA ALA A 147 -29.78 20.59 20.34
C ALA A 147 -30.76 19.43 20.16
N ASP A 148 -30.92 18.62 21.21
CA ASP A 148 -31.84 17.49 21.14
C ASP A 148 -33.28 17.97 21.24
N GLU A 149 -34.02 17.83 20.15
CA GLU A 149 -35.39 18.32 20.07
C GLU A 149 -36.38 17.32 20.65
N ASP A 150 -35.90 16.13 21.00
CA ASP A 150 -36.75 15.07 21.51
C ASP A 150 -36.67 14.92 23.03
N ILE A 151 -36.34 16.01 23.71
CA ILE A 151 -36.36 16.04 25.17
C ILE A 151 -37.03 17.33 25.63
N ASP A 152 -37.45 17.35 26.90
CA ASP A 152 -38.09 18.52 27.46
C ASP A 152 -37.41 19.80 26.99
N ALA A 153 -38.21 20.78 26.58
CA ALA A 153 -37.68 22.05 26.11
C ALA A 153 -36.83 22.72 27.19
N GLY A 154 -37.26 22.57 28.44
CA GLY A 154 -36.53 23.13 29.56
C GLY A 154 -35.11 22.62 29.67
N LEU A 155 -34.94 21.30 29.67
CA LEU A 155 -33.62 20.70 29.69
C LEU A 155 -32.79 21.19 28.51
N GLN A 156 -33.37 21.07 27.32
CA GLN A 156 -32.67 21.46 26.10
C GLN A 156 -32.09 22.86 26.22
N GLU A 157 -32.84 23.76 26.85
CA GLU A 157 -32.43 25.16 26.93
C GLU A 157 -31.41 25.38 28.05
N SER A 158 -31.60 24.71 29.18
CA SER A 158 -30.67 24.84 30.29
C SER A 158 -29.31 24.27 29.92
N PHE A 159 -29.30 23.25 29.07
CA PHE A 159 -28.05 22.69 28.57
C PHE A 159 -27.45 23.64 27.55
N GLY A 160 -28.31 24.42 26.91
CA GLY A 160 -27.85 25.46 25.99
C GLY A 160 -27.06 26.52 26.72
N VAL A 161 -27.64 27.08 27.78
CA VAL A 161 -26.96 28.12 28.56
C VAL A 161 -25.70 27.55 29.19
N ALA A 162 -25.76 26.29 29.63
CA ALA A 162 -24.61 25.62 30.19
C ALA A 162 -23.47 25.64 29.18
N ALA A 163 -23.79 25.28 27.94
CA ALA A 163 -22.80 25.27 26.86
C ALA A 163 -22.26 26.66 26.61
N GLU A 164 -23.17 27.63 26.50
CA GLU A 164 -22.78 29.02 26.28
C GLU A 164 -21.83 29.49 27.36
N ASP A 165 -22.17 29.18 28.62
CA ASP A 165 -21.42 29.66 29.76
C ASP A 165 -20.08 28.94 29.92
N LYS A 166 -20.15 27.64 30.19
CA LYS A 166 -18.96 26.87 30.55
C LYS A 166 -17.98 26.72 29.39
N ILE A 167 -18.50 26.48 28.19
CA ILE A 167 -17.65 26.20 27.03
C ILE A 167 -17.20 27.48 26.34
N PHE A 168 -18.15 28.25 25.84
CA PHE A 168 -17.84 29.43 25.03
C PHE A 168 -17.51 30.66 25.87
N GLY A 169 -17.66 30.53 27.19
CA GLY A 169 -17.32 31.62 28.08
C GLY A 169 -18.24 32.81 27.94
N ILE A 170 -19.51 32.54 27.64
CA ILE A 170 -20.51 33.59 27.51
C ILE A 170 -21.46 33.55 28.70
N PRO A 171 -21.41 34.58 29.55
CA PRO A 171 -22.26 34.57 30.75
C PRO A 171 -23.73 34.46 30.40
N PRO A 172 -24.55 33.90 31.30
CA PRO A 172 -25.98 33.73 31.06
C PRO A 172 -26.70 35.06 30.92
N PRO A 173 -27.96 35.02 30.44
CA PRO A 173 -28.77 36.23 30.16
C PRO A 173 -28.97 37.13 31.37
N TRP A 174 -28.64 36.65 32.57
CA TRP A 174 -28.94 37.40 33.79
C TRP A 174 -27.69 37.95 34.50
N GLU A 175 -26.68 38.34 33.73
CA GLU A 175 -25.48 38.95 34.29
C GLU A 175 -24.52 39.43 33.21
N ARG A 176 -23.54 40.23 33.62
CA ARG A 176 -22.52 40.75 32.72
C ARG A 176 -23.10 41.11 31.35
N GLN A 184 -11.21 41.84 28.27
CA GLN A 184 -10.01 41.35 28.94
C GLN A 184 -9.75 39.88 28.58
N VAL A 185 -10.82 39.15 28.28
CA VAL A 185 -10.70 37.73 27.94
C VAL A 185 -10.42 37.53 26.46
N LYS A 186 -9.95 36.34 26.11
CA LYS A 186 -9.77 35.95 24.72
C LYS A 186 -10.99 35.15 24.27
N LYS A 187 -11.69 35.65 23.26
CA LYS A 187 -12.91 35.02 22.79
C LYS A 187 -12.70 33.54 22.49
N PHE A 188 -13.75 32.75 22.62
CA PHE A 188 -13.64 31.30 22.51
C PHE A 188 -12.97 30.83 21.22
N ILE A 189 -13.54 31.19 20.07
CA ILE A 189 -13.06 30.67 18.79
C ILE A 189 -11.54 30.80 18.65
N PRO A 190 -11.00 32.01 18.86
CA PRO A 190 -9.53 32.14 18.86
C PRO A 190 -8.84 31.15 19.79
N ARG A 191 -9.42 30.88 20.96
CA ARG A 191 -8.86 29.90 21.88
C ARG A 191 -8.95 28.51 21.29
N CYS A 192 -10.11 28.22 20.68
CA CYS A 192 -10.35 26.91 20.09
C CYS A 192 -9.37 26.62 18.96
N MET A 193 -9.12 27.63 18.12
CA MET A 193 -8.20 27.47 16.99
C MET A 193 -6.79 27.17 17.49
N GLU A 194 -6.38 27.85 18.55
CA GLU A 194 -5.05 27.63 19.12
C GLU A 194 -4.96 26.24 19.71
N ALA A 195 -6.04 25.78 20.34
CA ALA A 195 -6.09 24.45 20.91
C ALA A 195 -5.90 23.39 19.82
N MET A 196 -6.64 23.53 18.73
CA MET A 196 -6.55 22.60 17.62
C MET A 196 -5.14 22.62 17.03
N LYS A 197 -4.57 23.81 16.96
CA LYS A 197 -3.21 23.98 16.45
C LYS A 197 -2.23 23.19 17.29
N GLY A 198 -2.35 23.32 18.60
CA GLY A 198 -1.50 22.58 19.53
C GLY A 198 -1.57 21.09 19.29
N VAL A 199 -2.78 20.57 19.14
CA VAL A 199 -2.98 19.14 18.93
C VAL A 199 -2.28 18.69 17.65
N ARG A 200 -2.43 19.47 16.58
CA ARG A 200 -1.79 19.13 15.32
C ARG A 200 -0.27 19.05 15.49
N SER A 201 0.31 20.07 16.11
CA SER A 201 1.76 20.14 16.25
C SER A 201 2.29 19.06 17.19
N MET A 202 1.49 18.68 18.17
CA MET A 202 1.91 17.64 19.12
C MET A 202 1.93 16.29 18.43
N LEU A 203 0.99 16.07 17.52
CA LEU A 203 0.95 14.84 16.74
C LEU A 203 2.15 14.78 15.79
N GLN A 204 2.49 15.92 15.21
CA GLN A 204 3.61 16.00 14.28
C GLN A 204 4.93 15.77 15.03
N CYS A 205 5.14 16.53 16.09
CA CYS A 205 6.34 16.38 16.91
C CYS A 205 6.47 14.95 17.39
N MET A 206 5.35 14.36 17.77
CA MET A 206 5.33 13.00 18.26
C MET A 206 5.68 12.03 17.15
N ALA A 207 5.13 12.27 15.96
CA ALA A 207 5.39 11.42 14.81
C ALA A 207 6.85 11.46 14.40
N ASP A 208 7.46 12.64 14.43
CA ASP A 208 8.85 12.80 14.04
C ASP A 208 9.77 12.03 14.97
N LYS A 209 9.59 12.20 16.27
CA LYS A 209 10.40 11.50 17.26
C LYS A 209 10.22 9.99 17.10
N ALA A 210 8.97 9.56 16.96
CA ALA A 210 8.67 8.14 16.83
C ALA A 210 9.32 7.56 15.58
N ASN A 211 9.24 8.30 14.47
CA ASN A 211 9.83 7.85 13.22
C ASN A 211 11.32 7.58 13.38
N ALA A 212 12.03 8.54 13.97
CA ALA A 212 13.46 8.42 14.17
C ALA A 212 13.77 7.18 15.01
N ARG A 213 13.03 7.00 16.09
CA ARG A 213 13.28 5.89 17.00
C ARG A 213 12.92 4.54 16.37
N ASN A 214 11.89 4.53 15.55
CA ASN A 214 11.48 3.29 14.90
C ASN A 214 12.49 2.89 13.83
N MET A 215 13.01 3.89 13.12
CA MET A 215 13.98 3.67 12.07
C MET A 215 15.16 2.87 12.61
N LEU A 216 15.65 3.28 13.79
CA LEU A 216 16.73 2.56 14.45
C LEU A 216 16.26 1.21 14.98
N GLN A 217 15.03 1.17 15.48
CA GLN A 217 14.45 -0.08 15.97
C GLN A 217 14.41 -1.14 14.90
N GLN A 218 13.83 -0.79 13.76
CA GLN A 218 13.64 -1.75 12.68
C GLN A 218 14.97 -2.13 12.03
N ALA A 219 15.94 -1.23 12.12
CA ALA A 219 17.25 -1.48 11.52
C ALA A 219 18.07 -2.44 12.38
N SER A 220 17.91 -2.34 13.70
CA SER A 220 18.74 -3.12 14.61
C SER A 220 18.05 -4.36 15.17
N LEU A 221 16.82 -4.22 15.65
CA LEU A 221 16.13 -5.28 16.36
C LEU A 221 14.98 -5.86 15.55
N VAL A 222 14.56 -5.12 14.53
CA VAL A 222 13.42 -5.50 13.69
C VAL A 222 12.25 -6.04 14.54
N ARG A 223 11.84 -5.24 15.52
N ARG A 223 11.84 -5.24 15.52
CA ARG A 223 10.65 -5.53 16.30
CA ARG A 223 10.65 -5.53 16.30
C ARG A 223 10.05 -4.22 16.78
C ARG A 223 10.05 -4.22 16.79
N PRO A 224 8.78 -4.24 17.21
CA PRO A 224 8.11 -3.01 17.64
C PRO A 224 8.82 -2.29 18.78
N LEU A 225 8.71 -0.96 18.81
CA LEU A 225 9.17 -0.16 19.93
C LEU A 225 8.50 -0.64 21.22
N ASP A 226 9.18 -0.44 22.34
CA ASP A 226 8.63 -0.88 23.62
C ASP A 226 7.33 -0.16 23.95
N ASN A 227 7.24 1.10 23.56
CA ASN A 227 6.07 1.92 23.87
C ASN A 227 5.17 2.13 22.67
N GLN A 228 5.21 1.20 21.73
CA GLN A 228 4.44 1.34 20.49
C GLN A 228 2.94 1.38 20.76
N GLU A 229 2.48 0.61 21.74
CA GLU A 229 1.06 0.59 22.08
C GLU A 229 0.63 1.97 22.56
N THR A 230 1.44 2.56 23.44
CA THR A 230 1.14 3.89 23.97
C THR A 230 1.18 4.93 22.87
N LEU A 231 2.13 4.76 21.93
CA LEU A 231 2.22 5.65 20.79
C LEU A 231 0.94 5.60 19.97
N ASP A 232 0.56 4.39 19.56
CA ASP A 232 -0.64 4.21 18.74
C ASP A 232 -1.85 4.85 19.41
N PHE A 233 -1.96 4.65 20.72
CA PHE A 233 -3.08 5.19 21.47
C PHE A 233 -3.05 6.71 21.48
N SER A 234 -1.87 7.27 21.68
CA SER A 234 -1.72 8.72 21.76
C SER A 234 -2.06 9.40 20.43
N ARG A 235 -1.72 8.74 19.32
CA ARG A 235 -2.05 9.27 18.00
C ARG A 235 -3.56 9.28 17.80
N LEU A 236 -4.18 8.11 18.01
CA LEU A 236 -5.62 7.99 17.85
C LEU A 236 -6.34 9.03 18.69
N SER A 237 -5.88 9.20 19.93
CA SER A 237 -6.50 10.17 20.84
C SER A 237 -6.39 11.57 20.28
N LEU A 238 -5.17 12.00 19.99
CA LEU A 238 -4.91 13.32 19.46
C LEU A 238 -5.82 13.62 18.28
N VAL A 239 -6.01 12.64 17.41
CA VAL A 239 -6.89 12.81 16.25
C VAL A 239 -8.33 12.94 16.69
N GLU A 240 -8.74 12.14 17.67
CA GLU A 240 -10.09 12.22 18.21
C GLU A 240 -10.32 13.54 18.94
N GLN A 241 -9.27 14.05 19.58
CA GLN A 241 -9.33 15.33 20.26
C GLN A 241 -9.61 16.44 19.26
N HIS A 242 -8.88 16.43 18.16
CA HIS A 242 -9.05 17.44 17.13
C HIS A 242 -10.45 17.35 16.55
N GLU A 243 -10.95 16.13 16.42
CA GLU A 243 -12.27 15.90 15.85
C GLU A 243 -13.35 16.49 16.76
N CYS A 244 -13.16 16.36 18.08
CA CYS A 244 -14.10 16.92 19.03
C CYS A 244 -14.04 18.45 19.01
N LEU A 245 -12.82 18.98 18.92
CA LEU A 245 -12.63 20.43 18.84
C LEU A 245 -13.27 20.97 17.56
N ALA A 246 -13.14 20.22 16.48
CA ALA A 246 -13.69 20.63 15.20
C ALA A 246 -15.21 20.66 15.27
N SER A 247 -15.78 19.74 16.05
CA SER A 247 -17.22 19.69 16.23
C SER A 247 -17.69 20.85 17.10
N ILE A 248 -16.93 21.15 18.15
CA ILE A 248 -17.26 22.23 19.05
C ILE A 248 -17.18 23.57 18.31
N LEU A 249 -16.11 23.75 17.55
CA LEU A 249 -15.93 24.94 16.73
C LEU A 249 -17.12 25.11 15.79
N HIS A 250 -17.51 24.02 15.14
CA HIS A 250 -18.65 24.02 14.24
C HIS A 250 -19.91 24.51 14.94
N ALA A 251 -20.04 24.14 16.22
CA ALA A 251 -21.19 24.56 17.01
C ALA A 251 -21.12 26.06 17.29
N ALA A 252 -19.93 26.53 17.65
CA ALA A 252 -19.73 27.95 17.94
C ALA A 252 -20.11 28.81 16.74
N VAL A 253 -19.76 28.35 15.55
CA VAL A 253 -20.08 29.07 14.32
C VAL A 253 -21.59 29.16 14.14
N GLN A 254 -22.25 28.00 14.14
CA GLN A 254 -23.69 27.95 13.96
C GLN A 254 -24.43 28.76 15.03
N ARG A 255 -23.88 28.80 16.23
CA ARG A 255 -24.50 29.53 17.33
C ARG A 255 -24.16 31.01 17.30
N HIS A 256 -23.57 31.47 16.19
CA HIS A 256 -23.39 32.89 15.95
C HIS A 256 -22.41 33.54 16.94
N HIS A 257 -21.29 32.88 17.18
CA HIS A 257 -20.27 33.43 18.07
C HIS A 257 -19.00 33.79 17.30
N ALA A 258 -19.09 33.75 15.97
CA ALA A 258 -17.94 34.02 15.12
C ALA A 258 -17.97 35.43 14.54
N THR A 259 -16.80 36.04 14.44
CA THR A 259 -16.66 37.35 13.84
C THR A 259 -16.02 37.22 12.47
N ILE A 260 -16.21 38.23 11.61
CA ILE A 260 -15.60 38.22 10.29
C ILE A 260 -14.11 37.89 10.38
N ALA A 261 -13.44 38.47 11.37
CA ALA A 261 -12.03 38.22 11.59
C ALA A 261 -11.78 36.72 11.77
N ASP A 262 -12.59 36.08 12.61
CA ASP A 262 -12.49 34.64 12.84
C ASP A 262 -12.66 33.90 11.52
N PHE A 263 -13.62 34.35 10.72
CA PHE A 263 -13.89 33.75 9.42
C PHE A 263 -12.70 33.94 8.49
N GLN A 264 -12.05 35.09 8.58
CA GLN A 264 -10.89 35.38 7.74
C GLN A 264 -9.67 34.60 8.20
N ASP A 265 -9.43 34.59 9.50
CA ASP A 265 -8.32 33.84 10.07
C ASP A 265 -8.45 32.36 9.73
N PHE A 266 -9.70 31.90 9.62
CA PHE A 266 -9.97 30.51 9.29
C PHE A 266 -9.57 30.22 7.84
N ILE A 267 -10.01 31.08 6.93
CA ILE A 267 -9.70 30.90 5.52
C ILE A 267 -8.19 31.01 5.31
N LYS A 268 -7.54 31.89 6.07
CA LYS A 268 -6.10 32.04 5.98
C LYS A 268 -5.41 30.75 6.40
N ILE A 269 -5.99 30.07 7.38
CA ILE A 269 -5.44 28.81 7.87
C ILE A 269 -5.61 27.70 6.83
N LEU A 270 -6.70 27.75 6.08
CA LEU A 270 -6.93 26.79 5.01
C LEU A 270 -5.99 27.07 3.84
N ARG A 271 -5.68 28.34 3.63
CA ARG A 271 -4.80 28.76 2.54
C ARG A 271 -3.36 28.28 2.77
N LYS A 272 -2.96 28.19 4.03
CA LYS A 272 -1.62 27.74 4.37
C LYS A 272 -1.55 26.22 4.50
N TRP A 273 -2.72 25.59 4.59
CA TRP A 273 -2.84 24.15 4.74
C TRP A 273 -2.23 23.42 3.55
N ASP A 274 -1.23 22.58 3.80
CA ASP A 274 -0.47 21.94 2.72
C ASP A 274 -0.45 20.41 2.81
N LYS A 275 -1.55 19.82 3.26
CA LYS A 275 -1.63 18.38 3.40
C LYS A 275 -3.07 17.89 3.46
N TYR A 276 -3.41 16.95 2.59
CA TYR A 276 -4.73 16.33 2.61
C TYR A 276 -4.73 15.21 3.64
N ASP A 277 -5.36 15.46 4.78
CA ASP A 277 -5.34 14.51 5.88
C ASP A 277 -6.66 14.53 6.67
N HIS A 278 -6.72 13.72 7.72
CA HIS A 278 -7.93 13.60 8.53
C HIS A 278 -8.28 14.93 9.18
N PHE A 279 -7.26 15.67 9.60
CA PHE A 279 -7.47 16.96 10.24
C PHE A 279 -8.25 17.90 9.31
N LEU A 280 -7.85 17.92 8.05
CA LEU A 280 -8.48 18.81 7.07
C LEU A 280 -9.95 18.48 6.91
N ILE A 281 -10.27 17.19 6.86
CA ILE A 281 -11.65 16.75 6.69
C ILE A 281 -12.50 17.13 7.90
N HIS A 282 -11.87 17.20 9.07
CA HIS A 282 -12.57 17.60 10.28
C HIS A 282 -13.07 19.04 10.18
N LEU A 283 -12.35 19.86 9.40
CA LEU A 283 -12.65 21.28 9.31
C LEU A 283 -13.68 21.60 8.21
N ILE A 284 -13.99 20.63 7.36
CA ILE A 284 -14.87 20.89 6.22
C ILE A 284 -16.27 21.29 6.68
N PRO A 285 -16.82 20.61 7.69
CA PRO A 285 -18.10 21.07 8.25
C PRO A 285 -18.02 22.51 8.76
N VAL A 286 -16.90 22.85 9.39
CA VAL A 286 -16.71 24.21 9.91
C VAL A 286 -16.73 25.22 8.77
N LEU A 287 -16.02 24.90 7.69
CA LEU A 287 -16.01 25.75 6.50
C LEU A 287 -17.43 25.95 6.00
N ALA A 288 -18.18 24.85 5.89
CA ALA A 288 -19.55 24.91 5.41
C ALA A 288 -20.38 25.87 6.26
N ALA A 289 -20.27 25.74 7.58
CA ALA A 289 -21.00 26.59 8.50
C ALA A 289 -20.59 28.05 8.31
N TYR A 290 -19.29 28.29 8.23
CA TYR A 290 -18.78 29.63 8.01
C TYR A 290 -19.33 30.24 6.73
N ILE A 291 -19.41 29.44 5.67
CA ILE A 291 -19.97 29.89 4.41
C ILE A 291 -21.47 30.15 4.55
N THR A 292 -22.16 29.25 5.24
CA THR A 292 -23.60 29.39 5.44
C THR A 292 -23.93 30.58 6.34
N GLU A 293 -22.99 30.94 7.21
CA GLU A 293 -23.20 32.05 8.15
C GLU A 293 -22.92 33.41 7.51
N PHE A 294 -21.82 33.50 6.78
CA PHE A 294 -21.35 34.78 6.28
C PHE A 294 -21.70 35.03 4.80
N GLY A 295 -22.26 34.03 4.12
CA GLY A 295 -22.57 34.19 2.70
C GLY A 295 -23.91 33.64 2.24
N SER A 296 -24.54 32.80 3.06
CA SER A 296 -25.76 32.13 2.65
C SER A 296 -26.98 33.03 2.76
N PRO A 297 -28.14 32.52 2.31
CA PRO A 297 -29.40 33.23 2.48
C PRO A 297 -29.95 33.05 3.88
N GLU A 298 -29.65 31.89 4.46
CA GLU A 298 -30.16 31.51 5.77
C GLU A 298 -29.38 32.16 6.91
N GLY A 299 -28.14 32.57 6.65
CA GLY A 299 -27.31 33.14 7.69
C GLY A 299 -27.44 34.64 7.82
N MET A 300 -26.38 35.29 8.29
CA MET A 300 -26.34 36.74 8.36
C MET A 300 -26.55 37.36 6.99
N GLY A 301 -27.17 38.54 6.97
CA GLY A 301 -27.54 39.17 5.71
C GLY A 301 -27.02 40.58 5.51
N ASP A 302 -25.87 40.89 6.09
CA ASP A 302 -25.21 42.16 5.80
C ASP A 302 -24.38 41.97 4.54
N LEU A 303 -24.96 42.32 3.39
CA LEU A 303 -24.36 41.99 2.11
C LEU A 303 -23.19 42.89 1.76
N GLN A 304 -23.21 44.12 2.27
CA GLN A 304 -22.07 45.01 2.15
C GLN A 304 -20.82 44.29 2.69
N GLN A 305 -21.07 43.29 3.54
CA GLN A 305 -20.04 42.44 4.12
C GLN A 305 -20.01 41.06 3.45
N ALA A 306 -21.18 40.49 3.18
CA ALA A 306 -21.26 39.18 2.53
C ALA A 306 -20.67 39.22 1.13
N ARG A 307 -20.61 40.41 0.55
CA ARG A 307 -20.04 40.59 -0.79
C ARG A 307 -18.59 41.05 -0.68
N ARG A 308 -18.27 41.81 0.36
CA ARG A 308 -16.89 42.19 0.61
C ARG A 308 -16.08 40.92 0.82
N LEU A 309 -16.66 39.96 1.53
CA LEU A 309 -16.03 38.67 1.76
C LEU A 309 -15.86 37.91 0.45
N ASN A 310 -16.85 38.05 -0.43
CA ASN A 310 -16.79 37.40 -1.74
C ASN A 310 -15.51 37.78 -2.48
N ASP A 311 -15.09 39.04 -2.35
CA ASP A 311 -13.88 39.50 -2.99
C ASP A 311 -12.65 38.97 -2.26
N PHE A 312 -12.81 38.74 -0.95
CA PHE A 312 -11.74 38.19 -0.14
C PHE A 312 -11.56 36.69 -0.42
N ILE A 313 -12.64 36.02 -0.78
CA ILE A 313 -12.61 34.59 -1.05
C ILE A 313 -12.18 34.30 -2.48
N CYS A 314 -12.87 34.89 -3.44
CA CYS A 314 -12.66 34.61 -4.85
C CYS A 314 -11.61 35.54 -5.46
N LYS A 315 -11.96 36.82 -5.57
CA LYS A 315 -11.08 37.80 -6.19
C LYS A 315 -9.79 37.97 -5.40
N GLY A 316 -8.87 38.77 -5.94
CA GLY A 316 -7.57 38.96 -5.33
C GLY A 316 -6.83 37.64 -5.25
N GLY A 317 -6.85 36.90 -6.34
CA GLY A 317 -6.28 35.56 -6.38
C GLY A 317 -4.82 35.54 -6.82
N ASP A 318 -3.93 35.49 -5.84
CA ASP A 318 -2.51 35.34 -6.11
C ASP A 318 -2.24 33.89 -6.53
N GLU A 319 -1.25 33.70 -7.40
CA GLU A 319 -0.94 32.37 -7.93
C GLU A 319 -0.57 31.40 -6.82
N ASP A 320 0.17 31.89 -5.83
CA ASP A 320 0.59 31.07 -4.70
C ASP A 320 -0.18 31.45 -3.44
N SER A 321 -1.50 31.56 -3.55
CA SER A 321 -2.34 31.94 -2.43
C SER A 321 -2.85 30.70 -1.67
N TRP A 322 -2.86 29.56 -2.34
CA TRP A 322 -3.29 28.31 -1.72
C TRP A 322 -2.21 27.24 -1.83
N ALA A 323 -1.74 26.75 -0.69
CA ALA A 323 -0.75 25.68 -0.67
C ALA A 323 -1.36 24.41 -1.26
N LEU A 324 -2.66 24.26 -1.06
CA LEU A 324 -3.44 23.21 -1.72
C LEU A 324 -4.41 23.86 -2.69
N PRO A 325 -3.96 24.17 -3.92
CA PRO A 325 -4.81 24.88 -4.86
C PRO A 325 -6.17 24.23 -5.03
N VAL A 326 -6.20 22.91 -5.00
CA VAL A 326 -7.44 22.17 -5.19
C VAL A 326 -8.41 22.43 -4.04
N LEU A 327 -7.88 22.72 -2.86
CA LEU A 327 -8.70 23.07 -1.71
C LEU A 327 -9.37 24.43 -1.93
N GLY A 328 -8.58 25.41 -2.37
CA GLY A 328 -9.09 26.73 -2.66
C GLY A 328 -10.21 26.66 -3.68
N ALA A 329 -10.04 25.81 -4.68
CA ALA A 329 -11.07 25.61 -5.70
C ALA A 329 -12.37 25.14 -5.05
N ALA A 330 -12.26 24.19 -4.13
CA ALA A 330 -13.43 23.67 -3.44
C ALA A 330 -14.08 24.76 -2.60
N VAL A 331 -13.26 25.61 -1.98
CA VAL A 331 -13.77 26.70 -1.17
C VAL A 331 -14.54 27.71 -2.01
N ARG A 332 -13.95 28.11 -3.14
CA ARG A 332 -14.59 29.06 -4.04
C ARG A 332 -15.91 28.52 -4.55
N ALA A 333 -15.90 27.27 -4.99
CA ALA A 333 -17.11 26.64 -5.51
C ALA A 333 -18.21 26.62 -4.45
N TRP A 334 -17.87 26.14 -3.26
CA TRP A 334 -18.83 26.03 -2.16
C TRP A 334 -19.42 27.40 -1.84
N TRP A 335 -18.56 28.42 -1.78
CA TRP A 335 -18.99 29.78 -1.47
C TRP A 335 -19.95 30.30 -2.54
N ILE A 336 -19.54 30.21 -3.79
CA ILE A 336 -20.34 30.69 -4.91
C ILE A 336 -21.71 30.01 -4.95
N ALA A 337 -21.74 28.73 -4.62
CA ALA A 337 -22.98 27.96 -4.64
C ALA A 337 -23.97 28.52 -3.62
N GLU A 338 -23.47 28.90 -2.45
CA GLU A 338 -24.31 29.38 -1.37
C GLU A 338 -24.59 30.88 -1.48
N HIS A 339 -23.61 31.62 -2.00
CA HIS A 339 -23.70 33.07 -2.06
C HIS A 339 -24.62 33.56 -3.18
N ASN A 340 -24.76 32.76 -4.22
CA ASN A 340 -25.57 33.14 -5.38
C ASN A 340 -27.06 32.96 -5.09
N GLY A 341 -27.39 32.50 -3.90
CA GLY A 341 -28.78 32.29 -3.51
C GLY A 341 -29.49 33.56 -3.13
N PHE A 342 -28.73 34.62 -2.86
CA PHE A 342 -29.31 35.92 -2.52
C PHE A 342 -30.11 36.51 -3.69
N TYR A 343 -29.76 36.10 -4.90
CA TYR A 343 -30.28 36.77 -6.09
C TYR A 343 -31.36 35.95 -6.81
N LEU A 344 -32.04 35.08 -6.07
CA LEU A 344 -33.11 34.28 -6.65
C LEU A 344 -34.44 35.03 -6.67
N ASP A 345 -34.72 35.76 -5.60
CA ASP A 345 -36.03 36.39 -5.45
C ASP A 345 -35.91 37.81 -4.87
N ASP A 346 -37.01 38.55 -4.93
CA ASP A 346 -37.05 39.94 -4.46
C ASP A 346 -37.97 40.11 -3.25
N THR A 347 -38.90 39.18 -3.06
CA THR A 347 -39.85 39.28 -1.95
C THR A 347 -39.14 39.22 -0.60
N VAL A 348 -37.95 38.62 -0.58
CA VAL A 348 -37.20 38.44 0.65
C VAL A 348 -35.94 39.28 0.69
N GLN A 349 -35.48 39.75 -0.47
CA GLN A 349 -34.23 40.49 -0.57
C GLN A 349 -34.32 41.67 -1.53
N ASP A 350 -33.45 42.65 -1.35
CA ASP A 350 -33.38 43.82 -2.22
C ASP A 350 -32.18 43.71 -3.15
N LEU A 351 -32.45 43.54 -4.44
CA LEU A 351 -31.40 43.25 -5.43
C LEU A 351 -31.09 44.43 -6.34
N ARG A 352 -31.57 45.63 -5.97
CA ARG A 352 -31.34 46.81 -6.79
C ARG A 352 -29.87 47.22 -6.79
N GLY A 353 -29.37 47.63 -7.95
CA GLY A 353 -28.00 48.08 -8.08
C GLY A 353 -27.05 46.95 -8.43
N ILE A 354 -27.55 45.73 -8.42
CA ILE A 354 -26.72 44.56 -8.71
C ILE A 354 -26.73 44.26 -10.21
N ASN A 355 -25.56 43.95 -10.74
CA ASN A 355 -25.43 43.61 -12.15
C ASN A 355 -25.66 42.11 -12.37
N LEU A 356 -26.91 41.69 -12.25
CA LEU A 356 -27.26 40.27 -12.35
C LEU A 356 -26.71 39.67 -13.64
N ASP A 357 -26.78 40.43 -14.73
CA ASP A 357 -26.28 39.95 -16.02
C ASP A 357 -24.79 39.64 -15.97
N GLU A 358 -23.98 40.68 -15.73
CA GLU A 358 -22.54 40.54 -15.76
C GLU A 358 -22.00 39.65 -14.63
N GLU A 359 -22.70 39.65 -13.50
CA GLU A 359 -22.25 38.88 -12.35
C GLU A 359 -22.53 37.39 -12.50
N ASP A 360 -23.79 37.04 -12.79
CA ASP A 360 -24.12 35.64 -13.04
C ASP A 360 -23.26 35.08 -14.16
N GLU A 361 -22.73 35.98 -14.99
CA GLU A 361 -21.77 35.58 -16.02
C GLU A 361 -20.41 35.28 -15.40
N GLN A 362 -19.86 36.25 -14.67
CA GLN A 362 -18.55 36.10 -14.07
C GLN A 362 -18.55 35.04 -12.96
N ARG A 363 -19.70 34.85 -12.32
CA ARG A 363 -19.83 33.88 -11.26
C ARG A 363 -19.82 32.48 -11.84
N THR A 364 -20.63 32.29 -12.88
CA THR A 364 -20.67 31.01 -13.59
C THR A 364 -19.29 30.63 -14.10
N LYS A 365 -18.54 31.63 -14.55
CA LYS A 365 -17.22 31.40 -15.12
C LYS A 365 -16.25 30.93 -14.04
N GLN A 366 -16.14 31.70 -12.97
CA GLN A 366 -15.17 31.40 -11.91
C GLN A 366 -15.56 30.13 -11.14
N PHE A 367 -16.83 29.74 -11.23
CA PHE A 367 -17.27 28.49 -10.63
C PHE A 367 -16.89 27.32 -11.53
N LEU A 368 -17.18 27.46 -12.82
CA LEU A 368 -16.78 26.44 -13.80
C LEU A 368 -15.27 26.28 -13.83
N ASP A 369 -14.55 27.37 -13.57
CA ASP A 369 -13.09 27.32 -13.49
C ASP A 369 -12.68 26.51 -12.26
N ALA A 370 -13.40 26.70 -11.17
CA ALA A 370 -13.13 25.94 -9.95
C ALA A 370 -13.22 24.44 -10.21
N LEU A 371 -14.21 24.02 -10.99
CA LEU A 371 -14.40 22.62 -11.31
C LEU A 371 -13.19 22.08 -12.07
N LYS A 372 -12.68 22.88 -13.00
CA LYS A 372 -11.51 22.50 -13.76
C LYS A 372 -10.27 22.44 -12.86
N GLU A 373 -10.28 23.24 -11.81
CA GLU A 373 -9.19 23.26 -10.85
C GLU A 373 -9.31 22.13 -9.83
N GLY A 374 -10.40 21.38 -9.90
CA GLY A 374 -10.55 20.16 -9.11
C GLY A 374 -11.54 20.26 -7.96
N ALA A 375 -12.37 21.30 -7.97
CA ALA A 375 -13.30 21.55 -6.88
C ALA A 375 -14.16 20.32 -6.54
N PHE A 376 -14.74 19.69 -7.56
CA PHE A 376 -15.62 18.54 -7.34
C PHE A 376 -14.85 17.24 -7.12
N ASP A 377 -13.57 17.21 -7.49
CA ASP A 377 -12.75 16.05 -7.21
C ASP A 377 -12.40 16.06 -5.73
N PHE A 378 -12.20 17.25 -5.18
CA PHE A 378 -11.91 17.40 -3.77
C PHE A 378 -13.15 17.06 -2.93
N ILE A 379 -14.29 17.64 -3.29
CA ILE A 379 -15.51 17.42 -2.52
C ILE A 379 -15.93 15.96 -2.56
N LEU A 380 -15.84 15.33 -3.72
CA LEU A 380 -16.19 13.93 -3.84
C LEU A 380 -15.25 13.06 -3.02
N SER A 381 -13.96 13.36 -3.08
CA SER A 381 -12.97 12.59 -2.33
C SER A 381 -13.17 12.73 -0.83
N VAL A 382 -13.57 13.92 -0.39
CA VAL A 382 -13.81 14.16 1.03
C VAL A 382 -15.00 13.33 1.50
N ALA A 383 -16.03 13.25 0.67
CA ALA A 383 -17.22 12.48 1.00
C ALA A 383 -16.89 10.99 1.02
N ALA A 384 -16.18 10.53 -0.02
CA ALA A 384 -15.84 9.13 -0.15
C ALA A 384 -14.99 8.64 1.02
N ASP A 385 -13.98 9.44 1.39
CA ASP A 385 -13.07 9.07 2.47
C ASP A 385 -13.76 9.13 3.83
N CYS A 386 -14.64 10.10 4.01
CA CYS A 386 -15.35 10.27 5.27
C CYS A 386 -16.31 9.11 5.52
N LYS A 387 -16.96 8.64 4.46
CA LYS A 387 -17.94 7.57 4.57
C LYS A 387 -17.33 6.20 4.26
N ALA A 388 -16.03 6.16 4.03
CA ALA A 388 -15.35 4.91 3.72
C ALA A 388 -15.51 3.92 4.87
N GLN A 389 -15.97 2.71 4.54
CA GLN A 389 -16.14 1.67 5.53
C GLN A 389 -14.91 0.79 5.60
N GLU A 390 -14.83 -0.07 6.61
CA GLU A 390 -13.63 -0.86 6.85
C GLU A 390 -13.65 -2.20 6.11
N TRP A 391 -14.83 -2.79 5.95
CA TRP A 391 -14.97 -3.96 5.10
C TRP A 391 -16.00 -3.72 4.00
N GLN A 392 -15.86 -4.46 2.91
N GLN A 392 -15.86 -4.40 2.88
CA GLN A 392 -16.67 -4.29 1.72
CA GLN A 392 -16.72 -4.13 1.72
C GLN A 392 -17.99 -5.05 1.83
C GLN A 392 -17.91 -5.07 1.65
N ASP A 393 -19.02 -4.54 1.14
CA ASP A 393 -20.22 -5.32 0.91
C ASP A 393 -20.08 -5.86 -0.52
N PRO A 394 -19.80 -7.16 -0.65
CA PRO A 394 -19.44 -7.74 -1.95
C PRO A 394 -20.45 -7.43 -3.06
N SER A 395 -21.66 -7.06 -2.70
CA SER A 395 -22.71 -6.81 -3.68
C SER A 395 -22.56 -5.46 -4.36
N GLN A 396 -21.67 -4.60 -3.84
CA GLN A 396 -21.46 -3.29 -4.43
C GLN A 396 -19.99 -2.97 -4.67
N LEU A 397 -19.19 -4.00 -4.98
CA LEU A 397 -17.80 -3.77 -5.33
C LEU A 397 -17.69 -3.02 -6.66
N GLY A 398 -17.01 -1.89 -6.64
CA GLY A 398 -16.83 -1.08 -7.83
C GLY A 398 -17.70 0.16 -7.85
N ALA A 399 -18.81 0.12 -7.12
CA ALA A 399 -19.76 1.22 -7.11
C ALA A 399 -19.09 2.54 -6.67
N ARG A 400 -19.35 3.60 -7.43
CA ARG A 400 -18.85 4.92 -7.11
C ARG A 400 -17.33 4.92 -7.01
N GLN A 401 -16.70 4.00 -7.74
CA GLN A 401 -15.26 3.82 -7.66
C GLN A 401 -14.60 3.94 -9.03
N TRP A 402 -15.35 4.45 -10.00
CA TRP A 402 -14.90 4.45 -11.40
C TRP A 402 -14.53 5.84 -11.93
N LEU A 403 -14.84 6.88 -11.16
CA LEU A 403 -14.46 8.25 -11.55
C LEU A 403 -13.00 8.51 -11.20
N GLN A 404 -12.34 9.30 -12.03
CA GLN A 404 -10.94 9.63 -11.81
C GLN A 404 -10.78 10.39 -10.51
N ARG A 405 -9.63 10.20 -9.85
CA ARG A 405 -9.32 10.90 -8.62
C ARG A 405 -7.88 11.38 -8.62
N LYS A 406 -7.70 12.70 -8.64
CA LYS A 406 -6.37 13.30 -8.61
C LYS A 406 -5.97 13.67 -7.19
N ILE A 407 -6.92 13.62 -6.26
CA ILE A 407 -6.66 13.93 -4.86
C ILE A 407 -5.91 12.76 -4.22
N PRO A 408 -4.82 13.04 -3.52
CA PRO A 408 -4.08 11.94 -2.91
C PRO A 408 -4.91 11.21 -1.86
N SER A 409 -4.63 9.93 -1.66
CA SER A 409 -5.33 9.14 -0.66
C SER A 409 -5.08 9.70 0.73
N LEU A 410 -6.01 9.48 1.64
CA LEU A 410 -5.78 9.81 3.03
C LEU A 410 -4.62 8.96 3.53
N PRO A 411 -3.72 9.56 4.31
CA PRO A 411 -2.70 8.72 4.96
C PRO A 411 -3.33 7.46 5.53
N SER A 412 -2.76 6.30 5.22
CA SER A 412 -3.27 5.03 5.70
C SER A 412 -3.15 4.94 7.23
N GLU A 413 -4.20 5.34 7.92
CA GLU A 413 -4.21 5.35 9.38
C GLU A 413 -5.48 4.70 9.91
N PRO A 414 -5.43 4.17 11.14
CA PRO A 414 -6.61 3.64 11.80
C PRO A 414 -7.43 4.76 12.45
N PHE A 415 -7.77 5.77 11.65
CA PHE A 415 -8.50 6.94 12.15
C PHE A 415 -9.87 7.03 11.50
N PRO A 416 -10.76 6.09 11.82
CA PRO A 416 -12.13 6.18 11.30
C PRO A 416 -12.83 7.41 11.83
N PHE A 417 -13.59 8.09 10.99
CA PHE A 417 -14.30 9.29 11.39
C PHE A 417 -15.50 8.95 12.28
N SER A 418 -15.67 9.69 13.37
CA SER A 418 -16.79 9.50 14.26
C SER A 418 -18.10 9.72 13.53
N HIS A 419 -19.15 9.05 13.98
CA HIS A 419 -20.45 9.19 13.33
C HIS A 419 -20.92 10.64 13.34
N PHE A 420 -20.64 11.36 14.42
CA PHE A 420 -21.11 12.74 14.54
C PHE A 420 -20.43 13.64 13.51
N LEU A 421 -19.20 13.29 13.14
CA LEU A 421 -18.48 14.04 12.12
C LEU A 421 -19.02 13.67 10.74
N GLN A 422 -19.15 12.36 10.49
CA GLN A 422 -19.66 11.88 9.22
C GLN A 422 -21.04 12.47 8.93
N HIS A 423 -21.95 12.34 9.88
CA HIS A 423 -23.31 12.84 9.71
C HIS A 423 -23.31 14.33 9.43
N SER A 424 -22.58 15.09 10.24
CA SER A 424 -22.50 16.53 10.07
C SER A 424 -22.07 16.87 8.64
N LEU A 425 -21.01 16.22 8.17
CA LEU A 425 -20.49 16.46 6.84
C LEU A 425 -21.54 16.18 5.78
N MET A 426 -22.24 15.07 5.92
CA MET A 426 -23.26 14.69 4.95
C MET A 426 -24.38 15.73 4.90
N VAL A 427 -24.74 16.27 6.06
CA VAL A 427 -25.80 17.27 6.13
C VAL A 427 -25.41 18.53 5.36
N HIS A 428 -24.15 18.93 5.45
CA HIS A 428 -23.68 20.12 4.75
C HIS A 428 -23.56 19.87 3.25
N LEU A 429 -23.15 18.66 2.87
CA LEU A 429 -23.11 18.28 1.46
C LEU A 429 -24.50 18.33 0.88
N GLU A 430 -25.50 17.94 1.67
CA GLU A 430 -26.88 18.03 1.24
C GLU A 430 -27.23 19.48 0.92
N GLY A 431 -26.84 20.39 1.79
CA GLY A 431 -27.08 21.80 1.59
C GLY A 431 -26.41 22.29 0.33
N PHE A 432 -25.14 21.92 0.16
CA PHE A 432 -24.37 22.33 -1.00
C PHE A 432 -25.00 21.80 -2.29
N VAL A 433 -25.37 20.53 -2.27
CA VAL A 433 -26.04 19.92 -3.41
C VAL A 433 -27.31 20.69 -3.76
N ASP A 434 -28.09 21.01 -2.74
CA ASP A 434 -29.33 21.75 -2.91
C ASP A 434 -29.07 23.14 -3.48
N ALA A 435 -28.04 23.79 -2.96
CA ALA A 435 -27.72 25.16 -3.35
C ALA A 435 -27.39 25.27 -4.83
N THR A 436 -26.45 24.45 -5.29
CA THR A 436 -26.01 24.51 -6.68
C THR A 436 -27.15 24.15 -7.63
N ILE A 437 -27.93 23.13 -7.28
CA ILE A 437 -29.05 22.70 -8.11
C ILE A 437 -30.07 23.81 -8.29
N SER A 438 -30.28 24.59 -7.22
CA SER A 438 -31.32 25.62 -7.24
C SER A 438 -30.77 27.02 -7.55
N ASN A 439 -29.47 27.21 -7.35
CA ASN A 439 -28.86 28.52 -7.54
C ASN A 439 -28.01 28.58 -8.80
N LEU A 440 -27.52 27.44 -9.26
CA LEU A 440 -26.65 27.38 -10.43
C LEU A 440 -27.09 26.33 -11.45
N PRO A 441 -28.40 26.28 -11.74
CA PRO A 441 -28.86 25.30 -12.74
C PRO A 441 -28.16 25.52 -14.08
N ASP A 442 -27.91 26.80 -14.38
CA ASP A 442 -27.20 27.20 -15.59
C ASP A 442 -25.87 26.46 -15.72
N VAL A 443 -25.14 26.38 -14.60
CA VAL A 443 -23.83 25.75 -14.59
C VAL A 443 -23.91 24.26 -14.90
N LEU A 444 -24.98 23.62 -14.45
CA LEU A 444 -25.15 22.18 -14.66
C LEU A 444 -25.48 21.86 -16.10
N ARG A 445 -26.34 22.68 -16.71
CA ARG A 445 -26.69 22.49 -18.11
C ARG A 445 -25.45 22.64 -18.98
N LYS A 446 -24.60 23.60 -18.63
CA LYS A 446 -23.39 23.86 -19.39
C LYS A 446 -22.39 22.73 -19.25
N LEU A 447 -22.24 22.21 -18.04
CA LEU A 447 -21.36 21.06 -17.81
C LEU A 447 -21.74 19.91 -18.72
N ARG A 448 -23.04 19.63 -18.78
CA ARG A 448 -23.55 18.53 -19.59
C ARG A 448 -23.25 18.73 -21.06
N THR A 449 -23.49 19.96 -21.54
CA THR A 449 -23.23 20.30 -22.94
C THR A 449 -21.73 20.24 -23.21
N GLU A 450 -20.94 20.66 -22.22
CA GLU A 450 -19.49 20.69 -22.35
C GLU A 450 -18.94 19.28 -22.49
N GLU A 451 -19.49 18.36 -21.70
CA GLU A 451 -19.02 16.97 -21.68
C GLU A 451 -19.47 16.20 -22.92
N ASP A 452 -20.74 16.36 -23.30
CA ASP A 452 -21.23 15.76 -24.53
C ASP A 452 -20.37 16.21 -25.71
N GLU A 453 -20.11 17.51 -25.78
CA GLU A 453 -19.31 18.09 -26.84
C GLU A 453 -17.90 17.47 -26.85
N GLN A 454 -17.47 17.02 -25.68
CA GLN A 454 -16.12 16.49 -25.53
C GLN A 454 -15.98 15.08 -26.09
N ARG A 455 -16.89 14.19 -25.70
CA ARG A 455 -16.81 12.80 -26.15
C ARG A 455 -17.38 12.61 -27.55
N GLN A 456 -17.84 13.70 -28.16
CA GLN A 456 -18.29 13.68 -29.55
C GLN A 456 -17.17 14.07 -30.49
N LEU A 457 -16.35 15.03 -30.05
CA LEU A 457 -15.28 15.58 -30.89
C LEU A 457 -13.90 15.08 -30.49
N ARG A 458 -13.79 14.51 -29.30
CA ARG A 458 -12.50 14.03 -28.80
C ARG A 458 -12.69 12.71 -28.06
N PRO A 459 -13.12 11.66 -28.79
CA PRO A 459 -13.43 10.36 -28.19
C PRO A 459 -12.23 9.73 -27.47
N ASN A 460 -11.02 10.03 -27.96
CA ASN A 460 -9.82 9.42 -27.41
C ASN A 460 -9.13 10.27 -26.33
N HIS A 461 -9.77 11.38 -25.97
CA HIS A 461 -9.17 12.29 -24.99
C HIS A 461 -9.86 12.18 -23.64
N GLU A 462 -9.20 12.69 -22.61
CA GLU A 462 -9.77 12.70 -21.25
C GLU A 462 -11.08 13.46 -21.22
N GLN A 463 -12.16 12.77 -20.87
CA GLN A 463 -13.47 13.40 -20.73
C GLN A 463 -13.62 13.94 -19.32
N ASP A 464 -14.15 15.16 -19.20
CA ASP A 464 -14.45 15.74 -17.90
C ASP A 464 -15.60 14.98 -17.27
N MET A 465 -15.53 14.73 -15.97
CA MET A 465 -16.52 13.91 -15.28
C MET A 465 -17.12 14.64 -14.08
N ASP A 466 -17.06 15.96 -14.08
CA ASP A 466 -17.54 16.74 -12.94
C ASP A 466 -19.05 16.66 -12.76
N LEU A 467 -19.80 16.52 -13.86
CA LEU A 467 -21.23 16.33 -13.77
C LEU A 467 -21.53 15.01 -13.10
N GLU A 468 -20.80 13.97 -13.51
CA GLU A 468 -20.93 12.65 -12.90
C GLU A 468 -20.58 12.73 -11.42
N ARG A 469 -19.45 13.37 -11.11
CA ARG A 469 -19.02 13.54 -9.74
C ARG A 469 -20.13 14.17 -8.90
N PHE A 470 -20.85 15.12 -9.48
CA PHE A 470 -21.90 15.80 -8.77
C PHE A 470 -22.99 14.82 -8.35
N LEU A 471 -23.34 13.89 -9.23
CA LEU A 471 -24.35 12.89 -8.93
C LEU A 471 -23.86 11.96 -7.82
N ILE A 472 -22.57 11.64 -7.86
CA ILE A 472 -21.97 10.76 -6.86
C ILE A 472 -21.92 11.46 -5.51
N ILE A 473 -21.63 12.77 -5.54
CA ILE A 473 -21.65 13.56 -4.32
C ILE A 473 -23.04 13.52 -3.71
N ILE A 474 -24.05 13.68 -4.56
CA ILE A 474 -25.43 13.59 -4.13
C ILE A 474 -25.69 12.23 -3.50
N SER A 475 -25.15 11.18 -4.10
CA SER A 475 -25.41 9.82 -3.62
C SER A 475 -24.93 9.65 -2.18
N TYR A 476 -23.81 10.29 -1.85
CA TYR A 476 -23.25 10.20 -0.50
C TYR A 476 -24.05 11.05 0.47
N ALA A 477 -24.38 12.26 0.03
CA ALA A 477 -25.10 13.22 0.87
C ALA A 477 -26.41 12.64 1.41
N TYR A 478 -27.15 11.96 0.54
CA TYR A 478 -28.47 11.44 0.91
C TYR A 478 -28.43 9.95 1.27
N GLU A 479 -27.26 9.33 1.10
CA GLU A 479 -27.09 7.92 1.42
C GLU A 479 -27.61 7.61 2.82
N GLY A 480 -28.48 6.62 2.92
CA GLY A 480 -28.97 6.16 4.21
C GLY A 480 -29.75 7.20 4.98
N ARG A 481 -30.40 8.11 4.26
CA ARG A 481 -31.21 9.15 4.90
C ARG A 481 -32.49 9.41 4.10
N PRO A 482 -33.44 8.46 4.16
CA PRO A 482 -34.68 8.51 3.39
C PRO A 482 -35.49 9.79 3.62
N ASP A 483 -35.53 10.29 4.84
CA ASP A 483 -36.25 11.53 5.12
C ASP A 483 -35.74 12.64 4.22
N ALA A 484 -34.42 12.75 4.12
CA ALA A 484 -33.79 13.76 3.27
C ALA A 484 -34.01 13.43 1.80
N ALA A 485 -33.92 12.15 1.47
CA ALA A 485 -34.04 11.71 0.08
C ALA A 485 -35.44 11.96 -0.47
N MET A 486 -36.43 12.09 0.42
CA MET A 486 -37.79 12.33 -0.01
C MET A 486 -37.94 13.69 -0.69
N SER A 487 -36.97 14.58 -0.47
CA SER A 487 -37.01 15.90 -1.08
C SER A 487 -36.92 15.81 -2.61
N PHE A 488 -36.59 14.63 -3.12
CA PHE A 488 -36.60 14.39 -4.56
C PHE A 488 -37.93 13.79 -5.01
N TRP A 489 -38.56 13.01 -4.13
CA TRP A 489 -39.75 12.24 -4.49
C TRP A 489 -41.05 12.90 -4.04
N GLU A 490 -40.95 14.05 -3.40
CA GLU A 490 -42.11 14.68 -2.77
C GLU A 490 -42.92 15.51 -3.76
N ASP A 491 -42.36 16.64 -4.18
CA ASP A 491 -43.05 17.60 -5.02
C ASP A 491 -42.40 17.67 -6.40
N PRO A 492 -43.03 17.06 -7.41
CA PRO A 492 -42.48 17.04 -8.78
C PRO A 492 -42.10 18.43 -9.29
N ASP A 493 -42.73 19.46 -8.75
CA ASP A 493 -42.47 20.84 -9.19
C ASP A 493 -41.26 21.45 -8.48
N SER A 494 -40.75 20.77 -7.45
CA SER A 494 -39.61 21.28 -6.69
C SER A 494 -38.34 21.25 -7.53
N ASN A 495 -37.33 21.99 -7.08
CA ASN A 495 -36.06 22.07 -7.80
C ASN A 495 -35.39 20.70 -7.90
N LEU A 496 -35.23 20.04 -6.77
CA LEU A 496 -34.55 18.76 -6.72
C LEU A 496 -35.25 17.71 -7.57
N ALA A 497 -36.57 17.64 -7.47
CA ALA A 497 -37.35 16.71 -8.28
C ALA A 497 -37.14 17.02 -9.76
N GLY A 498 -37.03 18.30 -10.08
CA GLY A 498 -36.80 18.73 -11.44
C GLY A 498 -35.44 18.30 -11.94
N PHE A 499 -34.43 18.43 -11.08
CA PHE A 499 -33.07 18.02 -11.42
C PHE A 499 -33.04 16.53 -11.72
N LEU A 500 -33.86 15.76 -11.01
CA LEU A 500 -33.95 14.32 -11.23
C LEU A 500 -34.46 14.05 -12.64
N GLN A 501 -35.54 14.73 -13.01
N GLN A 501 -35.54 14.73 -13.01
CA GLN A 501 -36.16 14.55 -14.32
CA GLN A 501 -36.16 14.55 -14.32
C GLN A 501 -35.23 15.05 -15.42
C GLN A 501 -35.25 15.07 -15.43
N TRP A 502 -34.48 16.12 -15.14
CA TRP A 502 -33.57 16.69 -16.12
C TRP A 502 -32.41 15.74 -16.40
N ALA A 503 -31.96 15.03 -15.37
CA ALA A 503 -30.84 14.11 -15.52
C ALA A 503 -31.24 12.86 -16.31
N SER A 504 -32.50 12.48 -16.21
CA SER A 504 -32.98 11.27 -16.86
C SER A 504 -33.14 11.44 -18.38
N ARG A 505 -33.00 12.67 -18.86
CA ARG A 505 -33.03 12.92 -20.29
C ARG A 505 -31.90 12.15 -20.98
N ARG A 506 -31.92 12.10 -22.31
CA ARG A 506 -30.91 11.36 -23.06
C ARG A 506 -29.52 11.77 -22.60
N ALA A 507 -28.72 10.78 -22.21
CA ALA A 507 -27.42 11.03 -21.60
C ALA A 507 -26.35 10.08 -22.14
N SER A 508 -25.10 10.42 -21.85
CA SER A 508 -23.98 9.55 -22.20
C SER A 508 -23.91 8.40 -21.19
N THR A 509 -23.30 7.29 -21.61
CA THR A 509 -23.25 6.09 -20.78
C THR A 509 -22.75 6.38 -19.36
N PRO A 510 -21.66 7.16 -19.24
CA PRO A 510 -21.16 7.51 -17.91
C PRO A 510 -22.18 8.25 -17.06
N LEU A 511 -22.89 9.21 -17.67
CA LEU A 511 -23.88 10.00 -16.94
C LEU A 511 -25.09 9.16 -16.55
N VAL A 512 -25.39 8.14 -17.35
CA VAL A 512 -26.50 7.24 -17.03
C VAL A 512 -26.10 6.33 -15.86
N SER A 513 -24.86 5.88 -15.87
CA SER A 513 -24.34 5.06 -14.78
C SER A 513 -24.34 5.87 -13.49
N ALA A 514 -23.86 7.11 -13.58
CA ALA A 514 -23.80 7.99 -12.43
C ALA A 514 -25.19 8.27 -11.89
N PHE A 515 -26.18 8.30 -12.78
CA PHE A 515 -27.55 8.55 -12.37
C PHE A 515 -28.13 7.36 -11.62
N CYS A 516 -27.89 6.16 -12.15
CA CYS A 516 -28.38 4.94 -11.50
C CYS A 516 -27.71 4.72 -10.16
N GLU A 517 -26.43 5.12 -10.06
CA GLU A 517 -25.71 5.08 -8.79
C GLU A 517 -26.42 5.99 -7.79
N MET A 518 -26.84 7.15 -8.27
CA MET A 518 -27.51 8.14 -7.43
C MET A 518 -28.85 7.61 -6.94
N LEU A 519 -29.67 7.12 -7.88
CA LEU A 519 -31.00 6.62 -7.55
C LEU A 519 -30.93 5.54 -6.48
N ARG A 520 -29.94 4.67 -6.60
CA ARG A 520 -29.79 3.56 -5.68
C ARG A 520 -29.63 4.05 -4.24
N CYS A 521 -29.01 5.20 -4.08
CA CYS A 521 -28.78 5.79 -2.76
C CYS A 521 -29.95 6.68 -2.33
N LEU A 522 -30.92 6.84 -3.21
CA LEU A 522 -32.11 7.61 -2.90
C LEU A 522 -33.31 6.69 -2.72
N ALA A 523 -33.05 5.45 -2.35
CA ALA A 523 -34.11 4.46 -2.18
C ALA A 523 -33.80 3.52 -1.02
N ASP A 524 -33.71 4.09 0.19
CA ASP A 524 -33.36 3.32 1.37
C ASP A 524 -34.54 3.02 2.29
N ASN A 525 -35.74 3.02 1.71
CA ASN A 525 -36.93 2.57 2.42
C ASN A 525 -38.07 2.31 1.43
N GLU A 526 -39.22 1.91 1.94
CA GLU A 526 -40.34 1.53 1.08
C GLU A 526 -40.84 2.69 0.24
N GLU A 527 -41.00 3.86 0.87
CA GLU A 527 -41.56 5.02 0.19
C GLU A 527 -40.63 5.49 -0.92
N CYS A 528 -39.37 5.72 -0.59
CA CYS A 528 -38.39 6.19 -1.57
C CYS A 528 -38.21 5.18 -2.70
N ALA A 529 -38.11 3.90 -2.35
CA ALA A 529 -37.92 2.85 -3.34
C ALA A 529 -39.11 2.80 -4.30
N THR A 530 -40.31 2.92 -3.76
CA THR A 530 -41.52 2.89 -4.58
C THR A 530 -41.56 4.09 -5.53
N ALA A 531 -41.12 5.25 -5.03
CA ALA A 531 -41.08 6.45 -5.84
C ALA A 531 -40.13 6.27 -7.03
N ALA A 532 -38.94 5.76 -6.74
CA ALA A 532 -37.94 5.51 -7.78
C ALA A 532 -38.46 4.50 -8.78
N HIS A 533 -39.19 3.50 -8.30
CA HIS A 533 -39.77 2.49 -9.17
C HIS A 533 -40.77 3.12 -10.13
N ASN A 534 -41.68 3.93 -9.58
CA ASN A 534 -42.69 4.60 -10.40
C ASN A 534 -42.09 5.63 -11.34
N PHE A 535 -40.96 6.21 -10.93
CA PHE A 535 -40.28 7.20 -11.76
C PHE A 535 -39.72 6.56 -13.02
N LEU A 536 -39.19 5.36 -12.88
CA LEU A 536 -38.58 4.64 -14.00
C LEU A 536 -39.64 4.07 -14.94
N LEU A 537 -40.88 4.04 -14.49
CA LEU A 537 -41.98 3.58 -15.32
C LEU A 537 -42.47 4.67 -16.25
N ASP A 538 -43.07 4.27 -17.37
CA ASP A 538 -43.84 5.20 -18.19
C ASP A 538 -45.23 5.30 -17.57
N GLU A 539 -45.34 6.15 -16.56
CA GLU A 539 -46.52 6.21 -15.70
C GLU A 539 -47.67 6.92 -16.38
N GLY A 540 -48.78 6.22 -16.55
CA GLY A 540 -49.92 6.74 -17.28
C GLY A 540 -49.41 7.41 -18.55
N HIS A 541 -48.41 6.79 -19.15
CA HIS A 541 -47.66 7.43 -20.23
C HIS A 541 -47.24 6.46 -21.34
N GLN A 542 -48.19 5.65 -21.79
CA GLN A 542 -48.00 4.90 -23.03
C GLN A 542 -47.92 5.91 -24.17
N ALA A 543 -48.56 7.07 -23.95
CA ALA A 543 -48.58 8.12 -24.96
C ALA A 543 -48.81 9.49 -24.34
N SER A 544 -48.62 10.54 -25.14
CA SER A 544 -48.90 11.91 -24.72
C SER A 544 -48.09 12.31 -23.48
N GLY A 545 -46.76 12.29 -23.61
CA GLY A 545 -45.88 12.51 -22.47
C GLY A 545 -45.48 13.95 -22.22
N LYS A 546 -45.78 14.42 -21.01
CA LYS A 546 -45.34 15.74 -20.57
C LYS A 546 -43.94 15.62 -19.98
N MET A 547 -43.87 15.04 -18.78
CA MET A 547 -42.59 14.74 -18.15
C MET A 547 -41.90 13.62 -18.90
N LYS A 548 -42.66 12.57 -19.19
CA LYS A 548 -42.09 11.27 -19.51
C LYS A 548 -41.74 11.03 -20.97
N ARG A 549 -42.18 11.91 -21.86
CA ARG A 549 -41.84 11.71 -23.27
C ARG A 549 -40.37 11.99 -23.51
N SER A 550 -39.87 13.08 -22.93
CA SER A 550 -38.47 13.45 -23.09
C SER A 550 -37.56 12.55 -22.26
N GLN A 551 -38.14 11.86 -21.28
CA GLN A 551 -37.37 11.00 -20.40
C GLN A 551 -36.75 9.84 -21.17
N SER A 552 -35.46 9.62 -20.95
CA SER A 552 -34.74 8.56 -21.63
C SER A 552 -34.60 7.33 -20.74
N LEU A 553 -34.06 7.52 -19.54
CA LEU A 553 -33.84 6.41 -18.63
C LEU A 553 -35.15 5.92 -18.03
N THR A 554 -35.54 4.71 -18.42
CA THR A 554 -36.77 4.10 -17.96
C THR A 554 -36.54 2.60 -17.83
N TRP A 555 -37.45 1.89 -17.18
CA TRP A 555 -37.36 0.44 -17.12
C TRP A 555 -37.30 -0.12 -18.53
N SER A 556 -38.07 0.48 -19.43
CA SER A 556 -38.12 0.05 -20.81
C SER A 556 -36.72 0.04 -21.43
N GLN A 557 -35.98 1.14 -21.26
CA GLN A 557 -34.64 1.22 -21.80
C GLN A 557 -33.72 0.21 -21.13
N ILE A 558 -33.88 0.06 -19.82
CA ILE A 558 -33.03 -0.84 -19.05
C ILE A 558 -33.14 -2.28 -19.56
N PHE A 559 -34.37 -2.74 -19.74
CA PHE A 559 -34.60 -4.12 -20.15
C PHE A 559 -34.39 -4.33 -21.65
N LYS A 560 -34.38 -3.24 -22.41
CA LYS A 560 -34.03 -3.32 -23.82
C LYS A 560 -32.52 -3.37 -23.98
N GLU A 561 -31.81 -2.67 -23.09
CA GLU A 561 -30.35 -2.67 -23.09
C GLU A 561 -29.84 -4.03 -22.61
N LEU A 562 -30.50 -4.60 -21.63
CA LEU A 562 -30.15 -5.92 -21.12
C LEU A 562 -30.46 -6.99 -22.16
N GLU A 563 -31.64 -6.88 -22.74
CA GLU A 563 -32.09 -7.83 -23.75
C GLU A 563 -31.15 -7.84 -24.95
N TYR A 564 -30.62 -6.68 -25.33
CA TYR A 564 -29.68 -6.60 -26.44
C TYR A 564 -28.35 -7.25 -26.12
N PHE A 565 -27.78 -6.92 -24.96
CA PHE A 565 -26.47 -7.44 -24.59
C PHE A 565 -26.48 -8.96 -24.44
N THR A 566 -27.65 -9.54 -24.24
CA THR A 566 -27.76 -10.99 -24.12
C THR A 566 -27.55 -11.67 -25.47
N THR A 567 -28.08 -11.06 -26.53
CA THR A 567 -27.93 -11.61 -27.88
C THR A 567 -26.51 -11.42 -28.40
N LYS A 568 -25.84 -10.37 -27.92
CA LYS A 568 -24.47 -10.09 -28.32
C LYS A 568 -23.49 -11.08 -27.71
N VAL A 569 -23.71 -11.42 -26.44
CA VAL A 569 -22.78 -12.29 -25.72
C VAL A 569 -23.03 -13.77 -25.98
N CYS A 570 -24.28 -14.12 -26.26
CA CYS A 570 -24.64 -15.50 -26.58
C CYS A 570 -24.54 -15.77 -28.07
N SER A 571 -24.34 -14.72 -28.85
CA SER A 571 -24.18 -14.83 -30.30
C SER A 571 -25.28 -15.71 -30.91
N GLU A 593 -15.65 -8.89 -26.65
CA GLU A 593 -15.64 -8.50 -25.24
C GLU A 593 -16.51 -7.27 -25.01
N ILE A 594 -17.04 -7.15 -23.79
CA ILE A 594 -17.84 -5.99 -23.42
C ILE A 594 -16.93 -4.83 -23.03
N GLU A 595 -17.32 -3.62 -23.44
CA GLU A 595 -16.54 -2.43 -23.13
C GLU A 595 -16.71 -2.06 -21.67
N PRO A 596 -15.66 -1.53 -21.04
CA PRO A 596 -15.73 -1.13 -19.62
C PRO A 596 -16.99 -0.31 -19.31
N GLU A 597 -17.25 0.74 -20.09
CA GLU A 597 -18.40 1.59 -19.85
C GLU A 597 -19.71 0.81 -19.91
N SER A 598 -19.83 -0.05 -20.91
CA SER A 598 -21.02 -0.90 -21.03
C SER A 598 -21.18 -1.78 -19.80
N ALA A 599 -20.11 -2.48 -19.44
CA ALA A 599 -20.12 -3.35 -18.28
C ALA A 599 -20.55 -2.58 -17.04
N LEU A 600 -19.98 -1.40 -16.84
CA LEU A 600 -20.31 -0.58 -15.69
C LEU A 600 -21.80 -0.26 -15.67
N MET A 601 -22.31 0.18 -16.81
CA MET A 601 -23.72 0.54 -16.92
C MET A 601 -24.63 -0.62 -16.55
N LEU A 602 -24.37 -1.79 -17.14
CA LEU A 602 -25.18 -2.96 -16.86
C LEU A 602 -25.12 -3.29 -15.37
N GLU A 603 -23.95 -3.10 -14.77
CA GLU A 603 -23.76 -3.37 -13.35
C GLU A 603 -24.53 -2.37 -12.48
N CYS A 604 -24.59 -1.11 -12.93
CA CYS A 604 -25.36 -0.10 -12.22
C CYS A 604 -26.85 -0.36 -12.37
N TYR A 605 -27.28 -0.78 -13.56
CA TYR A 605 -28.67 -1.16 -13.80
C TYR A 605 -29.08 -2.26 -12.82
N LEU A 606 -28.30 -3.32 -12.77
CA LEU A 606 -28.62 -4.48 -11.95
C LEU A 606 -28.63 -4.15 -10.46
N ARG A 607 -27.61 -3.41 -10.00
CA ARG A 607 -27.56 -3.00 -8.60
C ARG A 607 -28.79 -2.16 -8.25
N LEU A 608 -29.27 -1.37 -9.21
CA LEU A 608 -30.45 -0.54 -8.99
C LEU A 608 -31.69 -1.42 -8.87
N ILE A 609 -31.83 -2.36 -9.81
CA ILE A 609 -32.93 -3.30 -9.78
C ILE A 609 -32.98 -4.02 -8.43
N ALA A 610 -31.81 -4.46 -7.98
CA ALA A 610 -31.71 -5.19 -6.72
C ALA A 610 -32.16 -4.33 -5.54
N LYS A 611 -31.70 -3.07 -5.52
CA LYS A 611 -31.99 -2.18 -4.40
C LYS A 611 -33.49 -2.00 -4.23
N LEU A 612 -34.16 -1.63 -5.32
CA LEU A 612 -35.59 -1.35 -5.28
C LEU A 612 -36.39 -2.60 -4.92
N ALA A 613 -35.97 -3.74 -5.46
CA ALA A 613 -36.68 -4.99 -5.23
C ALA A 613 -36.70 -5.36 -3.74
N THR A 614 -35.60 -5.12 -3.03
CA THR A 614 -35.50 -5.49 -1.62
C THR A 614 -36.15 -4.45 -0.71
N GLU A 615 -36.25 -3.21 -1.20
CA GLU A 615 -36.80 -2.12 -0.39
C GLU A 615 -38.27 -1.86 -0.70
N SER A 616 -38.75 -2.36 -1.82
CA SER A 616 -40.12 -2.12 -2.24
C SER A 616 -40.81 -3.39 -2.73
N GLU A 617 -41.90 -3.76 -2.06
CA GLU A 617 -42.69 -4.92 -2.46
C GLU A 617 -43.38 -4.65 -3.79
N ILE A 618 -43.88 -3.42 -3.95
CA ILE A 618 -44.52 -3.01 -5.19
C ILE A 618 -43.57 -3.23 -6.36
N ALA A 619 -42.33 -2.78 -6.19
CA ALA A 619 -41.33 -2.90 -7.23
C ALA A 619 -40.96 -4.37 -7.48
N ARG A 620 -40.84 -5.13 -6.40
CA ARG A 620 -40.41 -6.52 -6.50
C ARG A 620 -41.39 -7.33 -7.36
N LYS A 621 -42.67 -7.31 -6.99
CA LYS A 621 -43.67 -8.06 -7.72
C LYS A 621 -43.69 -7.67 -9.20
N ARG A 622 -43.77 -6.37 -9.47
CA ARG A 622 -43.82 -5.88 -10.85
C ARG A 622 -42.66 -6.42 -11.66
N LEU A 623 -41.45 -6.30 -11.11
CA LEU A 623 -40.24 -6.73 -11.81
C LEU A 623 -40.21 -8.23 -12.10
N ILE A 624 -40.76 -9.01 -11.18
CA ILE A 624 -40.70 -10.47 -11.31
C ILE A 624 -41.84 -11.04 -12.17
N MET A 625 -42.95 -10.31 -12.23
CA MET A 625 -44.10 -10.77 -13.02
C MET A 625 -44.45 -9.76 -14.11
N ASP A 626 -43.51 -9.53 -15.03
CA ASP A 626 -43.74 -8.64 -16.16
C ASP A 626 -43.21 -9.28 -17.44
N GLU A 627 -44.09 -9.47 -18.40
CA GLU A 627 -43.73 -10.16 -19.64
C GLU A 627 -42.92 -9.26 -20.57
N ASP A 628 -43.11 -7.95 -20.45
CA ASP A 628 -42.38 -6.99 -21.25
C ASP A 628 -40.92 -6.89 -20.80
N PHE A 629 -40.71 -6.80 -19.49
CA PHE A 629 -39.37 -6.72 -18.93
C PHE A 629 -38.66 -8.07 -19.06
N ASN A 630 -39.38 -9.13 -18.72
CA ASN A 630 -38.84 -10.49 -18.77
C ASN A 630 -37.51 -10.56 -18.01
N LEU A 631 -37.47 -9.87 -16.87
CA LEU A 631 -36.24 -9.69 -16.10
C LEU A 631 -35.52 -10.99 -15.78
N VAL A 632 -36.18 -11.90 -15.08
CA VAL A 632 -35.52 -13.11 -14.61
C VAL A 632 -34.99 -13.93 -15.78
N ASP A 633 -35.85 -14.22 -16.75
CA ASP A 633 -35.49 -15.07 -17.87
C ASP A 633 -34.29 -14.51 -18.63
N THR A 634 -34.22 -13.19 -18.77
CA THR A 634 -33.18 -12.58 -19.59
C THR A 634 -31.83 -12.52 -18.87
N ILE A 635 -31.82 -12.13 -17.59
CA ILE A 635 -30.57 -12.02 -16.87
C ILE A 635 -29.96 -13.40 -16.64
N LEU A 636 -30.79 -14.44 -16.67
CA LEU A 636 -30.29 -15.80 -16.58
C LEU A 636 -29.56 -16.17 -17.87
N LYS A 637 -30.12 -15.75 -19.00
CA LYS A 637 -29.44 -15.92 -20.29
C LYS A 637 -28.07 -15.26 -20.22
N LEU A 638 -28.06 -14.01 -19.81
CA LEU A 638 -26.84 -13.22 -19.74
C LEU A 638 -25.74 -13.98 -18.99
N SER A 639 -26.12 -14.64 -17.90
CA SER A 639 -25.15 -15.35 -17.07
C SER A 639 -24.52 -16.54 -17.78
N VAL A 640 -25.24 -17.11 -18.75
CA VAL A 640 -24.75 -18.27 -19.48
C VAL A 640 -23.60 -17.89 -20.40
N GLY A 641 -23.70 -16.72 -21.02
CA GLY A 641 -22.67 -16.26 -21.93
C GLY A 641 -21.37 -15.95 -21.23
N VAL A 642 -20.37 -15.54 -21.99
CA VAL A 642 -19.07 -15.19 -21.41
C VAL A 642 -19.05 -13.73 -21.00
N ILE A 643 -19.33 -13.47 -19.73
CA ILE A 643 -19.35 -12.12 -19.20
C ILE A 643 -18.40 -12.04 -18.00
N PRO A 644 -17.97 -10.81 -17.66
CA PRO A 644 -17.11 -10.62 -16.49
C PRO A 644 -17.76 -11.12 -15.20
N HIS A 645 -16.96 -11.69 -14.31
CA HIS A 645 -17.46 -12.27 -13.08
C HIS A 645 -18.28 -11.28 -12.26
N ARG A 646 -17.82 -10.04 -12.20
CA ARG A 646 -18.51 -9.02 -11.41
C ARG A 646 -19.90 -8.74 -11.97
N LEU A 647 -20.07 -8.89 -13.27
CA LEU A 647 -21.37 -8.69 -13.90
C LEU A 647 -22.30 -9.85 -13.59
N ARG A 648 -21.77 -11.07 -13.58
CA ARG A 648 -22.57 -12.24 -13.24
C ARG A 648 -22.96 -12.19 -11.76
N ALA A 649 -22.09 -11.62 -10.95
CA ALA A 649 -22.36 -11.48 -9.52
C ALA A 649 -23.57 -10.58 -9.32
N CYS A 650 -23.63 -9.49 -10.10
CA CYS A 650 -24.75 -8.57 -10.03
C CYS A 650 -26.06 -9.27 -10.37
N ILE A 651 -26.00 -10.17 -11.35
CA ILE A 651 -27.18 -10.94 -11.76
C ILE A 651 -27.71 -11.76 -10.59
N PHE A 652 -26.82 -12.52 -9.96
CA PHE A 652 -27.18 -13.39 -8.85
C PHE A 652 -27.80 -12.60 -7.70
N TYR A 653 -27.25 -11.42 -7.44
CA TYR A 653 -27.76 -10.58 -6.35
C TYR A 653 -29.13 -10.01 -6.67
N VAL A 654 -29.42 -9.81 -7.95
CA VAL A 654 -30.76 -9.39 -8.36
C VAL A 654 -31.74 -10.54 -8.13
N LEU A 655 -31.35 -11.74 -8.55
CA LEU A 655 -32.18 -12.91 -8.36
C LEU A 655 -32.48 -13.11 -6.87
N LYS A 656 -31.49 -12.83 -6.02
CA LYS A 656 -31.70 -12.89 -4.58
C LYS A 656 -32.64 -11.79 -4.13
N ALA A 657 -32.48 -10.59 -4.70
CA ALA A 657 -33.31 -9.45 -4.34
C ALA A 657 -34.78 -9.74 -4.63
N LEU A 658 -35.03 -10.49 -5.70
CA LEU A 658 -36.40 -10.84 -6.07
C LEU A 658 -36.96 -11.94 -5.18
N MET A 659 -36.12 -12.46 -4.27
CA MET A 659 -36.51 -13.56 -3.40
C MET A 659 -36.36 -13.21 -1.92
N ILE A 660 -35.95 -11.98 -1.61
CA ILE A 660 -35.82 -11.57 -0.23
C ILE A 660 -37.17 -11.72 0.48
N ARG A 661 -38.23 -11.37 -0.23
CA ARG A 661 -39.59 -11.74 0.17
C ARG A 661 -40.15 -12.58 -0.97
N LYS A 662 -41.08 -13.46 -0.66
CA LYS A 662 -41.57 -14.39 -1.67
C LYS A 662 -42.79 -15.18 -1.24
N THR A 663 -43.43 -15.79 -2.22
CA THR A 663 -44.53 -16.72 -1.99
C THR A 663 -44.10 -18.08 -2.53
N HIS A 664 -44.94 -19.09 -2.37
CA HIS A 664 -44.61 -20.42 -2.83
C HIS A 664 -44.64 -20.51 -4.35
N GLU A 665 -45.61 -19.83 -4.97
CA GLU A 665 -45.72 -19.83 -6.42
C GLU A 665 -44.48 -19.20 -7.04
N GLU A 666 -44.09 -18.03 -6.54
CA GLU A 666 -42.91 -17.33 -7.02
C GLU A 666 -41.64 -18.13 -6.75
N LEU A 667 -41.56 -18.71 -5.55
CA LEU A 667 -40.40 -19.51 -5.17
C LEU A 667 -40.24 -20.71 -6.10
N ASP A 668 -41.32 -21.48 -6.26
CA ASP A 668 -41.31 -22.62 -7.16
C ASP A 668 -40.94 -22.16 -8.57
N ALA A 669 -41.50 -21.03 -8.97
CA ALA A 669 -41.22 -20.47 -10.29
C ALA A 669 -39.74 -20.14 -10.43
N MET A 670 -39.14 -19.62 -9.36
CA MET A 670 -37.73 -19.25 -9.39
C MET A 670 -36.85 -20.48 -9.48
N TRP A 671 -37.19 -21.52 -8.72
CA TRP A 671 -36.44 -22.77 -8.78
C TRP A 671 -36.57 -23.39 -10.16
N ARG A 672 -37.74 -23.26 -10.76
CA ARG A 672 -37.96 -23.77 -12.11
C ARG A 672 -37.09 -22.99 -13.10
N TRP A 673 -37.06 -21.67 -12.94
CA TRP A 673 -36.21 -20.82 -13.76
C TRP A 673 -34.75 -21.23 -13.66
N VAL A 674 -34.24 -21.26 -12.44
CA VAL A 674 -32.83 -21.57 -12.19
C VAL A 674 -32.47 -22.94 -12.77
N GLU A 675 -33.26 -23.95 -12.44
CA GLU A 675 -33.03 -25.29 -12.95
C GLU A 675 -32.96 -25.29 -14.47
N ALA A 676 -33.87 -24.54 -15.09
CA ALA A 676 -33.98 -24.52 -16.55
C ALA A 676 -32.65 -24.18 -17.21
N TRP A 677 -31.96 -23.17 -16.70
CA TRP A 677 -30.74 -22.69 -17.32
C TRP A 677 -29.50 -23.45 -16.83
N MET A 678 -29.55 -23.92 -15.58
CA MET A 678 -28.49 -24.78 -15.06
C MET A 678 -28.36 -26.02 -15.93
N THR A 679 -29.49 -26.50 -16.43
CA THR A 679 -29.55 -27.75 -17.19
C THR A 679 -29.59 -27.52 -18.70
N ASN A 680 -30.28 -26.47 -19.11
CA ASN A 680 -30.46 -26.17 -20.53
C ASN A 680 -30.08 -24.73 -20.85
N PRO A 681 -28.77 -24.45 -20.88
CA PRO A 681 -28.26 -23.10 -21.18
C PRO A 681 -28.10 -22.84 -22.67
N PHE A 682 -28.85 -23.56 -23.51
CA PHE A 682 -28.80 -23.35 -24.95
C PHE A 682 -27.38 -23.43 -25.47
N PRO A 702 -23.31 -31.44 -23.62
CA PRO A 702 -24.65 -31.57 -24.21
C PRO A 702 -25.67 -32.10 -23.20
N GLY A 703 -25.32 -33.18 -22.50
CA GLY A 703 -26.20 -33.75 -21.50
C GLY A 703 -26.57 -32.69 -20.48
N PRO A 704 -27.86 -32.59 -20.13
CA PRO A 704 -28.30 -31.49 -19.26
C PRO A 704 -27.64 -31.56 -17.89
N GLN A 705 -27.36 -32.75 -17.41
CA GLN A 705 -26.69 -32.89 -16.12
C GLN A 705 -25.21 -32.59 -16.27
N GLU A 706 -24.65 -32.87 -17.45
CA GLU A 706 -23.28 -32.49 -17.74
C GLU A 706 -23.21 -30.97 -17.87
N CYS A 707 -24.26 -30.38 -18.42
CA CYS A 707 -24.37 -28.93 -18.52
C CYS A 707 -24.43 -28.33 -17.12
N MET A 708 -25.06 -29.04 -16.20
CA MET A 708 -25.16 -28.59 -14.82
C MET A 708 -23.78 -28.59 -14.17
N GLU A 709 -23.03 -29.66 -14.40
CA GLU A 709 -21.66 -29.72 -13.92
C GLU A 709 -20.89 -28.51 -14.43
N MET A 710 -21.11 -28.20 -15.70
CA MET A 710 -20.42 -27.09 -16.36
C MET A 710 -20.70 -25.78 -15.64
N MET A 711 -21.97 -25.54 -15.31
CA MET A 711 -22.38 -24.28 -14.73
C MET A 711 -21.91 -24.12 -13.29
N PHE A 712 -21.94 -25.21 -12.52
CA PHE A 712 -21.46 -25.19 -11.15
C PHE A 712 -19.97 -24.88 -11.10
N ARG A 713 -19.21 -25.51 -11.99
CA ARG A 713 -17.77 -25.31 -12.03
C ARG A 713 -17.43 -23.85 -12.34
N GLU A 714 -18.26 -23.21 -13.15
CA GLU A 714 -18.05 -21.82 -13.52
C GLU A 714 -18.46 -20.88 -12.39
N PHE A 715 -19.65 -21.09 -11.85
CA PHE A 715 -20.20 -20.22 -10.82
C PHE A 715 -19.36 -20.23 -9.55
N GLY A 716 -18.60 -21.31 -9.33
CA GLY A 716 -17.75 -21.42 -8.17
C GLY A 716 -16.35 -20.89 -8.41
N THR A 717 -16.16 -20.20 -9.54
CA THR A 717 -14.85 -19.67 -9.91
C THR A 717 -14.71 -18.21 -9.49
N GLY A 718 -13.77 -17.95 -8.60
CA GLY A 718 -13.53 -16.61 -8.12
C GLY A 718 -14.44 -16.26 -6.96
N PHE A 719 -14.03 -15.27 -6.17
CA PHE A 719 -14.79 -14.85 -5.00
C PHE A 719 -16.15 -14.28 -5.38
N GLU A 720 -16.13 -13.16 -6.09
CA GLU A 720 -17.34 -12.36 -6.32
C GLU A 720 -18.57 -13.17 -6.73
N GLN A 721 -18.44 -13.98 -7.78
CA GLN A 721 -19.60 -14.67 -8.32
C GLN A 721 -19.99 -15.91 -7.51
N SER A 722 -19.00 -16.59 -6.94
CA SER A 722 -19.28 -17.75 -6.10
C SER A 722 -20.00 -17.31 -4.82
N ASN A 723 -19.58 -16.18 -4.27
CA ASN A 723 -20.20 -15.65 -3.07
C ASN A 723 -21.64 -15.29 -3.34
N ALA A 724 -21.86 -14.61 -4.45
CA ALA A 724 -23.19 -14.16 -4.83
C ALA A 724 -24.14 -15.33 -5.06
N PHE A 725 -23.66 -16.35 -5.76
CA PHE A 725 -24.48 -17.50 -6.08
C PHE A 725 -24.86 -18.26 -4.81
N ILE A 726 -23.91 -18.37 -3.88
CA ILE A 726 -24.18 -19.03 -2.60
C ILE A 726 -25.17 -18.22 -1.78
N GLN A 727 -25.06 -16.89 -1.85
CA GLN A 727 -26.01 -16.01 -1.21
C GLN A 727 -27.41 -16.22 -1.77
N LEU A 728 -27.48 -16.44 -3.08
CA LEU A 728 -28.77 -16.65 -3.75
C LEU A 728 -29.40 -17.95 -3.27
N LEU A 729 -28.65 -19.04 -3.35
CA LEU A 729 -29.14 -20.35 -2.96
C LEU A 729 -29.63 -20.35 -1.51
N THR A 730 -28.93 -19.61 -0.66
CA THR A 730 -29.32 -19.51 0.75
C THR A 730 -30.71 -18.90 0.85
N THR A 731 -30.95 -17.82 0.12
CA THR A 731 -32.24 -17.13 0.15
C THR A 731 -33.36 -18.01 -0.38
N LEU A 732 -33.05 -18.83 -1.38
CA LEU A 732 -34.04 -19.71 -1.99
C LEU A 732 -34.48 -20.82 -1.03
N LEU A 733 -33.71 -21.02 0.03
CA LEU A 733 -34.01 -22.06 1.00
C LEU A 733 -34.66 -21.51 2.26
N VAL A 734 -34.74 -20.19 2.37
CA VAL A 734 -35.47 -19.55 3.46
C VAL A 734 -36.95 -19.55 3.12
N PRO A 735 -37.77 -20.30 3.88
CA PRO A 735 -39.19 -20.44 3.54
C PRO A 735 -39.90 -19.09 3.37
N PRO A 736 -40.93 -19.03 2.52
CA PRO A 736 -41.76 -17.82 2.39
C PRO A 736 -42.31 -17.38 3.74
N GLU A 737 -42.54 -18.35 4.61
CA GLU A 737 -43.09 -18.10 5.94
C GLU A 737 -42.04 -17.44 6.82
N GLY A 738 -40.79 -17.45 6.36
CA GLY A 738 -39.69 -16.85 7.09
C GLY A 738 -38.80 -17.91 7.71
N LEU A 739 -37.54 -17.54 7.93
CA LEU A 739 -36.61 -18.43 8.63
C LEU A 739 -37.19 -18.76 9.99
N ASN A 740 -36.76 -19.88 10.57
CA ASN A 740 -37.24 -20.28 11.89
C ASN A 740 -38.72 -20.64 11.91
N SER A 741 -39.25 -21.06 10.78
CA SER A 741 -40.63 -21.50 10.71
C SER A 741 -40.69 -23.03 10.74
N LEU A 742 -41.86 -23.57 11.08
CA LEU A 742 -42.03 -25.01 11.16
C LEU A 742 -43.18 -25.47 10.26
N ASN A 743 -42.83 -26.06 9.12
CA ASN A 743 -43.83 -26.58 8.18
C ASN A 743 -43.44 -27.95 7.67
N ASP A 744 -44.46 -28.74 7.31
CA ASP A 744 -44.24 -30.10 6.84
C ASP A 744 -44.04 -30.14 5.33
N SER A 745 -43.21 -29.24 4.82
CA SER A 745 -42.98 -29.14 3.39
C SER A 745 -41.58 -28.60 3.09
N VAL A 746 -40.94 -29.15 2.07
CA VAL A 746 -39.61 -28.71 1.67
C VAL A 746 -39.72 -27.38 0.93
N PRO A 747 -38.76 -26.46 1.15
CA PRO A 747 -38.84 -25.13 0.54
C PRO A 747 -38.44 -25.09 -0.94
N PHE A 748 -39.06 -25.95 -1.75
CA PHE A 748 -38.85 -25.94 -3.20
C PHE A 748 -39.68 -27.04 -3.85
N PRO A 749 -39.91 -26.92 -5.16
CA PRO A 749 -40.73 -27.91 -5.88
C PRO A 749 -40.26 -29.34 -5.64
N GLU A 750 -41.14 -30.17 -5.12
CA GLU A 750 -40.81 -31.57 -4.83
C GLU A 750 -40.30 -32.27 -6.08
N TRP A 751 -40.90 -31.94 -7.22
CA TRP A 751 -40.55 -32.58 -8.49
C TRP A 751 -39.36 -31.91 -9.18
N LEU A 752 -38.57 -31.16 -8.41
CA LEU A 752 -37.41 -30.48 -8.95
C LEU A 752 -36.29 -31.46 -9.29
N GLY A 753 -35.87 -31.46 -10.55
CA GLY A 753 -34.82 -32.37 -11.01
C GLY A 753 -35.37 -33.72 -11.42
N SER A 754 -36.69 -33.88 -11.31
CA SER A 754 -37.34 -35.15 -11.63
C SER A 754 -37.02 -35.64 -13.04
N SER A 755 -36.61 -34.72 -13.90
CA SER A 755 -36.44 -35.03 -15.31
C SER A 755 -35.11 -35.70 -15.65
N ILE A 756 -34.05 -35.39 -14.88
CA ILE A 756 -32.70 -35.79 -15.29
C ILE A 756 -31.75 -36.22 -14.18
N ARG A 757 -32.19 -36.14 -12.91
CA ARG A 757 -31.25 -36.35 -11.81
C ARG A 757 -31.91 -36.91 -10.56
N THR A 758 -31.12 -37.00 -9.50
CA THR A 758 -31.62 -37.36 -8.18
C THR A 758 -32.51 -36.25 -7.64
N LEU A 759 -33.79 -36.56 -7.41
CA LEU A 759 -34.73 -35.60 -6.86
C LEU A 759 -34.13 -34.88 -5.65
N GLY A 760 -34.44 -33.60 -5.53
CA GLY A 760 -33.91 -32.79 -4.45
C GLY A 760 -32.81 -31.86 -4.91
N ILE A 761 -32.30 -31.04 -3.99
CA ILE A 761 -31.32 -30.03 -4.33
C ILE A 761 -29.92 -30.43 -3.89
N GLU A 762 -29.61 -31.72 -4.00
CA GLU A 762 -28.30 -32.23 -3.58
C GLU A 762 -27.16 -31.67 -4.44
N PRO A 763 -27.41 -31.49 -5.74
CA PRO A 763 -26.38 -30.88 -6.60
C PRO A 763 -26.01 -29.48 -6.14
N TYR A 764 -26.98 -28.77 -5.57
CA TYR A 764 -26.78 -27.40 -5.11
C TYR A 764 -26.04 -27.40 -3.77
N VAL A 765 -26.45 -28.30 -2.88
CA VAL A 765 -25.78 -28.44 -1.59
C VAL A 765 -24.34 -28.87 -1.80
N ASP A 766 -24.14 -29.85 -2.68
CA ASP A 766 -22.80 -30.35 -3.00
C ASP A 766 -21.91 -29.22 -3.50
N PHE A 767 -22.50 -28.28 -4.23
CA PHE A 767 -21.75 -27.15 -4.78
C PHE A 767 -21.22 -26.24 -3.69
N VAL A 768 -22.08 -25.89 -2.74
CA VAL A 768 -21.70 -25.00 -1.64
C VAL A 768 -20.55 -25.61 -0.84
N PHE A 769 -20.63 -26.91 -0.58
CA PHE A 769 -19.61 -27.59 0.20
C PHE A 769 -18.30 -27.74 -0.57
N ASP A 770 -18.39 -27.87 -1.88
CA ASP A 770 -17.18 -27.97 -2.70
C ASP A 770 -16.45 -26.64 -2.71
N VAL A 771 -17.21 -25.55 -2.65
CA VAL A 771 -16.62 -24.22 -2.52
C VAL A 771 -15.93 -24.11 -1.18
N PHE A 772 -16.69 -24.30 -0.11
CA PHE A 772 -16.18 -24.20 1.25
C PHE A 772 -14.99 -25.14 1.49
N ALA A 773 -15.04 -26.33 0.90
CA ALA A 773 -14.05 -27.37 1.17
C ALA A 773 -12.82 -27.26 0.28
N ASN A 774 -13.04 -27.04 -1.01
CA ASN A 774 -11.96 -27.12 -1.99
C ASN A 774 -11.62 -25.80 -2.68
N ARG A 775 -12.64 -25.07 -3.12
CA ARG A 775 -12.41 -23.91 -3.98
C ARG A 775 -11.92 -22.68 -3.23
N THR A 776 -12.16 -22.63 -1.92
CA THR A 776 -11.64 -21.55 -1.10
C THR A 776 -10.12 -21.49 -1.17
N LYS A 777 -9.51 -22.61 -1.55
CA LYS A 777 -8.05 -22.69 -1.65
C LYS A 777 -7.50 -21.66 -2.64
N ASP A 778 -8.35 -21.17 -3.54
CA ASP A 778 -7.92 -20.26 -4.59
C ASP A 778 -8.12 -18.79 -4.21
N ILE A 779 -8.65 -18.53 -3.02
CA ILE A 779 -8.86 -17.16 -2.56
C ILE A 779 -7.64 -16.66 -1.78
N SER A 780 -6.99 -15.62 -2.30
CA SER A 780 -5.81 -15.07 -1.67
C SER A 780 -6.15 -14.04 -0.60
N ASP A 781 -7.08 -13.15 -0.93
CA ASP A 781 -7.45 -12.06 -0.04
C ASP A 781 -8.17 -12.58 1.20
N PRO A 782 -7.58 -12.37 2.39
CA PRO A 782 -8.14 -12.89 3.64
C PRO A 782 -9.59 -12.45 3.88
N SER A 783 -9.87 -11.17 3.73
CA SER A 783 -11.20 -10.64 4.01
C SER A 783 -12.26 -11.25 3.09
N GLN A 784 -11.86 -11.59 1.87
CA GLN A 784 -12.78 -12.23 0.93
C GLN A 784 -12.96 -13.70 1.31
N LEU A 785 -11.87 -14.33 1.77
CA LEU A 785 -11.93 -15.71 2.21
C LEU A 785 -12.93 -15.84 3.36
N ARG A 786 -12.89 -14.87 4.27
CA ARG A 786 -13.78 -14.86 5.42
C ARG A 786 -15.23 -14.65 5.00
N ILE A 787 -15.45 -13.67 4.14
CA ILE A 787 -16.79 -13.38 3.65
C ILE A 787 -17.38 -14.59 2.92
N LEU A 788 -16.57 -15.22 2.07
CA LEU A 788 -17.02 -16.39 1.31
C LEU A 788 -17.33 -17.55 2.25
N ARG A 789 -16.47 -17.75 3.24
CA ARG A 789 -16.68 -18.80 4.23
C ARG A 789 -17.96 -18.54 5.01
N LEU A 790 -18.17 -17.29 5.41
CA LEU A 790 -19.39 -16.93 6.13
C LEU A 790 -20.61 -17.25 5.29
N SER A 791 -20.54 -16.92 4.00
CA SER A 791 -21.64 -17.19 3.09
C SER A 791 -21.96 -18.69 3.05
N CYS A 792 -20.91 -19.50 2.91
CA CYS A 792 -21.08 -20.95 2.89
C CYS A 792 -21.76 -21.41 4.17
N LEU A 793 -21.25 -20.93 5.31
CA LEU A 793 -21.73 -21.38 6.62
C LEU A 793 -23.16 -20.92 6.88
N ASP A 794 -23.55 -19.78 6.34
CA ASP A 794 -24.92 -19.31 6.46
C ASP A 794 -25.86 -20.22 5.68
N PHE A 795 -25.41 -20.67 4.51
CA PHE A 795 -26.17 -21.62 3.72
C PHE A 795 -26.41 -22.89 4.52
N VAL A 796 -25.33 -23.42 5.12
CA VAL A 796 -25.43 -24.61 5.95
C VAL A 796 -26.42 -24.38 7.09
N MET A 797 -26.24 -23.26 7.79
CA MET A 797 -27.07 -22.93 8.94
C MET A 797 -28.55 -22.91 8.57
N VAL A 798 -28.86 -22.38 7.39
CA VAL A 798 -30.24 -22.28 6.94
C VAL A 798 -30.80 -23.67 6.63
N CYS A 799 -29.97 -24.55 6.08
CA CYS A 799 -30.39 -25.92 5.80
C CYS A 799 -30.73 -26.66 7.10
N LEU A 800 -29.99 -26.36 8.15
CA LEU A 800 -30.18 -27.04 9.44
C LEU A 800 -31.37 -26.46 10.20
N VAL A 801 -31.44 -25.14 10.26
CA VAL A 801 -32.49 -24.47 11.04
C VAL A 801 -33.90 -24.73 10.51
N THR A 802 -34.02 -24.85 9.19
CA THR A 802 -35.35 -25.05 8.59
C THR A 802 -35.80 -26.50 8.65
N PHE A 803 -34.95 -27.37 9.16
CA PHE A 803 -35.32 -28.78 9.33
C PHE A 803 -36.15 -28.94 10.60
N ASN A 804 -37.37 -29.42 10.43
CA ASN A 804 -38.32 -29.55 11.53
C ASN A 804 -38.16 -30.89 12.22
N GLU A 805 -37.18 -30.99 13.13
CA GLU A 805 -36.89 -32.27 13.77
C GLU A 805 -38.02 -32.69 14.71
N ASP A 806 -38.58 -31.72 15.44
CA ASP A 806 -39.67 -32.01 16.35
C ASP A 806 -40.81 -32.72 15.64
N LEU A 807 -40.99 -32.39 14.36
CA LEU A 807 -42.03 -33.00 13.55
C LEU A 807 -41.68 -34.45 13.21
N ILE A 808 -40.40 -34.72 13.02
CA ILE A 808 -39.94 -36.04 12.61
C ILE A 808 -39.90 -37.03 13.77
N VAL A 809 -39.47 -36.55 14.94
CA VAL A 809 -39.39 -37.40 16.12
C VAL A 809 -40.78 -37.86 16.55
N LEU A 810 -41.74 -36.95 16.52
CA LEU A 810 -43.11 -37.29 16.84
C LEU A 810 -43.66 -38.35 15.89
N GLY A 811 -43.17 -38.32 14.65
CA GLY A 811 -43.61 -39.26 13.64
C GLY A 811 -43.17 -40.68 13.93
N HIS A 812 -41.88 -40.86 14.21
CA HIS A 812 -41.30 -42.18 14.40
C HIS A 812 -42.15 -43.08 15.29
N GLU A 813 -42.28 -42.70 16.56
CA GLU A 813 -43.00 -43.53 17.53
C GLU A 813 -44.47 -43.75 17.16
N SER A 814 -45.13 -42.69 16.71
CA SER A 814 -46.58 -42.71 16.55
C SER A 814 -47.03 -42.90 15.11
N ASN A 815 -46.89 -41.85 14.30
CA ASN A 815 -47.45 -41.83 12.96
C ASN A 815 -46.93 -42.94 12.07
N ILE A 816 -45.62 -43.17 12.13
CA ILE A 816 -44.96 -44.11 11.21
C ILE A 816 -45.38 -45.57 11.41
N SER A 817 -45.41 -46.02 12.66
CA SER A 817 -45.48 -47.46 12.94
C SER A 817 -46.78 -47.95 13.60
N ILE A 818 -47.44 -47.12 14.40
CA ILE A 818 -48.53 -47.63 15.23
C ILE A 818 -49.92 -47.05 14.91
N ASP A 819 -50.06 -46.32 13.81
CA ASP A 819 -51.34 -45.70 13.48
C ASP A 819 -51.59 -45.66 11.98
N ASP A 820 -52.83 -45.35 11.60
CA ASP A 820 -53.16 -45.08 10.22
C ASP A 820 -52.16 -44.06 9.69
N ALA A 821 -51.43 -44.41 8.64
CA ALA A 821 -50.29 -43.63 8.21
C ALA A 821 -50.41 -43.13 6.78
N MET A 822 -51.39 -42.29 6.53
CA MET A 822 -51.49 -41.60 5.25
C MET A 822 -50.23 -40.78 5.04
N ALA A 823 -49.79 -40.10 6.09
CA ALA A 823 -48.75 -39.09 5.97
C ALA A 823 -47.37 -39.57 6.40
N ALA A 824 -47.25 -40.84 6.79
CA ALA A 824 -45.93 -41.39 7.08
C ALA A 824 -45.06 -41.22 5.85
N THR A 825 -45.64 -41.47 4.68
CA THR A 825 -44.99 -41.20 3.41
C THR A 825 -44.68 -39.71 3.30
N ASN A 826 -45.68 -38.88 3.56
CA ASN A 826 -45.54 -37.43 3.42
C ASN A 826 -44.31 -36.90 4.15
N LEU A 827 -44.14 -37.31 5.40
CA LEU A 827 -42.96 -36.93 6.16
C LEU A 827 -41.73 -37.71 5.70
N ALA A 828 -41.92 -38.97 5.37
CA ALA A 828 -40.82 -39.81 4.91
C ALA A 828 -40.17 -39.21 3.67
N THR A 829 -40.99 -38.63 2.80
CA THR A 829 -40.48 -37.94 1.62
C THR A 829 -39.79 -36.64 2.00
N TYR A 830 -40.34 -35.96 3.01
CA TYR A 830 -39.75 -34.74 3.53
C TYR A 830 -38.32 -35.01 4.00
N VAL A 831 -38.14 -36.11 4.71
CA VAL A 831 -36.84 -36.49 5.24
C VAL A 831 -35.84 -36.78 4.12
N ARG A 832 -36.36 -37.11 2.94
CA ARG A 832 -35.52 -37.42 1.80
C ARG A 832 -35.08 -36.18 1.04
N LEU A 833 -36.01 -35.24 0.87
CA LEU A 833 -35.79 -34.09 0.00
C LEU A 833 -35.10 -32.92 0.72
N HIS A 834 -35.42 -32.73 1.99
CA HIS A 834 -34.81 -31.64 2.75
C HIS A 834 -33.30 -31.79 2.73
N PRO A 835 -32.57 -30.67 2.53
CA PRO A 835 -31.11 -30.73 2.43
C PRO A 835 -30.44 -31.18 3.73
N PHE A 836 -31.24 -31.34 4.79
CA PHE A 836 -30.71 -31.71 6.10
C PHE A 836 -29.84 -32.96 6.02
N SER A 837 -30.38 -34.00 5.37
CA SER A 837 -29.65 -35.25 5.23
C SER A 837 -28.28 -35.05 4.58
N ARG A 838 -28.28 -34.38 3.43
CA ARG A 838 -27.05 -34.20 2.65
C ARG A 838 -26.07 -33.27 3.35
N VAL A 839 -26.59 -32.25 4.01
CA VAL A 839 -25.74 -31.31 4.75
C VAL A 839 -25.07 -32.02 5.92
N MET A 840 -25.84 -32.84 6.64
CA MET A 840 -25.28 -33.62 7.73
C MET A 840 -24.22 -34.57 7.18
N GLU A 841 -24.51 -35.19 6.04
CA GLU A 841 -23.58 -36.13 5.42
C GLU A 841 -22.26 -35.43 5.12
N TRP A 842 -22.34 -34.16 4.72
CA TRP A 842 -21.15 -33.38 4.42
C TRP A 842 -20.40 -32.96 5.68
N LEU A 843 -21.13 -32.69 6.74
CA LEU A 843 -20.52 -32.28 8.01
C LEU A 843 -19.74 -33.44 8.64
N PHE A 844 -19.91 -34.64 8.11
CA PHE A 844 -19.15 -35.80 8.55
C PHE A 844 -17.99 -36.09 7.61
N ASN A 845 -17.68 -35.13 6.74
CA ASN A 845 -16.60 -35.29 5.79
C ASN A 845 -15.29 -34.73 6.32
N GLU A 846 -14.19 -35.45 6.05
CA GLU A 846 -12.88 -35.08 6.56
C GLU A 846 -12.54 -33.64 6.21
N LYS A 847 -12.53 -33.34 4.91
CA LYS A 847 -12.14 -32.02 4.42
C LYS A 847 -13.03 -30.91 4.98
N VAL A 848 -14.34 -31.12 4.96
CA VAL A 848 -15.28 -30.12 5.44
C VAL A 848 -14.98 -29.74 6.90
N ILE A 849 -14.72 -30.76 7.72
CA ILE A 849 -14.38 -30.53 9.12
C ILE A 849 -13.08 -29.75 9.23
N THR A 850 -12.09 -30.15 8.44
CA THR A 850 -10.82 -29.43 8.41
C THR A 850 -11.05 -27.96 8.13
N SER A 851 -11.96 -27.67 7.21
CA SER A 851 -12.24 -26.30 6.80
C SER A 851 -12.94 -25.53 7.91
N LEU A 852 -13.82 -26.19 8.64
CA LEU A 852 -14.43 -25.58 9.81
C LEU A 852 -13.34 -25.17 10.78
N ILE A 853 -12.41 -26.08 11.05
CA ILE A 853 -11.29 -25.80 11.94
C ILE A 853 -10.45 -24.65 11.42
N ASN A 854 -10.12 -24.68 10.12
CA ASN A 854 -9.34 -23.63 9.50
C ASN A 854 -10.03 -22.28 9.63
N THR A 855 -11.35 -22.29 9.52
CA THR A 855 -12.13 -21.07 9.62
C THR A 855 -12.07 -20.52 11.05
N ILE A 856 -12.15 -21.43 12.01
CA ILE A 856 -12.16 -21.04 13.41
C ILE A 856 -10.77 -20.66 13.90
N HIS A 857 -9.75 -21.35 13.39
CA HIS A 857 -8.38 -21.11 13.82
C HIS A 857 -7.82 -19.85 13.17
N GLN A 858 -7.66 -18.80 13.98
CA GLN A 858 -7.19 -17.51 13.49
C GLN A 858 -6.26 -16.86 14.52
N ASP A 859 -5.52 -15.85 14.10
CA ASP A 859 -4.61 -15.16 15.00
C ASP A 859 -5.40 -14.41 16.07
N PRO A 860 -5.25 -14.82 17.34
CA PRO A 860 -6.05 -14.26 18.44
C PRO A 860 -5.80 -12.77 18.67
N ILE A 861 -4.61 -12.29 18.31
CA ILE A 861 -4.29 -10.88 18.52
C ILE A 861 -5.09 -10.00 17.57
N SER A 862 -5.11 -10.36 16.29
CA SER A 862 -5.88 -9.61 15.30
C SER A 862 -7.37 -9.90 15.45
N LEU A 863 -7.70 -11.00 16.11
CA LEU A 863 -9.09 -11.36 16.35
C LEU A 863 -9.69 -10.46 17.43
N GLY A 864 -8.90 -10.16 18.45
CA GLY A 864 -9.34 -9.29 19.54
C GLY A 864 -9.43 -7.84 19.10
N SER A 865 -8.60 -7.47 18.14
CA SER A 865 -8.60 -6.11 17.61
C SER A 865 -9.75 -5.91 16.64
N ALA A 866 -10.24 -7.01 16.07
CA ALA A 866 -11.30 -6.95 15.08
C ALA A 866 -12.60 -6.46 15.70
N SER A 867 -13.54 -6.07 14.84
CA SER A 867 -14.86 -5.67 15.28
C SER A 867 -15.74 -6.90 15.43
N PRO A 868 -16.72 -6.86 16.35
CA PRO A 868 -17.60 -8.00 16.53
C PRO A 868 -18.46 -8.27 15.30
N ASP A 869 -18.56 -7.27 14.41
CA ASP A 869 -19.37 -7.41 13.20
C ASP A 869 -18.52 -7.72 11.98
N SER A 870 -17.20 -7.64 12.12
CA SER A 870 -16.28 -7.91 11.02
C SER A 870 -16.42 -9.36 10.56
N PRO A 871 -16.22 -9.60 9.26
CA PRO A 871 -16.29 -10.97 8.72
C PRO A 871 -15.40 -11.95 9.48
N LEU A 872 -14.27 -11.48 9.99
CA LEU A 872 -13.34 -12.34 10.71
C LEU A 872 -14.03 -12.97 11.94
N VAL A 873 -14.54 -12.11 12.82
CA VAL A 873 -15.23 -12.58 14.01
C VAL A 873 -16.47 -13.38 13.66
N VAL A 874 -17.31 -12.81 12.80
CA VAL A 874 -18.59 -13.43 12.47
C VAL A 874 -18.41 -14.79 11.79
N SER A 875 -17.38 -14.93 10.95
CA SER A 875 -17.14 -16.20 10.27
C SER A 875 -16.73 -17.28 11.26
N ILE A 876 -15.98 -16.89 12.29
CA ILE A 876 -15.60 -17.82 13.34
C ILE A 876 -16.84 -18.23 14.11
N LEU A 877 -17.59 -17.24 14.58
CA LEU A 877 -18.83 -17.47 15.30
C LEU A 877 -19.74 -18.45 14.56
N ARG A 878 -19.94 -18.20 13.27
CA ARG A 878 -20.88 -18.99 12.48
C ARG A 878 -20.40 -20.43 12.34
N ALA A 879 -19.09 -20.61 12.19
CA ALA A 879 -18.51 -21.95 12.12
C ALA A 879 -18.79 -22.71 13.41
N ILE A 880 -18.55 -22.05 14.54
CA ILE A 880 -18.81 -22.64 15.84
C ILE A 880 -20.30 -22.94 16.01
N GLN A 881 -21.14 -22.04 15.54
CA GLN A 881 -22.59 -22.21 15.65
C GLN A 881 -23.07 -23.39 14.80
N VAL A 882 -22.40 -23.63 13.68
CA VAL A 882 -22.72 -24.78 12.83
C VAL A 882 -22.38 -26.08 13.56
N MET A 883 -21.25 -26.09 14.26
CA MET A 883 -20.85 -27.27 15.02
C MET A 883 -21.85 -27.55 16.14
N ILE A 884 -22.27 -26.49 16.83
CA ILE A 884 -23.25 -26.63 17.90
C ILE A 884 -24.54 -27.23 17.35
N LYS A 885 -25.05 -26.63 16.27
CA LYS A 885 -26.30 -27.07 15.67
C LYS A 885 -26.19 -28.51 15.20
N ALA A 886 -25.04 -28.85 14.61
CA ALA A 886 -24.80 -30.21 14.13
C ALA A 886 -24.89 -31.20 15.28
N LEU A 887 -24.30 -30.84 16.42
CA LEU A 887 -24.30 -31.71 17.59
C LEU A 887 -25.71 -31.88 18.15
N GLU A 888 -26.51 -30.83 18.03
CA GLU A 888 -27.87 -30.86 18.56
C GLU A 888 -28.83 -31.69 17.70
N LEU A 889 -28.42 -31.98 16.47
CA LEU A 889 -29.30 -32.65 15.52
C LEU A 889 -28.76 -33.97 15.00
N GLN A 890 -27.55 -34.34 15.43
CA GLN A 890 -26.91 -35.54 14.88
C GLN A 890 -27.61 -36.83 15.30
N GLU A 891 -28.31 -36.80 16.44
CA GLU A 891 -29.02 -37.99 16.90
C GLU A 891 -30.22 -38.26 16.00
N THR A 892 -31.05 -37.24 15.80
CA THR A 892 -32.21 -37.36 14.93
C THR A 892 -31.76 -37.75 13.53
N TYR A 893 -30.53 -37.41 13.19
CA TYR A 893 -29.99 -37.72 11.87
C TYR A 893 -29.46 -39.15 11.79
N LEU A 894 -28.81 -39.61 12.85
CA LEU A 894 -28.13 -40.90 12.82
C LEU A 894 -29.06 -42.08 13.05
N HIS A 895 -30.05 -41.92 13.92
CA HIS A 895 -30.93 -43.02 14.28
C HIS A 895 -32.29 -42.96 13.58
N LEU A 896 -32.54 -41.87 12.86
CA LEU A 896 -33.84 -41.67 12.20
C LEU A 896 -33.71 -41.36 10.70
N VAL A 897 -33.00 -40.29 10.38
CA VAL A 897 -32.91 -39.83 9.00
C VAL A 897 -31.99 -40.69 8.15
N ARG A 898 -30.74 -40.82 8.56
CA ARG A 898 -29.73 -41.54 7.77
C ARG A 898 -30.21 -42.92 7.33
N PRO A 899 -30.70 -43.74 8.29
CA PRO A 899 -31.13 -45.09 7.91
C PRO A 899 -32.29 -45.09 6.92
N GLU A 900 -33.16 -44.08 7.02
CA GLU A 900 -34.29 -43.96 6.10
C GLU A 900 -33.81 -43.61 4.70
N VAL A 901 -32.72 -42.83 4.64
CA VAL A 901 -32.16 -42.42 3.36
C VAL A 901 -31.34 -43.55 2.74
N LEU A 902 -30.56 -44.24 3.56
CA LEU A 902 -29.79 -45.39 3.10
C LEU A 902 -30.72 -46.53 2.71
N ARG A 903 -31.82 -46.66 3.44
CA ARG A 903 -32.83 -47.68 3.12
C ARG A 903 -33.42 -47.43 1.74
N TYR A 904 -33.89 -46.21 1.52
CA TYR A 904 -34.58 -45.84 0.30
C TYR A 904 -33.78 -46.24 -0.94
N GLN A 905 -32.57 -45.71 -1.06
CA GLN A 905 -31.77 -45.87 -2.27
C GLN A 905 -31.47 -47.34 -2.58
N GLY A 906 -31.49 -48.19 -1.57
CA GLY A 906 -31.24 -49.61 -1.75
C GLY A 906 -31.97 -50.17 -2.96
N GLU A 907 -33.25 -49.85 -3.06
CA GLU A 907 -34.08 -50.33 -4.16
C GLU A 907 -33.99 -49.40 -5.37
N ALA A 908 -33.81 -48.10 -5.11
CA ALA A 908 -33.76 -47.09 -6.16
C ALA A 908 -32.67 -47.40 -7.17
N GLY A 909 -31.43 -47.50 -6.70
CA GLY A 909 -30.29 -47.71 -7.56
C GLY A 909 -29.19 -46.69 -7.29
N VAL A 910 -29.54 -45.42 -7.41
CA VAL A 910 -28.61 -44.34 -7.12
C VAL A 910 -27.93 -44.55 -5.78
N ARG A 911 -26.60 -44.51 -5.79
CA ARG A 911 -25.82 -44.59 -4.56
C ARG A 911 -25.02 -43.30 -4.42
N ARG A 912 -25.74 -42.21 -4.16
CA ARG A 912 -25.15 -40.87 -4.17
C ARG A 912 -23.71 -40.92 -3.67
N LYS A 913 -22.78 -40.58 -4.56
CA LYS A 913 -21.36 -40.65 -4.25
C LYS A 913 -21.10 -40.28 -2.79
N PRO A 914 -20.50 -41.21 -2.03
CA PRO A 914 -20.31 -41.04 -0.58
C PRO A 914 -19.44 -39.84 -0.24
N VAL A 915 -19.84 -39.10 0.79
CA VAL A 915 -19.07 -37.94 1.24
C VAL A 915 -18.72 -38.02 2.73
N ALA A 916 -19.49 -38.78 3.49
CA ALA A 916 -19.21 -38.96 4.90
C ALA A 916 -17.99 -39.85 5.09
N ASN A 917 -17.31 -39.69 6.23
CA ASN A 917 -16.18 -40.53 6.57
C ASN A 917 -16.60 -41.60 7.56
N ALA A 918 -16.51 -42.86 7.14
CA ALA A 918 -16.95 -43.99 7.95
C ALA A 918 -16.20 -44.07 9.28
N ALA A 919 -15.03 -43.44 9.34
CA ALA A 919 -14.22 -43.44 10.55
C ALA A 919 -14.94 -42.73 11.70
N TYR A 920 -15.80 -41.77 11.35
CA TYR A 920 -16.51 -40.98 12.35
C TYR A 920 -17.89 -41.57 12.67
N SER A 921 -17.98 -42.34 13.73
CA SER A 921 -19.25 -42.89 14.18
C SER A 921 -20.13 -41.78 14.74
N ALA A 922 -19.49 -40.69 15.18
CA ALA A 922 -20.20 -39.54 15.73
C ALA A 922 -19.44 -38.26 15.37
N PHE A 923 -20.15 -37.15 15.36
CA PHE A 923 -19.56 -35.87 14.99
C PHE A 923 -18.37 -35.51 15.87
N GLU A 924 -18.38 -35.99 17.11
CA GLU A 924 -17.29 -35.70 18.05
C GLU A 924 -16.00 -36.34 17.59
N ASP A 925 -16.09 -37.54 17.01
CA ASP A 925 -14.93 -38.27 16.55
C ASP A 925 -14.13 -37.47 15.52
N GLY A 926 -14.82 -36.59 14.80
CA GLY A 926 -14.18 -35.81 13.76
C GLY A 926 -13.58 -34.52 14.25
N ILE A 927 -14.39 -33.70 14.92
CA ILE A 927 -13.96 -32.38 15.35
C ILE A 927 -12.97 -32.42 16.51
N LEU A 928 -13.11 -33.42 17.38
CA LEU A 928 -12.25 -33.52 18.55
C LEU A 928 -10.92 -34.22 18.24
N SER A 929 -10.70 -34.53 16.98
CA SER A 929 -9.41 -35.04 16.53
C SER A 929 -8.50 -33.88 16.17
N HIS A 930 -9.05 -32.66 16.23
CA HIS A 930 -8.27 -31.45 16.00
C HIS A 930 -8.09 -30.70 17.31
N LEU A 931 -6.97 -30.94 17.97
CA LEU A 931 -6.71 -30.36 19.28
C LEU A 931 -6.79 -28.83 19.26
N SER A 932 -6.52 -28.23 18.10
CA SER A 932 -6.56 -26.79 17.98
C SER A 932 -7.94 -26.26 18.36
N LEU A 933 -8.98 -26.96 17.93
CA LEU A 933 -10.35 -26.52 18.15
C LEU A 933 -10.60 -26.15 19.61
N VAL A 934 -10.52 -27.13 20.49
CA VAL A 934 -10.85 -26.92 21.90
C VAL A 934 -9.94 -25.87 22.53
N VAL A 935 -8.73 -25.74 22.01
CA VAL A 935 -7.77 -24.75 22.50
C VAL A 935 -8.22 -23.35 22.12
N ASP A 936 -8.62 -23.19 20.85
CA ASP A 936 -9.06 -21.90 20.35
C ASP A 936 -10.32 -21.43 21.09
N LEU A 937 -11.28 -22.33 21.26
CA LEU A 937 -12.50 -22.02 21.98
C LEU A 937 -12.18 -21.41 23.34
N GLY A 938 -11.21 -21.99 24.04
CA GLY A 938 -10.80 -21.50 25.34
C GLY A 938 -10.16 -20.13 25.25
N LYS A 939 -9.33 -19.94 24.23
CA LYS A 939 -8.64 -18.67 24.03
C LYS A 939 -9.62 -17.54 23.75
N TYR A 940 -10.54 -17.79 22.83
CA TYR A 940 -11.43 -16.75 22.33
C TYR A 940 -12.33 -16.17 23.41
N CYS A 941 -12.63 -16.96 24.43
CA CYS A 941 -13.44 -16.48 25.55
C CYS A 941 -12.81 -15.24 26.20
N ASN A 942 -11.49 -15.08 26.03
CA ASN A 942 -10.76 -14.00 26.65
C ASN A 942 -10.54 -12.79 25.73
N LEU A 943 -11.14 -12.82 24.55
CA LEU A 943 -10.91 -11.76 23.56
C LEU A 943 -11.97 -10.66 23.59
N GLY A 944 -12.96 -10.80 24.46
CA GLY A 944 -13.90 -9.72 24.71
C GLY A 944 -15.04 -9.58 23.71
N HIS A 945 -15.24 -10.58 22.88
CA HIS A 945 -16.37 -10.59 21.97
C HIS A 945 -17.51 -11.41 22.57
N ALA A 946 -18.46 -10.70 23.20
CA ALA A 946 -19.53 -11.34 23.96
C ALA A 946 -20.17 -12.49 23.20
N GLU A 947 -20.82 -12.17 22.09
CA GLU A 947 -21.54 -13.17 21.31
C GLU A 947 -20.64 -14.37 20.97
N LEU A 948 -19.41 -14.09 20.58
CA LEU A 948 -18.46 -15.15 20.23
C LEU A 948 -18.17 -16.03 21.45
N THR A 949 -17.79 -15.38 22.55
CA THR A 949 -17.53 -16.08 23.80
C THR A 949 -18.72 -16.95 24.19
N LEU A 950 -19.90 -16.36 24.10
CA LEU A 950 -21.14 -17.04 24.48
C LEU A 950 -21.31 -18.34 23.68
N ALA A 951 -20.86 -18.31 22.43
CA ALA A 951 -20.95 -19.49 21.57
C ALA A 951 -19.86 -20.50 21.91
N CYS A 952 -18.67 -20.00 22.22
CA CYS A 952 -17.55 -20.87 22.60
C CYS A 952 -17.91 -21.69 23.83
N LEU A 953 -18.59 -21.06 24.78
CA LEU A 953 -19.02 -21.74 26.00
C LEU A 953 -20.02 -22.83 25.67
N LYS A 954 -21.03 -22.49 24.87
CA LYS A 954 -22.06 -23.45 24.48
C LYS A 954 -21.44 -24.71 23.89
N LEU A 955 -20.43 -24.51 23.03
CA LEU A 955 -19.80 -25.65 22.37
C LEU A 955 -18.89 -26.40 23.33
N LEU A 956 -18.11 -25.67 24.11
CA LEU A 956 -17.21 -26.29 25.08
C LEU A 956 -17.96 -27.23 26.01
N GLU A 957 -19.14 -26.82 26.47
CA GLU A 957 -19.95 -27.63 27.36
C GLU A 957 -20.34 -28.96 26.72
N LYS A 958 -20.59 -28.92 25.41
CA LYS A 958 -20.99 -30.12 24.68
C LYS A 958 -19.80 -31.04 24.41
N ILE A 959 -18.61 -30.44 24.31
CA ILE A 959 -17.38 -31.19 24.03
C ILE A 959 -16.79 -31.81 25.30
N SER A 960 -16.73 -31.01 26.36
CA SER A 960 -15.92 -31.34 27.53
C SER A 960 -16.49 -32.46 28.38
N THR A 961 -15.69 -32.88 29.36
CA THR A 961 -16.09 -33.90 30.32
C THR A 961 -16.25 -33.25 31.70
N THR B 5 21.98 0.75 -48.83
CA THR B 5 20.88 -0.05 -48.28
C THR B 5 20.09 0.78 -47.29
N ASP B 6 18.86 1.12 -47.67
CA ASP B 6 18.04 2.03 -46.86
C ASP B 6 17.37 1.34 -45.67
N LEU B 7 17.45 1.99 -44.52
CA LEU B 7 16.78 1.52 -43.32
C LEU B 7 15.74 2.53 -42.87
N ARG B 8 14.73 2.07 -42.14
CA ARG B 8 13.72 2.96 -41.59
C ARG B 8 14.27 3.64 -40.33
N LYS B 9 13.70 4.79 -39.99
CA LYS B 9 14.25 5.64 -38.93
C LYS B 9 14.73 4.85 -37.71
N LEU B 10 13.83 4.07 -37.11
CA LEU B 10 14.18 3.31 -35.92
C LEU B 10 15.32 2.34 -36.21
N GLU B 11 15.09 1.42 -37.14
CA GLU B 11 16.10 0.43 -37.51
C GLU B 11 17.47 1.07 -37.74
N ALA B 12 17.46 2.23 -38.38
CA ALA B 12 18.70 2.96 -38.64
C ALA B 12 19.35 3.40 -37.33
N LEU B 13 18.54 3.98 -36.45
CA LEU B 13 19.04 4.44 -35.15
C LEU B 13 19.54 3.27 -34.31
N GLN B 14 18.91 2.12 -34.45
CA GLN B 14 19.34 0.93 -33.73
C GLN B 14 20.66 0.42 -34.30
N ALA B 15 20.85 0.59 -35.60
CA ALA B 15 22.11 0.22 -36.26
C ALA B 15 23.23 1.08 -35.73
N LEU B 16 22.99 2.40 -35.70
CA LEU B 16 23.96 3.34 -35.16
C LEU B 16 24.26 3.01 -33.71
N HIS B 17 23.22 2.77 -32.92
CA HIS B 17 23.38 2.46 -31.51
C HIS B 17 24.27 1.22 -31.33
N ALA B 18 24.05 0.21 -32.14
CA ALA B 18 24.82 -1.02 -32.06
C ALA B 18 26.31 -0.78 -32.39
N GLU B 19 26.57 0.14 -33.30
CA GLU B 19 27.94 0.49 -33.65
C GLU B 19 28.58 1.28 -32.52
N LEU B 20 27.81 2.16 -31.89
CA LEU B 20 28.32 3.00 -30.81
C LEU B 20 28.70 2.18 -29.57
N VAL B 21 27.91 1.17 -29.26
CA VAL B 21 28.23 0.28 -28.14
C VAL B 21 29.44 -0.59 -28.47
N ALA B 22 29.62 -0.86 -29.77
CA ALA B 22 30.75 -1.67 -30.21
C ALA B 22 32.08 -0.98 -29.94
N VAL B 23 32.19 0.30 -30.29
CA VAL B 23 33.41 1.05 -30.05
C VAL B 23 33.54 1.35 -28.56
N ARG B 24 32.40 1.49 -27.90
CA ARG B 24 32.38 1.70 -26.46
C ARG B 24 33.06 0.53 -25.76
N GLN B 25 32.95 -0.65 -26.38
CA GLN B 25 33.62 -1.85 -25.87
C GLN B 25 34.93 -2.08 -26.60
N HIS B 26 35.48 -1.00 -27.14
CA HIS B 26 36.78 -1.04 -27.82
C HIS B 26 36.80 -2.01 -28.99
N ARG B 27 35.78 -1.92 -29.84
CA ARG B 27 35.76 -2.63 -31.12
C ARG B 27 35.59 -1.61 -32.23
N PHE B 28 36.57 -1.54 -33.13
CA PHE B 28 36.62 -0.45 -34.10
C PHE B 28 36.52 -0.92 -35.55
N GLU B 29 36.31 -2.22 -35.76
CA GLU B 29 36.24 -2.76 -37.10
C GLU B 29 35.08 -2.15 -37.89
N GLY B 30 34.01 -1.80 -37.21
CA GLY B 30 32.85 -1.23 -37.86
C GLY B 30 32.81 0.28 -37.75
N LEU B 31 33.97 0.88 -37.48
CA LEU B 31 34.06 2.32 -37.28
C LEU B 31 33.60 3.09 -38.51
N GLN B 32 33.84 2.55 -39.70
CA GLN B 32 33.46 3.23 -40.93
C GLN B 32 31.94 3.32 -41.06
N VAL B 33 31.27 2.18 -41.16
CA VAL B 33 29.82 2.17 -41.24
C VAL B 33 29.20 3.03 -40.15
N LEU B 34 29.88 3.15 -39.02
CA LEU B 34 29.42 4.00 -37.92
C LEU B 34 29.33 5.46 -38.37
N GLU B 35 30.45 6.01 -38.81
CA GLU B 35 30.53 7.43 -39.17
C GLU B 35 29.57 7.81 -40.31
N THR B 36 29.26 6.85 -41.18
CA THR B 36 28.29 7.09 -42.24
C THR B 36 26.88 7.18 -41.65
N LEU B 37 26.54 6.22 -40.79
CA LEU B 37 25.24 6.20 -40.13
C LEU B 37 25.00 7.48 -39.34
N LEU B 38 26.01 7.92 -38.59
CA LEU B 38 25.91 9.15 -37.81
C LEU B 38 25.64 10.34 -38.72
N GLU B 39 26.33 10.38 -39.87
CA GLU B 39 26.18 11.48 -40.80
C GLU B 39 24.77 11.57 -41.35
N GLU B 40 24.17 10.41 -41.62
CA GLU B 40 22.82 10.36 -42.18
C GLU B 40 21.76 10.72 -41.13
N GLN B 41 22.17 10.83 -39.87
CA GLN B 41 21.27 11.21 -38.79
C GLN B 41 21.44 12.67 -38.40
N THR B 42 22.31 13.38 -39.11
CA THR B 42 22.64 14.76 -38.77
C THR B 42 21.40 15.59 -38.45
N ASP B 43 20.36 15.46 -39.26
CA ASP B 43 19.14 16.21 -39.06
C ASP B 43 18.41 15.78 -37.78
N ALA B 44 18.26 14.48 -37.60
CA ALA B 44 17.58 13.94 -36.43
C ALA B 44 18.21 14.46 -35.14
N PHE B 45 19.54 14.49 -35.10
CA PHE B 45 20.29 14.92 -33.92
C PHE B 45 20.04 16.37 -33.60
N LYS B 46 19.69 17.13 -34.63
CA LYS B 46 19.55 18.58 -34.51
C LYS B 46 18.14 18.94 -34.06
N ALA B 47 17.16 18.10 -34.40
CA ALA B 47 15.78 18.28 -33.94
C ALA B 47 15.70 18.00 -32.45
N LEU B 48 16.47 17.02 -32.00
CA LEU B 48 16.51 16.64 -30.59
C LEU B 48 15.11 16.27 -30.10
N ILE B 49 14.60 15.16 -30.62
CA ILE B 49 13.27 14.66 -30.28
C ILE B 49 12.16 15.71 -30.25
N ALA B 50 12.31 16.78 -31.03
CA ALA B 50 11.23 17.76 -31.17
C ALA B 50 10.12 17.14 -32.00
N LYS B 51 8.88 17.25 -31.53
CA LYS B 51 7.76 16.64 -32.23
C LYS B 51 6.78 17.69 -32.75
N PRO B 52 6.28 17.50 -33.99
CA PRO B 52 5.34 18.47 -34.56
C PRO B 52 3.93 18.28 -34.02
N ALA B 53 3.27 19.37 -33.64
CA ALA B 53 1.94 19.31 -33.07
C ALA B 53 0.89 19.03 -34.14
N ARG B 54 -0.31 18.66 -33.71
CA ARG B 54 -1.40 18.34 -34.63
C ARG B 54 -1.72 19.52 -35.54
N ASP B 55 -1.96 19.23 -36.81
CA ASP B 55 -2.31 20.26 -37.79
C ASP B 55 -3.66 19.93 -38.39
N THR B 56 -4.59 20.88 -38.31
CA THR B 56 -5.93 20.70 -38.83
C THR B 56 -5.91 20.40 -40.33
N LYS B 57 -4.92 20.93 -41.03
CA LYS B 57 -4.79 20.73 -42.47
C LYS B 57 -4.35 19.31 -42.80
N ASP B 58 -3.29 18.86 -42.15
CA ASP B 58 -2.77 17.50 -42.37
C ASP B 58 -3.84 16.46 -42.04
N ARG B 59 -4.77 16.83 -41.17
CA ARG B 59 -5.86 15.94 -40.78
C ARG B 59 -6.80 15.71 -41.96
N GLU B 60 -7.09 16.78 -42.69
CA GLU B 60 -7.95 16.70 -43.86
C GLU B 60 -7.26 15.95 -44.99
N ALA B 61 -5.94 16.15 -45.10
CA ALA B 61 -5.14 15.52 -46.15
C ALA B 61 -5.26 14.00 -46.10
N LEU B 62 -5.68 13.47 -44.95
CA LEU B 62 -5.84 12.03 -44.78
C LEU B 62 -7.19 11.55 -45.29
N GLY B 63 -7.16 10.83 -46.41
CA GLY B 63 -8.37 10.30 -47.01
C GLY B 63 -8.17 8.85 -47.44
N LYS B 64 -8.45 8.58 -48.72
CA LYS B 64 -8.34 7.22 -49.23
C LYS B 64 -7.30 7.16 -50.35
N GLU B 65 -7.62 7.73 -51.50
CA GLU B 65 -6.72 7.71 -52.65
C GLU B 65 -5.46 8.54 -52.40
N PRO B 66 -4.33 8.13 -53.00
CA PRO B 66 -3.08 8.89 -52.90
C PRO B 66 -3.08 10.14 -53.78
N LYS B 70 1.07 11.20 -50.01
CA LYS B 70 2.48 10.86 -50.19
C LYS B 70 3.34 11.69 -49.23
N ILE B 71 4.04 11.00 -48.33
CA ILE B 71 4.91 11.66 -47.37
C ILE B 71 6.33 11.74 -47.90
N GLY B 72 6.86 12.96 -47.97
CA GLY B 72 8.19 13.18 -48.50
C GLY B 72 8.32 12.73 -49.94
N GLU B 73 9.22 11.79 -50.18
CA GLU B 73 9.52 11.36 -51.54
C GLU B 73 8.49 10.37 -52.10
N GLU B 74 8.13 9.37 -51.31
CA GLU B 74 7.40 8.22 -51.83
C GLU B 74 5.88 8.30 -51.68
N GLU B 75 5.19 7.31 -52.23
CA GLU B 75 3.73 7.29 -52.27
C GLU B 75 3.13 6.13 -51.49
N TYR B 76 1.87 6.26 -51.10
CA TYR B 76 1.15 5.21 -50.39
C TYR B 76 -0.35 5.39 -50.55
N SER B 77 -1.08 4.29 -50.55
CA SER B 77 -2.55 4.32 -50.55
C SER B 77 -3.05 3.97 -49.15
N LEU B 78 -4.03 4.71 -48.65
CA LEU B 78 -4.48 4.55 -47.27
C LEU B 78 -5.88 3.98 -47.13
N ASN B 79 -5.96 2.81 -46.52
CA ASN B 79 -7.25 2.19 -46.17
C ASN B 79 -7.87 2.95 -45.01
N GLU B 80 -9.20 2.97 -44.96
CA GLU B 80 -9.91 3.69 -43.92
C GLU B 80 -9.42 3.27 -42.54
N ASP B 81 -9.47 1.96 -42.28
CA ASP B 81 -9.05 1.41 -41.00
C ASP B 81 -7.66 1.89 -40.62
N PHE B 82 -6.81 2.11 -41.63
CA PHE B 82 -5.46 2.59 -41.39
C PHE B 82 -5.46 4.07 -41.02
N VAL B 83 -6.27 4.84 -41.72
CA VAL B 83 -6.36 6.28 -41.48
C VAL B 83 -6.92 6.56 -40.09
N ASN B 84 -7.85 5.74 -39.65
CA ASN B 84 -8.43 5.89 -38.33
C ASN B 84 -7.44 5.51 -37.24
N ASP B 85 -6.48 4.65 -37.58
CA ASP B 85 -5.41 4.29 -36.67
C ASP B 85 -4.41 5.44 -36.58
N CYS B 86 -4.27 6.20 -37.66
CA CYS B 86 -3.41 7.38 -37.67
C CYS B 86 -3.97 8.45 -36.74
N LEU B 87 -5.26 8.71 -36.84
CA LEU B 87 -5.90 9.71 -36.00
C LEU B 87 -5.84 9.27 -34.53
N LYS B 88 -5.96 7.97 -34.31
CA LYS B 88 -5.86 7.43 -32.95
C LYS B 88 -4.49 7.75 -32.36
N LEU B 89 -3.44 7.32 -33.05
CA LEU B 89 -2.08 7.58 -32.60
C LEU B 89 -1.85 9.06 -32.41
N ALA B 90 -2.31 9.86 -33.37
CA ALA B 90 -2.11 11.30 -33.34
C ALA B 90 -2.66 11.91 -32.05
N ASP B 91 -3.82 11.40 -31.61
CA ASP B 91 -4.44 11.91 -30.40
C ASP B 91 -3.68 11.44 -29.16
N GLU B 92 -3.31 10.16 -29.15
CA GLU B 92 -2.65 9.56 -28.00
C GLU B 92 -1.31 10.22 -27.69
N LEU B 93 -0.64 10.70 -28.72
CA LEU B 93 0.67 11.35 -28.56
C LEU B 93 0.56 12.85 -28.78
N ASP B 94 -0.61 13.33 -29.17
CA ASP B 94 -0.77 14.72 -29.57
C ASP B 94 0.27 15.01 -30.64
N LEU B 95 0.44 14.05 -31.54
CA LEU B 95 1.46 14.12 -32.59
C LEU B 95 0.82 14.49 -33.92
N ASN B 96 1.61 15.08 -34.80
CA ASN B 96 1.14 15.46 -36.12
C ASN B 96 0.53 14.26 -36.84
N GLU B 97 -0.43 14.53 -37.71
CA GLU B 97 -1.16 13.46 -38.40
C GLU B 97 -0.31 12.83 -39.49
N LYS B 98 0.55 13.61 -40.12
CA LYS B 98 1.44 13.10 -41.17
C LYS B 98 2.56 12.25 -40.57
N GLU B 99 3.20 12.78 -39.52
CA GLU B 99 4.26 12.05 -38.84
C GLU B 99 3.71 10.75 -38.27
N SER B 100 2.50 10.82 -37.73
CA SER B 100 1.83 9.65 -37.19
C SER B 100 1.64 8.59 -38.27
N ALA B 101 1.23 9.03 -39.45
CA ALA B 101 1.02 8.12 -40.57
C ALA B 101 2.34 7.46 -40.97
N ARG B 102 3.41 8.24 -40.96
CA ARG B 102 4.73 7.72 -41.31
C ARG B 102 5.12 6.59 -40.38
N ILE B 103 4.99 6.83 -39.08
CA ILE B 103 5.35 5.83 -38.07
C ILE B 103 4.58 4.54 -38.29
N LEU B 104 3.28 4.65 -38.53
CA LEU B 104 2.43 3.48 -38.69
C LEU B 104 2.79 2.69 -39.95
N ILE B 105 3.15 3.41 -41.02
CA ILE B 105 3.58 2.75 -42.25
C ILE B 105 4.79 1.87 -41.96
N ASP B 106 5.72 2.39 -41.17
CA ASP B 106 6.90 1.63 -40.79
C ASP B 106 6.52 0.43 -39.93
N CYS B 107 5.53 0.62 -39.07
CA CYS B 107 5.05 -0.46 -38.21
C CYS B 107 4.41 -1.58 -39.02
N ASP B 108 3.70 -1.21 -40.07
CA ASP B 108 3.04 -2.20 -40.92
C ASP B 108 4.05 -2.88 -41.83
N ALA B 109 5.01 -2.10 -42.33
CA ALA B 109 6.05 -2.63 -43.21
C ALA B 109 6.90 -3.65 -42.47
N GLU B 110 7.55 -3.20 -41.40
CA GLU B 110 8.40 -4.07 -40.60
C GLU B 110 7.59 -5.15 -39.90
N GLY B 111 6.27 -5.03 -39.95
CA GLY B 111 5.39 -6.03 -39.39
C GLY B 111 5.60 -6.22 -37.90
N ASP B 112 5.40 -5.14 -37.13
CA ASP B 112 5.52 -5.20 -35.68
C ASP B 112 4.17 -5.51 -35.05
N VAL B 113 3.14 -5.59 -35.88
CA VAL B 113 1.77 -5.84 -35.41
C VAL B 113 1.57 -7.31 -35.01
N GLU B 114 2.40 -8.20 -35.55
CA GLU B 114 2.35 -9.60 -35.18
C GLU B 114 3.62 -10.05 -34.46
N THR B 115 4.75 -9.41 -34.78
CA THR B 115 5.99 -9.64 -34.04
C THR B 115 5.65 -9.41 -32.58
N GLN B 116 4.96 -8.30 -32.32
CA GLN B 116 4.30 -8.06 -31.06
C GLN B 116 2.83 -8.39 -31.26
N SER B 117 2.10 -8.63 -30.17
CA SER B 117 0.69 -9.03 -30.28
C SER B 117 -0.23 -7.89 -29.88
N ARG B 118 -0.15 -6.78 -30.62
CA ARG B 118 -0.92 -5.59 -30.30
C ARG B 118 -1.49 -4.95 -31.57
N PRO B 119 -2.58 -4.19 -31.42
CA PRO B 119 -3.13 -3.45 -32.55
C PRO B 119 -2.11 -2.47 -33.14
N LEU B 120 -2.39 -1.94 -34.31
CA LEU B 120 -1.42 -1.13 -35.04
C LEU B 120 -1.04 0.16 -34.29
N TRP B 121 -2.05 0.91 -33.85
CA TRP B 121 -1.80 2.20 -33.20
C TRP B 121 -0.90 2.04 -31.98
N GLU B 122 -0.97 0.89 -31.32
CA GLU B 122 -0.13 0.63 -30.17
C GLU B 122 1.33 0.48 -30.59
N CYS B 123 1.56 -0.20 -31.70
CA CYS B 123 2.91 -0.34 -32.23
C CYS B 123 3.48 1.03 -32.55
N GLY B 124 2.62 1.92 -33.02
CA GLY B 124 3.02 3.29 -33.30
C GLY B 124 3.57 3.99 -32.07
N VAL B 125 2.87 3.83 -30.95
CA VAL B 125 3.30 4.43 -29.70
C VAL B 125 4.67 3.88 -29.29
N ILE B 126 4.86 2.58 -29.48
CA ILE B 126 6.11 1.92 -29.14
C ILE B 126 7.25 2.38 -30.05
N ARG B 127 7.00 2.45 -31.35
CA ARG B 127 8.01 2.87 -32.30
C ARG B 127 8.36 4.34 -32.06
N PHE B 128 7.34 5.15 -31.80
CA PHE B 128 7.54 6.56 -31.52
C PHE B 128 8.50 6.76 -30.36
N HIS B 129 8.33 5.98 -29.30
CA HIS B 129 9.12 6.15 -28.10
C HIS B 129 10.52 5.55 -28.24
N GLN B 130 10.64 4.42 -28.91
N GLN B 130 10.62 4.41 -28.92
CA GLN B 130 11.95 3.81 -29.12
CA GLN B 130 11.90 3.77 -29.16
C GLN B 130 12.80 4.63 -30.08
C GLN B 130 12.78 4.64 -30.06
N GLU B 131 12.15 5.39 -30.96
CA GLU B 131 12.88 6.30 -31.84
C GLU B 131 13.53 7.40 -31.01
N ARG B 132 12.76 7.96 -30.09
CA ARG B 132 13.27 8.99 -29.20
C ARG B 132 14.40 8.44 -28.32
N LYS B 133 14.13 7.30 -27.69
CA LYS B 133 15.07 6.71 -26.75
C LYS B 133 16.40 6.39 -27.42
N TYR B 134 16.34 5.61 -28.50
CA TYR B 134 17.55 5.21 -29.22
C TYR B 134 18.36 6.43 -29.67
N LEU B 135 17.68 7.45 -30.18
CA LEU B 135 18.36 8.68 -30.59
C LEU B 135 19.11 9.29 -29.42
N LEU B 136 18.40 9.52 -28.33
CA LEU B 136 18.99 10.14 -27.15
C LEU B 136 20.14 9.32 -26.60
N ASP B 137 20.00 8.00 -26.64
CA ASP B 137 21.02 7.12 -26.09
C ASP B 137 22.23 7.06 -27.02
N CYS B 138 22.00 7.23 -28.31
CA CYS B 138 23.08 7.34 -29.27
C CYS B 138 23.94 8.55 -28.95
N MET B 139 23.30 9.64 -28.55
CA MET B 139 24.01 10.86 -28.19
C MET B 139 24.85 10.65 -26.94
N ARG B 140 24.24 10.05 -25.92
CA ARG B 140 24.93 9.79 -24.66
C ARG B 140 26.20 8.97 -24.89
N LEU B 141 26.10 7.95 -25.74
CA LEU B 141 27.23 7.07 -26.01
C LEU B 141 28.34 7.80 -26.76
N ILE B 142 27.97 8.67 -27.69
CA ILE B 142 28.95 9.46 -28.41
C ILE B 142 29.76 10.32 -27.43
N LEU B 143 29.06 10.91 -26.47
CA LEU B 143 29.71 11.75 -25.46
C LEU B 143 30.57 10.88 -24.53
N GLU B 144 30.11 9.67 -24.27
CA GLU B 144 30.82 8.75 -23.39
C GLU B 144 32.12 8.29 -24.05
N ILE B 145 32.08 8.09 -25.36
CA ILE B 145 33.25 7.67 -26.12
C ILE B 145 34.27 8.80 -26.20
N ALA B 146 33.76 10.02 -26.44
CA ALA B 146 34.60 11.19 -26.56
C ALA B 146 35.36 11.47 -25.26
N ALA B 147 34.93 10.85 -24.17
CA ALA B 147 35.56 11.05 -22.87
C ALA B 147 36.34 9.80 -22.43
N ASP B 148 36.56 8.88 -23.35
CA ASP B 148 37.30 7.66 -23.06
C ASP B 148 38.78 7.83 -23.43
N GLU B 149 39.65 7.68 -22.44
N GLU B 149 39.65 7.69 -22.43
CA GLU B 149 41.08 7.88 -22.64
CA GLU B 149 41.09 7.88 -22.63
C GLU B 149 41.81 6.55 -22.85
C GLU B 149 41.81 6.56 -22.88
N ASP B 150 41.05 5.47 -22.93
CA ASP B 150 41.62 4.14 -23.14
C ASP B 150 41.57 3.75 -24.61
N ILE B 151 41.52 4.74 -25.49
CA ILE B 151 41.49 4.50 -26.93
C ILE B 151 42.33 5.56 -27.65
N ASP B 152 42.63 5.31 -28.92
CA ASP B 152 43.41 6.24 -29.72
C ASP B 152 42.96 7.68 -29.45
N ALA B 153 43.89 8.52 -29.04
CA ALA B 153 43.59 9.92 -28.77
C ALA B 153 42.90 10.54 -29.99
N GLY B 154 43.21 10.01 -31.17
CA GLY B 154 42.60 10.48 -32.40
C GLY B 154 41.10 10.25 -32.43
N LEU B 155 40.67 9.07 -31.96
CA LEU B 155 39.25 8.77 -31.89
C LEU B 155 38.57 9.64 -30.86
N GLN B 156 39.13 9.68 -29.65
CA GLN B 156 38.56 10.47 -28.57
C GLN B 156 38.32 11.91 -29.03
N GLU B 157 39.13 12.37 -29.97
CA GLU B 157 39.02 13.74 -30.47
C GLU B 157 37.97 13.84 -31.59
N SER B 158 37.90 12.81 -32.42
CA SER B 158 36.97 12.81 -33.55
C SER B 158 35.52 12.66 -33.06
N PHE B 159 35.32 11.88 -32.01
CA PHE B 159 34.00 11.76 -31.40
C PHE B 159 33.71 13.03 -30.62
N GLY B 160 34.77 13.75 -30.27
CA GLY B 160 34.64 15.05 -29.63
C GLY B 160 33.95 16.03 -30.54
N VAL B 161 34.51 16.24 -31.74
CA VAL B 161 33.93 17.18 -32.69
C VAL B 161 32.57 16.68 -33.15
N ALA B 162 32.45 15.36 -33.31
CA ALA B 162 31.18 14.75 -33.66
C ALA B 162 30.10 15.22 -32.71
N ALA B 163 30.36 15.10 -31.41
CA ALA B 163 29.42 15.55 -30.40
C ALA B 163 29.20 17.05 -30.52
N GLU B 164 30.29 17.80 -30.54
CA GLU B 164 30.23 19.26 -30.65
C GLU B 164 29.39 19.67 -31.85
N ASP B 165 29.51 18.93 -32.94
CA ASP B 165 28.82 19.26 -34.18
C ASP B 165 27.40 18.71 -34.20
N LYS B 166 27.28 17.39 -34.22
CA LYS B 166 26.00 16.73 -34.38
C LYS B 166 25.03 17.02 -33.24
N ILE B 167 25.52 16.93 -32.01
CA ILE B 167 24.67 17.03 -30.84
C ILE B 167 24.47 18.48 -30.36
N PHE B 168 25.57 19.19 -30.15
CA PHE B 168 25.51 20.53 -29.56
C PHE B 168 25.31 21.64 -30.61
N GLY B 169 25.57 21.32 -31.88
CA GLY B 169 25.42 22.29 -32.94
C GLY B 169 26.56 23.29 -32.95
N ILE B 170 27.77 22.80 -33.24
CA ILE B 170 28.98 23.62 -33.20
C ILE B 170 30.06 22.99 -34.08
N PRO B 171 30.25 23.51 -35.30
CA PRO B 171 31.19 22.91 -36.25
C PRO B 171 32.53 23.65 -36.31
N PRO B 172 33.59 22.97 -36.76
CA PRO B 172 34.89 23.62 -36.95
C PRO B 172 35.15 23.96 -38.41
N VAL B 185 17.42 27.99 -33.69
CA VAL B 185 18.80 28.44 -33.66
C VAL B 185 19.22 28.77 -32.22
N LYS B 186 18.40 28.39 -31.25
CA LYS B 186 18.78 28.52 -29.85
C LYS B 186 20.00 27.65 -29.60
N LYS B 187 20.71 27.92 -28.52
CA LYS B 187 21.84 27.08 -28.14
C LYS B 187 21.29 25.73 -27.68
N PHE B 188 22.17 24.74 -27.56
CA PHE B 188 21.75 23.39 -27.23
C PHE B 188 21.03 23.32 -25.87
N ILE B 189 21.65 23.88 -24.84
CA ILE B 189 21.15 23.71 -23.48
C ILE B 189 19.69 24.15 -23.30
N PRO B 190 19.36 25.41 -23.63
CA PRO B 190 17.95 25.86 -23.55
C PRO B 190 17.01 24.97 -24.33
N ARG B 191 17.52 24.34 -25.38
CA ARG B 191 16.75 23.46 -26.24
C ARG B 191 16.56 22.10 -25.56
N CYS B 192 17.60 21.70 -24.83
CA CYS B 192 17.60 20.46 -24.08
C CYS B 192 16.55 20.52 -22.97
N MET B 193 16.53 21.66 -22.27
CA MET B 193 15.59 21.89 -21.17
C MET B 193 14.16 21.81 -21.68
N GLU B 194 13.93 22.37 -22.87
CA GLU B 194 12.61 22.33 -23.47
C GLU B 194 12.20 20.89 -23.79
N ALA B 195 13.15 20.11 -24.29
CA ALA B 195 12.88 18.72 -24.62
C ALA B 195 12.51 17.94 -23.36
N MET B 196 13.30 18.12 -22.31
CA MET B 196 13.04 17.44 -21.04
C MET B 196 11.70 17.86 -20.46
N LYS B 197 11.40 19.16 -20.53
CA LYS B 197 10.14 19.68 -20.04
C LYS B 197 8.97 18.99 -20.75
N GLY B 198 9.15 18.76 -22.05
CA GLY B 198 8.16 18.05 -22.83
C GLY B 198 7.98 16.62 -22.36
N VAL B 199 9.09 15.97 -22.04
CA VAL B 199 9.05 14.59 -21.60
C VAL B 199 8.25 14.45 -20.30
N ARG B 200 8.45 15.38 -19.37
CA ARG B 200 7.71 15.36 -18.11
C ARG B 200 6.21 15.55 -18.36
N SER B 201 5.87 16.55 -19.16
CA SER B 201 4.48 16.86 -19.47
C SER B 201 3.78 15.66 -20.09
N MET B 202 4.43 15.05 -21.08
CA MET B 202 3.85 13.91 -21.77
C MET B 202 3.57 12.76 -20.81
N LEU B 203 4.48 12.55 -19.86
CA LEU B 203 4.30 11.51 -18.86
C LEU B 203 3.10 11.84 -17.98
N GLN B 204 3.02 13.09 -17.53
CA GLN B 204 1.92 13.52 -16.67
C GLN B 204 0.57 13.39 -17.39
N CYS B 205 0.51 13.90 -18.61
CA CYS B 205 -0.70 13.78 -19.42
C CYS B 205 -1.10 12.33 -19.57
N MET B 206 -0.14 11.49 -19.91
CA MET B 206 -0.38 10.07 -20.12
C MET B 206 -0.81 9.38 -18.84
N ALA B 207 -0.16 9.73 -17.73
CA ALA B 207 -0.44 9.11 -16.44
C ALA B 207 -1.88 9.40 -16.00
N ASP B 208 -2.29 10.66 -16.12
CA ASP B 208 -3.64 11.06 -15.74
C ASP B 208 -4.68 10.28 -16.54
N LYS B 209 -4.47 10.22 -17.86
CA LYS B 209 -5.41 9.55 -18.74
C LYS B 209 -5.53 8.07 -18.41
N ALA B 210 -4.39 7.41 -18.22
CA ALA B 210 -4.37 5.98 -17.93
C ALA B 210 -5.01 5.69 -16.57
N ASN B 211 -4.89 6.63 -15.64
CA ASN B 211 -5.50 6.48 -14.33
C ASN B 211 -7.02 6.46 -14.42
N ALA B 212 -7.58 7.49 -15.04
CA ALA B 212 -9.03 7.57 -15.22
C ALA B 212 -9.56 6.31 -15.88
N ARG B 213 -8.84 5.84 -16.90
CA ARG B 213 -9.25 4.64 -17.62
C ARG B 213 -9.14 3.39 -16.75
N ASN B 214 -8.06 3.29 -15.99
CA ASN B 214 -7.86 2.14 -15.12
C ASN B 214 -8.86 2.15 -13.96
N MET B 215 -9.20 3.34 -13.51
CA MET B 215 -10.18 3.51 -12.45
C MET B 215 -11.50 2.87 -12.87
N LEU B 216 -11.85 3.06 -14.15
CA LEU B 216 -13.06 2.49 -14.71
C LEU B 216 -12.92 0.98 -14.91
N GLN B 217 -11.76 0.56 -15.40
CA GLN B 217 -11.49 -0.85 -15.64
C GLN B 217 -11.72 -1.70 -14.39
N GLN B 218 -11.13 -1.28 -13.28
CA GLN B 218 -11.13 -2.06 -12.06
C GLN B 218 -12.50 -2.07 -11.38
N ALA B 219 -13.30 -1.05 -11.64
CA ALA B 219 -14.63 -0.95 -11.04
C ALA B 219 -15.66 -1.77 -11.79
N SER B 220 -15.38 -2.07 -13.07
CA SER B 220 -16.38 -2.70 -13.93
C SER B 220 -15.98 -4.09 -14.44
N LEU B 221 -14.71 -4.27 -14.80
CA LEU B 221 -14.26 -5.52 -15.38
C LEU B 221 -13.28 -6.27 -14.46
N VAL B 222 -12.65 -5.56 -13.54
CA VAL B 222 -11.68 -6.16 -12.64
C VAL B 222 -10.63 -6.90 -13.48
N ARG B 223 -10.02 -6.16 -14.39
CA ARG B 223 -9.15 -6.73 -15.41
C ARG B 223 -8.17 -5.64 -15.84
N PRO B 224 -6.92 -6.02 -16.17
CA PRO B 224 -6.03 -4.96 -16.62
C PRO B 224 -6.45 -4.37 -17.97
N LEU B 225 -6.14 -3.10 -18.18
CA LEU B 225 -6.40 -2.43 -19.45
C LEU B 225 -5.77 -3.22 -20.59
N ASP B 226 -6.42 -3.22 -21.75
CA ASP B 226 -5.89 -3.91 -22.92
C ASP B 226 -4.49 -3.42 -23.28
N ASN B 227 -4.27 -2.11 -23.14
CA ASN B 227 -3.01 -1.50 -23.54
C ASN B 227 -2.07 -1.27 -22.36
N GLN B 228 -2.34 -1.94 -21.24
CA GLN B 228 -1.50 -1.77 -20.05
C GLN B 228 -0.05 -2.11 -20.39
N GLU B 229 0.14 -3.14 -21.21
CA GLU B 229 1.47 -3.56 -21.63
C GLU B 229 2.20 -2.40 -22.30
N THR B 230 1.49 -1.68 -23.16
CA THR B 230 2.05 -0.54 -23.87
C THR B 230 2.27 0.64 -22.92
N LEU B 231 1.32 0.87 -22.03
CA LEU B 231 1.43 1.96 -21.07
C LEU B 231 2.69 1.80 -20.22
N ASP B 232 2.93 0.59 -19.72
CA ASP B 232 4.10 0.32 -18.91
C ASP B 232 5.38 0.66 -19.66
N PHE B 233 5.42 0.30 -20.94
CA PHE B 233 6.60 0.54 -21.77
C PHE B 233 6.81 2.02 -22.03
N SER B 234 5.74 2.70 -22.39
CA SER B 234 5.79 4.14 -22.69
C SER B 234 6.28 4.90 -21.45
N ARG B 235 5.75 4.54 -20.29
CA ARG B 235 6.11 5.20 -19.05
C ARG B 235 7.60 5.03 -18.76
N LEU B 236 8.12 3.83 -19.04
CA LEU B 236 9.52 3.54 -18.78
C LEU B 236 10.43 4.26 -19.77
N SER B 237 10.03 4.28 -21.04
CA SER B 237 10.84 4.92 -22.07
C SER B 237 10.93 6.42 -21.82
N LEU B 238 9.82 7.02 -21.44
CA LEU B 238 9.79 8.46 -21.13
C LEU B 238 10.80 8.79 -20.03
N VAL B 239 10.73 8.03 -18.93
CA VAL B 239 11.65 8.23 -17.83
C VAL B 239 13.09 8.01 -18.29
N GLU B 240 13.30 6.99 -19.12
CA GLU B 240 14.63 6.70 -19.66
C GLU B 240 15.11 7.82 -20.58
N GLN B 241 14.17 8.45 -21.29
CA GLN B 241 14.49 9.55 -22.18
C GLN B 241 14.90 10.79 -21.39
N HIS B 242 14.21 11.04 -20.28
CA HIS B 242 14.57 12.16 -19.42
C HIS B 242 15.96 11.92 -18.85
N GLU B 243 16.24 10.67 -18.54
CA GLU B 243 17.53 10.27 -17.98
C GLU B 243 18.65 10.55 -18.98
N CYS B 244 18.46 10.11 -20.23
CA CYS B 244 19.44 10.36 -21.28
C CYS B 244 19.66 11.87 -21.47
N LEU B 245 18.56 12.62 -21.55
CA LEU B 245 18.63 14.06 -21.71
C LEU B 245 19.40 14.70 -20.55
N ALA B 246 19.18 14.21 -19.34
CA ALA B 246 19.87 14.75 -18.17
C ALA B 246 21.36 14.41 -18.24
N SER B 247 21.70 13.35 -18.97
CA SER B 247 23.08 12.94 -19.13
C SER B 247 23.76 13.82 -20.18
N ILE B 248 23.02 14.13 -21.24
CA ILE B 248 23.55 14.96 -22.31
C ILE B 248 23.66 16.40 -21.83
N LEU B 249 22.65 16.86 -21.10
CA LEU B 249 22.69 18.17 -20.48
C LEU B 249 23.90 18.27 -19.58
N HIS B 250 24.15 17.21 -18.84
CA HIS B 250 25.28 17.13 -17.94
C HIS B 250 26.59 17.38 -18.68
N ALA B 251 26.77 16.67 -19.79
CA ALA B 251 27.98 16.79 -20.59
C ALA B 251 28.13 18.22 -21.12
N ALA B 252 27.02 18.79 -21.59
CA ALA B 252 27.04 20.13 -22.16
C ALA B 252 27.60 21.13 -21.15
N VAL B 253 27.24 20.97 -19.88
CA VAL B 253 27.71 21.86 -18.83
C VAL B 253 29.18 21.60 -18.51
N GLN B 254 29.57 20.32 -18.44
CA GLN B 254 30.96 19.97 -18.14
C GLN B 254 31.88 20.37 -19.28
N ARG B 255 31.35 20.39 -20.50
CA ARG B 255 32.12 20.78 -21.66
C ARG B 255 32.04 22.29 -21.90
N HIS B 256 31.51 23.01 -20.92
CA HIS B 256 31.56 24.48 -20.91
C HIS B 256 30.68 25.11 -21.99
N HIS B 257 29.51 24.54 -22.24
CA HIS B 257 28.60 25.08 -23.23
C HIS B 257 27.43 25.82 -22.58
N ALA B 258 27.58 26.14 -21.30
CA ALA B 258 26.52 26.84 -20.58
C ALA B 258 26.92 28.28 -20.29
N THR B 259 25.94 29.16 -20.30
CA THR B 259 26.15 30.55 -19.95
C THR B 259 25.67 30.81 -18.53
N ILE B 260 25.83 32.04 -18.07
CA ILE B 260 25.34 32.43 -16.75
C ILE B 260 23.82 32.38 -16.75
N ALA B 261 23.22 32.60 -17.91
CA ALA B 261 21.77 32.58 -18.04
C ALA B 261 21.23 31.16 -17.89
N ASP B 262 21.93 30.19 -18.49
CA ASP B 262 21.51 28.80 -18.41
C ASP B 262 21.51 28.33 -16.96
N PHE B 263 22.58 28.67 -16.24
CA PHE B 263 22.71 28.30 -14.85
C PHE B 263 21.57 28.90 -14.02
N GLN B 264 21.32 30.18 -14.23
CA GLN B 264 20.26 30.87 -13.50
C GLN B 264 18.89 30.29 -13.82
N ASP B 265 18.70 29.88 -15.08
CA ASP B 265 17.44 29.26 -15.47
C ASP B 265 17.26 27.90 -14.80
N PHE B 266 18.36 27.15 -14.71
CA PHE B 266 18.33 25.82 -14.10
C PHE B 266 17.93 25.92 -12.64
N ILE B 267 18.48 26.90 -11.93
CA ILE B 267 18.13 27.12 -10.53
C ILE B 267 16.66 27.52 -10.40
N LYS B 268 16.20 28.39 -11.27
CA LYS B 268 14.82 28.83 -11.26
C LYS B 268 13.85 27.67 -11.48
N ILE B 269 14.29 26.67 -12.23
CA ILE B 269 13.45 25.50 -12.50
C ILE B 269 13.38 24.61 -11.27
N LEU B 270 14.49 24.51 -10.54
CA LEU B 270 14.52 23.74 -9.31
C LEU B 270 13.67 24.41 -8.22
N ARG B 271 13.68 25.74 -8.21
CA ARG B 271 12.92 26.50 -7.23
C ARG B 271 11.42 26.31 -7.41
N LYS B 272 11.00 25.95 -8.62
CA LYS B 272 9.59 25.72 -8.93
C LYS B 272 9.26 24.24 -8.85
N TRP B 273 10.27 23.41 -8.64
CA TRP B 273 10.10 21.97 -8.57
C TRP B 273 9.36 21.59 -7.28
N ASP B 274 8.18 21.02 -7.42
CA ASP B 274 7.30 20.79 -6.26
C ASP B 274 7.08 19.32 -5.92
N LYS B 275 7.81 18.41 -6.56
CA LYS B 275 7.63 16.98 -6.28
C LYS B 275 8.96 16.23 -6.25
N TYR B 276 9.15 15.43 -5.20
CA TYR B 276 10.31 14.56 -5.10
C TYR B 276 10.08 13.29 -5.90
N ASP B 277 10.78 13.15 -7.02
CA ASP B 277 10.55 12.03 -7.92
C ASP B 277 11.82 11.64 -8.68
N HIS B 278 11.68 10.67 -9.60
CA HIS B 278 12.81 10.20 -10.39
C HIS B 278 13.41 11.31 -11.23
N PHE B 279 12.55 12.20 -11.73
CA PHE B 279 13.00 13.28 -12.59
C PHE B 279 13.98 14.18 -11.87
N LEU B 280 13.67 14.51 -10.61
CA LEU B 280 14.51 15.41 -9.85
C LEU B 280 15.90 14.83 -9.68
N ILE B 281 15.96 13.54 -9.34
CA ILE B 281 17.24 12.87 -9.11
C ILE B 281 18.11 12.89 -10.36
N HIS B 282 17.47 12.83 -11.54
CA HIS B 282 18.19 12.90 -12.81
C HIS B 282 18.97 14.22 -12.91
N LEU B 283 18.42 15.27 -12.30
CA LEU B 283 18.99 16.61 -12.41
C LEU B 283 20.11 16.89 -11.42
N ILE B 284 20.24 16.05 -10.40
CA ILE B 284 21.21 16.32 -9.33
C ILE B 284 22.65 16.31 -9.85
N PRO B 285 23.00 15.34 -10.69
CA PRO B 285 24.34 15.40 -11.30
C PRO B 285 24.55 16.69 -12.08
N VAL B 286 23.52 17.16 -12.76
CA VAL B 286 23.60 18.40 -13.52
C VAL B 286 23.81 19.59 -12.58
N LEU B 287 23.12 19.57 -11.45
CA LEU B 287 23.28 20.61 -10.44
C LEU B 287 24.73 20.69 -9.98
N ALA B 288 25.28 19.56 -9.60
CA ALA B 288 26.67 19.50 -9.13
C ALA B 288 27.62 20.04 -10.19
N ALA B 289 27.38 19.67 -11.44
CA ALA B 289 28.21 20.11 -12.55
C ALA B 289 28.16 21.63 -12.70
N TYR B 290 26.96 22.18 -12.58
CA TYR B 290 26.78 23.62 -12.63
C TYR B 290 27.55 24.31 -11.51
N ILE B 291 27.33 23.85 -10.28
CA ILE B 291 27.95 24.46 -9.11
C ILE B 291 29.47 24.45 -9.24
N THR B 292 30.03 23.33 -9.66
CA THR B 292 31.47 23.23 -9.88
C THR B 292 31.92 24.24 -10.94
N GLU B 293 31.14 24.37 -12.01
CA GLU B 293 31.50 25.21 -13.14
C GLU B 293 31.48 26.70 -12.80
N PHE B 294 30.41 27.14 -12.14
CA PHE B 294 30.17 28.57 -11.93
C PHE B 294 30.39 29.02 -10.48
N GLY B 295 30.57 28.08 -9.57
CA GLY B 295 30.65 28.41 -8.15
C GLY B 295 31.96 28.09 -7.47
N SER B 296 32.78 27.23 -8.09
CA SER B 296 34.02 26.79 -7.47
C SER B 296 35.25 27.28 -8.25
N PRO B 297 36.38 27.40 -7.55
CA PRO B 297 37.62 27.83 -8.20
C PRO B 297 38.13 26.82 -9.22
N GLU B 298 37.56 25.62 -9.20
CA GLU B 298 37.91 24.57 -10.15
C GLU B 298 37.45 24.96 -11.56
N GLY B 299 36.27 25.58 -11.64
CA GLY B 299 35.67 25.92 -12.92
C GLY B 299 35.61 27.40 -13.21
N MET B 300 35.56 28.21 -12.16
CA MET B 300 35.39 29.66 -12.30
C MET B 300 36.64 30.39 -11.83
N GLY B 301 37.30 31.09 -12.75
CA GLY B 301 38.50 31.84 -12.44
C GLY B 301 38.19 33.27 -12.01
N ASP B 302 36.99 33.73 -12.32
CA ASP B 302 36.56 35.06 -11.95
C ASP B 302 35.77 35.02 -10.65
N LEU B 303 36.41 35.43 -9.56
CA LEU B 303 35.79 35.39 -8.24
C LEU B 303 34.51 36.18 -8.17
N GLN B 304 34.54 37.41 -8.67
CA GLN B 304 33.39 38.31 -8.58
C GLN B 304 32.17 37.71 -9.29
N GLN B 305 32.40 36.97 -10.36
CA GLN B 305 31.31 36.32 -11.07
C GLN B 305 30.68 35.24 -10.19
N ALA B 306 31.53 34.51 -9.47
CA ALA B 306 31.05 33.47 -8.58
C ALA B 306 30.29 34.07 -7.39
N ARG B 307 30.74 35.25 -6.94
CA ARG B 307 30.15 35.89 -5.78
C ARG B 307 28.76 36.46 -6.07
N ARG B 308 28.53 36.90 -7.30
CA ARG B 308 27.21 37.37 -7.69
C ARG B 308 26.23 36.20 -7.65
N LEU B 309 26.65 35.08 -8.23
CA LEU B 309 25.83 33.87 -8.23
C LEU B 309 25.59 33.38 -6.82
N ASN B 310 26.59 33.56 -5.95
CA ASN B 310 26.44 33.17 -4.56
C ASN B 310 25.25 33.85 -3.91
N ASP B 311 25.11 35.15 -4.16
CA ASP B 311 24.00 35.92 -3.62
C ASP B 311 22.70 35.49 -4.28
N PHE B 312 22.78 35.08 -5.54
CA PHE B 312 21.62 34.63 -6.29
C PHE B 312 21.07 33.30 -5.73
N ILE B 313 21.96 32.50 -5.16
CA ILE B 313 21.58 31.21 -4.60
C ILE B 313 21.17 31.34 -3.13
N CYS B 314 21.93 32.12 -2.37
CA CYS B 314 21.77 32.16 -0.92
C CYS B 314 20.92 33.33 -0.44
N LYS B 315 21.33 34.54 -0.77
CA LYS B 315 20.71 35.74 -0.21
C LYS B 315 19.42 36.14 -0.94
N GLY B 316 18.64 36.99 -0.29
CA GLY B 316 17.40 37.49 -0.86
C GLY B 316 16.41 36.40 -1.18
N GLY B 317 15.96 35.69 -0.14
CA GLY B 317 15.02 34.60 -0.32
C GLY B 317 13.78 34.74 0.54
N ASP B 318 12.61 34.51 -0.06
CA ASP B 318 11.36 34.54 0.66
C ASP B 318 11.19 33.23 1.42
N GLU B 319 10.07 33.11 2.14
CA GLU B 319 9.71 31.86 2.77
C GLU B 319 9.04 30.93 1.75
N ASP B 320 8.87 31.43 0.53
CA ASP B 320 8.13 30.72 -0.50
C ASP B 320 8.92 30.67 -1.80
N SER B 321 10.24 30.85 -1.69
CA SER B 321 11.12 30.85 -2.85
C SER B 321 11.48 29.45 -3.35
N TRP B 322 11.24 28.43 -2.53
CA TRP B 322 11.47 27.04 -2.93
C TRP B 322 10.21 26.21 -2.71
N ALA B 323 9.66 25.66 -3.79
CA ALA B 323 8.50 24.79 -3.70
C ALA B 323 8.80 23.59 -2.83
N LEU B 324 10.06 23.17 -2.82
CA LEU B 324 10.55 22.13 -1.92
C LEU B 324 11.68 22.70 -1.07
N PRO B 325 11.35 23.31 0.06
CA PRO B 325 12.37 23.96 0.89
C PRO B 325 13.57 23.05 1.17
N VAL B 326 13.33 21.75 1.27
CA VAL B 326 14.40 20.80 1.55
C VAL B 326 15.38 20.74 0.37
N LEU B 327 14.86 20.89 -0.84
CA LEU B 327 15.70 20.93 -2.03
C LEU B 327 16.55 22.19 -2.02
N GLY B 328 15.94 23.31 -1.63
CA GLY B 328 16.65 24.57 -1.53
C GLY B 328 17.78 24.49 -0.50
N ALA B 329 17.51 23.83 0.61
CA ALA B 329 18.51 23.65 1.65
C ALA B 329 19.69 22.85 1.09
N ALA B 330 19.38 21.78 0.37
CA ALA B 330 20.42 20.93 -0.21
C ALA B 330 21.25 21.71 -1.22
N VAL B 331 20.58 22.47 -2.08
CA VAL B 331 21.27 23.28 -3.08
C VAL B 331 22.22 24.26 -2.39
N ARG B 332 21.72 24.96 -1.39
CA ARG B 332 22.55 25.89 -0.63
C ARG B 332 23.75 25.18 0.00
N ALA B 333 23.51 24.09 0.71
CA ALA B 333 24.58 23.34 1.36
C ALA B 333 25.64 22.95 0.35
N TRP B 334 25.19 22.34 -0.75
CA TRP B 334 26.11 21.88 -1.79
C TRP B 334 26.91 23.06 -2.33
N TRP B 335 26.24 24.19 -2.53
CA TRP B 335 26.90 25.38 -3.04
C TRP B 335 27.98 25.87 -2.08
N ILE B 336 27.62 26.04 -0.81
CA ILE B 336 28.56 26.54 0.19
C ILE B 336 29.85 25.72 0.17
N ALA B 337 29.71 24.39 0.21
CA ALA B 337 30.86 23.50 0.30
C ALA B 337 31.84 23.71 -0.86
N GLU B 338 31.31 23.72 -2.08
CA GLU B 338 32.14 23.90 -3.26
C GLU B 338 32.68 25.33 -3.35
N HIS B 339 31.83 26.30 -3.01
CA HIS B 339 32.15 27.71 -3.18
C HIS B 339 33.19 28.20 -2.17
N ASN B 340 33.24 27.57 -0.99
CA ASN B 340 34.15 28.01 0.06
C ASN B 340 35.62 27.80 -0.31
N GLY B 341 35.86 27.10 -1.41
CA GLY B 341 37.22 26.90 -1.89
C GLY B 341 37.91 28.20 -2.24
N PHE B 342 37.11 29.24 -2.45
CA PHE B 342 37.65 30.56 -2.81
C PHE B 342 38.29 31.28 -1.63
N TYR B 343 37.95 30.88 -0.41
CA TYR B 343 38.33 31.66 0.77
C TYR B 343 39.21 30.89 1.76
N LEU B 344 39.86 29.82 1.30
CA LEU B 344 40.74 29.04 2.16
C LEU B 344 42.02 29.83 2.46
N ASP B 345 42.54 30.51 1.44
CA ASP B 345 43.71 31.36 1.59
C ASP B 345 43.27 32.81 1.62
N ASP B 346 43.44 33.47 2.76
CA ASP B 346 42.98 34.84 2.94
C ASP B 346 43.98 35.86 2.42
N THR B 347 45.10 35.38 1.90
CA THR B 347 46.13 36.27 1.38
C THR B 347 46.20 36.21 -0.15
N VAL B 348 45.09 35.88 -0.79
CA VAL B 348 45.04 35.96 -2.25
C VAL B 348 44.40 37.28 -2.67
N GLN B 349 44.81 37.74 -3.85
CA GLN B 349 44.66 39.13 -4.26
C GLN B 349 43.22 39.59 -4.38
N ASP B 350 42.38 38.78 -5.00
CA ASP B 350 41.02 39.18 -5.31
C ASP B 350 40.11 39.16 -4.07
N LEU B 351 40.68 38.84 -2.92
CA LEU B 351 39.89 38.77 -1.69
C LEU B 351 39.80 40.11 -0.97
N ARG B 352 40.89 40.88 -1.00
CA ARG B 352 40.92 42.17 -0.33
C ARG B 352 39.72 43.02 -0.73
N GLY B 353 39.21 43.79 0.22
CA GLY B 353 37.99 44.54 0.03
C GLY B 353 36.81 43.81 0.67
N ILE B 354 36.94 42.49 0.78
CA ILE B 354 35.91 41.66 1.38
C ILE B 354 36.15 41.50 2.88
N ASN B 355 35.05 41.44 3.63
CA ASN B 355 35.13 41.17 5.06
C ASN B 355 35.07 39.67 5.30
N LEU B 356 36.22 39.01 5.22
CA LEU B 356 36.30 37.56 5.28
C LEU B 356 35.79 37.00 6.61
N ASP B 357 36.10 37.71 7.71
CA ASP B 357 35.69 37.26 9.03
C ASP B 357 34.18 37.21 9.17
N GLU B 358 33.49 38.24 8.66
CA GLU B 358 32.05 38.31 8.78
C GLU B 358 31.36 37.34 7.83
N GLU B 359 31.92 37.17 6.64
CA GLU B 359 31.34 36.28 5.64
C GLU B 359 31.59 34.82 5.97
N ASP B 360 32.66 34.55 6.70
CA ASP B 360 32.98 33.19 7.11
C ASP B 360 31.97 32.74 8.15
N GLU B 361 31.51 33.67 8.98
CA GLU B 361 30.51 33.39 9.98
C GLU B 361 29.14 33.24 9.32
N GLN B 362 28.81 34.17 8.43
CA GLN B 362 27.58 34.10 7.66
C GLN B 362 27.49 32.78 6.91
N ARG B 363 28.62 32.32 6.40
CA ARG B 363 28.66 31.14 5.54
C ARG B 363 28.49 29.85 6.35
N THR B 364 29.07 29.82 7.54
CA THR B 364 28.97 28.66 8.42
C THR B 364 27.55 28.53 8.97
N LYS B 365 27.01 29.65 9.45
CA LYS B 365 25.67 29.66 10.01
C LYS B 365 24.65 29.16 8.99
N GLN B 366 24.81 29.61 7.75
CA GLN B 366 23.86 29.28 6.69
C GLN B 366 23.98 27.80 6.30
N PHE B 367 25.18 27.25 6.41
CA PHE B 367 25.40 25.84 6.09
C PHE B 367 24.80 24.96 7.18
N LEU B 368 25.00 25.35 8.43
CA LEU B 368 24.46 24.60 9.55
C LEU B 368 22.93 24.71 9.55
N ASP B 369 22.41 25.90 9.27
CA ASP B 369 20.97 26.09 9.19
C ASP B 369 20.39 25.25 8.06
N ALA B 370 21.16 25.09 6.99
CA ALA B 370 20.74 24.24 5.87
C ALA B 370 20.61 22.79 6.33
N LEU B 371 21.56 22.32 7.14
CA LEU B 371 21.49 20.97 7.67
C LEU B 371 20.23 20.79 8.51
N LYS B 372 19.95 21.76 9.37
CA LYS B 372 18.76 21.73 10.22
C LYS B 372 17.50 21.70 9.37
N GLU B 373 17.61 22.21 8.15
CA GLU B 373 16.48 22.27 7.23
C GLU B 373 16.40 21.03 6.34
N GLY B 374 17.23 20.03 6.64
CA GLY B 374 17.13 18.73 6.00
C GLY B 374 18.00 18.57 4.77
N ALA B 375 19.11 19.30 4.71
CA ALA B 375 19.99 19.27 3.55
C ALA B 375 20.64 17.90 3.38
N PHE B 376 21.27 17.40 4.44
CA PHE B 376 21.90 16.10 4.41
C PHE B 376 20.87 14.99 4.33
N ASP B 377 19.69 15.24 4.87
CA ASP B 377 18.58 14.30 4.78
C ASP B 377 18.24 14.08 3.30
N PHE B 378 18.08 15.17 2.58
CA PHE B 378 17.78 15.13 1.16
C PHE B 378 18.89 14.43 0.37
N ILE B 379 20.12 14.89 0.54
CA ILE B 379 21.24 14.35 -0.22
C ILE B 379 21.41 12.85 0.07
N LEU B 380 21.34 12.47 1.33
CA LEU B 380 21.42 11.06 1.70
C LEU B 380 20.27 10.27 1.08
N SER B 381 19.08 10.86 1.09
CA SER B 381 17.90 10.20 0.54
C SER B 381 18.04 10.01 -0.97
N VAL B 382 18.61 11.01 -1.63
CA VAL B 382 18.86 10.94 -3.06
C VAL B 382 19.85 9.82 -3.37
N ALA B 383 20.94 9.78 -2.61
CA ALA B 383 21.97 8.76 -2.79
C ALA B 383 21.39 7.36 -2.64
N ALA B 384 20.63 7.16 -1.56
CA ALA B 384 20.04 5.86 -1.26
C ALA B 384 19.04 5.43 -2.33
N ASP B 385 18.13 6.33 -2.68
CA ASP B 385 17.11 6.03 -3.67
C ASP B 385 17.74 5.67 -5.01
N CYS B 386 18.76 6.43 -5.40
CA CYS B 386 19.44 6.23 -6.66
C CYS B 386 20.09 4.85 -6.75
N LYS B 387 20.65 4.41 -5.63
CA LYS B 387 21.39 3.14 -5.59
C LYS B 387 20.52 1.97 -5.16
N ALA B 388 19.22 2.21 -4.99
CA ALA B 388 18.30 1.17 -4.55
C ALA B 388 18.18 0.06 -5.59
N GLN B 389 18.15 -1.18 -5.13
CA GLN B 389 18.02 -2.33 -6.02
C GLN B 389 16.59 -2.87 -5.99
N GLU B 390 16.24 -3.63 -7.02
CA GLU B 390 14.90 -4.22 -7.12
C GLU B 390 14.67 -5.17 -5.95
N TRP B 391 15.68 -5.97 -5.64
CA TRP B 391 15.63 -6.88 -4.50
C TRP B 391 16.73 -6.50 -3.51
N GLN B 392 16.59 -6.95 -2.27
CA GLN B 392 17.52 -6.56 -1.21
C GLN B 392 18.45 -7.72 -0.85
N ASP B 393 19.68 -7.39 -0.47
CA ASP B 393 20.65 -8.40 -0.05
C ASP B 393 20.46 -8.71 1.44
N PRO B 394 20.08 -9.96 1.76
CA PRO B 394 19.77 -10.37 3.13
C PRO B 394 20.89 -10.09 4.14
N SER B 395 22.13 -10.14 3.67
CA SER B 395 23.29 -9.99 4.56
C SER B 395 23.51 -8.54 5.00
N GLN B 396 22.77 -7.61 4.42
CA GLN B 396 22.94 -6.20 4.76
C GLN B 396 21.61 -5.51 5.10
N LEU B 397 20.60 -6.30 5.47
CA LEU B 397 19.33 -5.74 5.90
C LEU B 397 19.53 -4.91 7.16
N GLY B 398 18.97 -3.71 7.16
CA GLY B 398 19.10 -2.82 8.28
C GLY B 398 20.23 -1.81 8.09
N ALA B 399 21.27 -2.23 7.37
CA ALA B 399 22.43 -1.37 7.14
C ALA B 399 22.02 -0.07 6.48
N ARG B 400 22.43 1.04 7.07
CA ARG B 400 22.20 2.37 6.50
C ARG B 400 20.71 2.74 6.48
N GLN B 401 19.91 2.02 7.26
CA GLN B 401 18.47 2.27 7.31
C GLN B 401 18.05 2.70 8.71
N TRP B 402 18.99 3.19 9.51
CA TRP B 402 18.72 3.48 10.92
C TRP B 402 18.65 4.98 11.24
N LEU B 403 18.96 5.83 10.26
CA LEU B 403 18.82 7.27 10.43
C LEU B 403 17.40 7.72 10.05
N GLN B 404 16.92 8.76 10.71
CA GLN B 404 15.62 9.34 10.38
C GLN B 404 15.61 9.89 8.95
N ARG B 405 14.48 9.73 8.28
CA ARG B 405 14.30 10.29 6.94
C ARG B 405 12.95 10.99 6.82
N LYS B 406 12.98 12.30 6.66
CA LYS B 406 11.76 13.09 6.53
C LYS B 406 11.40 13.28 5.06
N ILE B 407 12.37 13.08 4.18
CA ILE B 407 12.11 13.17 2.74
C ILE B 407 11.17 12.05 2.33
N PRO B 408 10.07 12.40 1.63
CA PRO B 408 9.11 11.36 1.23
C PRO B 408 9.77 10.33 0.32
N SER B 409 9.32 9.08 0.41
CA SER B 409 9.90 8.02 -0.41
C SER B 409 9.60 8.26 -1.88
N LEU B 410 10.46 7.76 -2.75
CA LEU B 410 10.20 7.84 -4.18
C LEU B 410 8.89 7.13 -4.48
N PRO B 411 8.07 7.71 -5.37
CA PRO B 411 6.91 6.94 -5.81
C PRO B 411 7.40 5.61 -6.39
N SER B 412 6.77 4.51 -5.98
CA SER B 412 7.20 3.19 -6.40
C SER B 412 7.20 3.06 -7.92
N GLU B 413 8.29 2.52 -8.46
CA GLU B 413 8.39 2.24 -9.89
C GLU B 413 9.04 0.88 -10.09
N PRO B 414 8.67 0.19 -11.18
CA PRO B 414 9.24 -1.14 -11.49
C PRO B 414 10.61 -1.05 -12.16
N PHE B 415 11.29 0.09 -12.00
CA PHE B 415 12.60 0.28 -12.61
C PHE B 415 13.54 1.04 -11.68
N PRO B 416 14.82 0.67 -11.69
CA PRO B 416 15.84 1.46 -10.99
C PRO B 416 16.35 2.58 -11.88
N PHE B 417 17.41 3.24 -11.46
CA PHE B 417 18.07 4.23 -12.30
C PHE B 417 19.15 3.54 -13.12
N SER B 418 19.39 4.05 -14.33
CA SER B 418 20.42 3.50 -15.20
C SER B 418 21.76 3.51 -14.48
N HIS B 419 22.65 2.60 -14.88
CA HIS B 419 23.98 2.56 -14.29
C HIS B 419 24.73 3.87 -14.55
N PHE B 420 24.65 4.37 -15.77
CA PHE B 420 25.40 5.56 -16.14
C PHE B 420 25.00 6.76 -15.29
N LEU B 421 23.74 6.80 -14.85
CA LEU B 421 23.28 7.89 -14.00
C LEU B 421 23.74 7.66 -12.56
N GLN B 422 23.67 6.42 -12.12
CA GLN B 422 24.11 6.07 -10.77
C GLN B 422 25.58 6.44 -10.60
N HIS B 423 26.41 5.99 -11.54
CA HIS B 423 27.83 6.26 -11.47
C HIS B 423 28.10 7.76 -11.48
N SER B 424 27.43 8.48 -12.38
CA SER B 424 27.60 9.92 -12.46
C SER B 424 27.28 10.59 -11.13
N LEU B 425 26.12 10.27 -10.56
CA LEU B 425 25.70 10.85 -9.29
C LEU B 425 26.70 10.54 -8.17
N MET B 426 27.20 9.31 -8.13
CA MET B 426 28.15 8.92 -7.10
C MET B 426 29.48 9.67 -7.24
N VAL B 427 29.91 9.89 -8.47
CA VAL B 427 31.13 10.64 -8.70
C VAL B 427 31.00 12.05 -8.14
N HIS B 428 29.85 12.67 -8.36
CA HIS B 428 29.63 14.03 -7.89
C HIS B 428 29.40 14.10 -6.38
N LEU B 429 28.88 13.02 -5.81
CA LEU B 429 28.79 12.93 -4.35
C LEU B 429 30.20 12.84 -3.78
N GLU B 430 31.06 12.09 -4.46
CA GLU B 430 32.47 12.01 -4.07
C GLU B 430 33.06 13.42 -4.04
N GLY B 431 32.74 14.21 -5.05
CA GLY B 431 33.21 15.58 -5.13
C GLY B 431 32.66 16.43 -4.01
N PHE B 432 31.39 16.21 -3.67
CA PHE B 432 30.77 16.97 -2.59
C PHE B 432 31.38 16.61 -1.25
N VAL B 433 31.66 15.33 -1.05
CA VAL B 433 32.26 14.84 0.18
C VAL B 433 33.69 15.37 0.31
N ASP B 434 34.43 15.31 -0.79
CA ASP B 434 35.80 15.78 -0.81
C ASP B 434 35.83 17.29 -0.57
N ALA B 435 34.81 17.99 -1.06
CA ALA B 435 34.74 19.43 -0.92
C ALA B 435 34.39 19.83 0.51
N THR B 436 33.43 19.13 1.10
CA THR B 436 33.02 19.43 2.47
C THR B 436 34.18 19.18 3.43
N ILE B 437 34.89 18.09 3.20
CA ILE B 437 36.00 17.72 4.08
C ILE B 437 37.18 18.68 3.97
N SER B 438 37.51 19.09 2.75
CA SER B 438 38.68 19.94 2.53
C SER B 438 38.36 21.43 2.63
N ASN B 439 37.09 21.80 2.45
CA ASN B 439 36.71 23.22 2.51
C ASN B 439 36.00 23.58 3.81
N LEU B 440 35.31 22.62 4.42
CA LEU B 440 34.53 22.88 5.63
C LEU B 440 34.82 21.87 6.73
N PRO B 441 36.10 21.64 7.04
CA PRO B 441 36.45 20.72 8.13
C PRO B 441 36.02 21.29 9.47
N ASP B 442 36.18 22.60 9.62
CA ASP B 442 35.76 23.31 10.82
C ASP B 442 34.28 23.07 11.13
N VAL B 443 33.47 22.99 10.08
CA VAL B 443 32.02 22.80 10.23
C VAL B 443 31.69 21.38 10.69
N LEU B 444 32.47 20.41 10.22
CA LEU B 444 32.26 19.02 10.61
C LEU B 444 32.62 18.83 12.07
N ARG B 445 33.59 19.60 12.55
CA ARG B 445 33.97 19.56 13.96
C ARG B 445 32.83 20.11 14.82
N LYS B 446 32.28 21.24 14.39
CA LYS B 446 31.15 21.85 15.09
C LYS B 446 29.98 20.88 15.19
N LEU B 447 29.75 20.11 14.14
CA LEU B 447 28.68 19.12 14.14
C LEU B 447 28.86 18.12 15.26
N ARG B 448 30.01 17.44 15.28
CA ARG B 448 30.26 16.44 16.31
C ARG B 448 30.13 17.05 17.70
N THR B 449 30.60 18.28 17.84
CA THR B 449 30.56 18.97 19.13
C THR B 449 29.11 19.21 19.56
N GLU B 450 28.28 19.68 18.63
CA GLU B 450 26.88 19.94 18.93
C GLU B 450 26.15 18.65 19.25
N GLU B 451 26.35 17.63 18.43
CA GLU B 451 25.73 16.33 18.64
C GLU B 451 26.14 15.75 19.98
N ASP B 452 27.41 15.94 20.34
CA ASP B 452 27.90 15.46 21.62
C ASP B 452 27.20 16.18 22.76
N GLU B 453 27.03 17.49 22.61
CA GLU B 453 26.36 18.31 23.62
C GLU B 453 24.93 17.83 23.86
N GLN B 454 24.25 17.48 22.78
CA GLN B 454 22.85 17.05 22.86
C GLN B 454 22.74 15.68 23.51
N ARG B 455 23.65 14.78 23.14
CA ARG B 455 23.64 13.41 23.64
C ARG B 455 23.85 13.35 25.16
N GLN B 456 24.36 14.42 25.75
CA GLN B 456 24.63 14.45 27.18
C GLN B 456 23.62 15.29 27.95
N LEU B 457 23.21 16.42 27.37
CA LEU B 457 22.31 17.34 28.05
C LEU B 457 20.84 16.91 27.94
N ARG B 458 20.55 16.06 26.96
CA ARG B 458 19.19 15.57 26.76
C ARG B 458 19.20 14.14 26.20
N PRO B 459 19.35 13.15 27.09
CA PRO B 459 19.43 11.75 26.67
C PRO B 459 18.10 11.21 26.13
N ASN B 460 17.00 11.55 26.80
CA ASN B 460 15.67 11.09 26.37
C ASN B 460 15.28 11.69 25.02
N HIS B 461 15.79 12.88 24.74
CA HIS B 461 15.48 13.57 23.49
C HIS B 461 16.40 13.10 22.37
N GLU B 462 15.91 13.18 21.14
CA GLU B 462 16.65 12.66 19.99
C GLU B 462 17.82 13.56 19.60
N GLN B 463 18.98 12.95 19.39
CA GLN B 463 20.19 13.66 18.99
C GLN B 463 20.20 13.88 17.47
N ASP B 464 20.80 14.99 17.03
CA ASP B 464 20.96 15.25 15.62
C ASP B 464 21.93 14.25 15.02
N MET B 465 21.66 13.81 13.79
CA MET B 465 22.45 12.75 13.17
C MET B 465 23.04 13.17 11.83
N ASP B 466 23.22 14.46 11.61
CA ASP B 466 23.72 14.96 10.33
C ASP B 466 25.16 14.50 10.07
N LEU B 467 25.98 14.47 11.11
CA LEU B 467 27.34 13.95 10.98
C LEU B 467 27.30 12.49 10.57
N GLU B 468 26.35 11.74 11.13
CA GLU B 468 26.18 10.34 10.78
C GLU B 468 25.79 10.25 9.31
N ARG B 469 24.86 11.09 8.90
CA ARG B 469 24.39 11.12 7.53
C ARG B 469 25.56 11.33 6.58
N PHE B 470 26.43 12.26 6.92
CA PHE B 470 27.58 12.57 6.08
C PHE B 470 28.38 11.31 5.80
N LEU B 471 28.64 10.52 6.83
CA LEU B 471 29.41 9.29 6.68
C LEU B 471 28.67 8.27 5.82
N ILE B 472 27.35 8.20 5.96
CA ILE B 472 26.55 7.29 5.15
C ILE B 472 26.57 7.76 3.70
N ILE B 473 26.54 9.07 3.50
CA ILE B 473 26.63 9.64 2.16
C ILE B 473 27.95 9.23 1.53
N ILE B 474 29.03 9.33 2.30
CA ILE B 474 30.34 8.90 1.84
C ILE B 474 30.28 7.44 1.39
N SER B 475 29.64 6.60 2.19
CA SER B 475 29.59 5.17 1.89
C SER B 475 28.99 4.90 0.52
N TYR B 476 27.96 5.67 0.16
CA TYR B 476 27.28 5.47 -1.11
C TYR B 476 28.15 5.94 -2.26
N ALA B 477 28.86 7.04 -2.07
CA ALA B 477 29.67 7.64 -3.11
C ALA B 477 30.83 6.75 -3.55
N TYR B 478 31.53 6.16 -2.57
CA TYR B 478 32.69 5.33 -2.87
C TYR B 478 32.34 3.85 -3.03
N GLU B 479 31.14 3.48 -2.62
CA GLU B 479 30.69 2.09 -2.69
C GLU B 479 30.96 1.45 -4.06
N GLY B 480 31.60 0.30 -4.04
CA GLY B 480 31.82 -0.47 -5.26
C GLY B 480 32.81 0.15 -6.23
N ARG B 481 33.53 1.18 -5.77
CA ARG B 481 34.49 1.87 -6.62
C ARG B 481 35.85 1.95 -5.94
N PRO B 482 36.60 0.84 -5.96
CA PRO B 482 37.90 0.75 -5.27
C PRO B 482 38.90 1.82 -5.69
N ASP B 483 38.97 2.13 -6.97
CA ASP B 483 39.88 3.17 -7.43
C ASP B 483 39.63 4.47 -6.66
N ALA B 484 38.37 4.82 -6.49
CA ALA B 484 38.01 6.01 -5.74
C ALA B 484 38.29 5.82 -4.25
N ALA B 485 37.86 4.69 -3.71
CA ALA B 485 38.04 4.40 -2.29
C ALA B 485 39.51 4.46 -1.92
N MET B 486 40.38 4.17 -2.89
CA MET B 486 41.81 4.16 -2.66
C MET B 486 42.31 5.57 -2.34
N SER B 487 41.43 6.54 -2.48
CA SER B 487 41.74 7.92 -2.11
C SER B 487 41.90 8.07 -0.60
N PHE B 488 41.40 7.09 0.16
CA PHE B 488 41.51 7.10 1.62
C PHE B 488 42.76 6.37 2.10
N TRP B 489 43.18 5.36 1.34
CA TRP B 489 44.25 4.47 1.78
C TRP B 489 45.61 4.79 1.16
N GLU B 490 45.61 5.53 0.05
CA GLU B 490 46.84 5.91 -0.62
C GLU B 490 47.84 6.55 0.34
N ASP B 491 47.47 7.71 0.85
CA ASP B 491 48.37 8.53 1.66
C ASP B 491 47.77 8.82 3.03
N PRO B 492 48.35 8.23 4.09
CA PRO B 492 47.86 8.41 5.47
C PRO B 492 47.84 9.87 5.94
N ASP B 493 48.47 10.77 5.18
CA ASP B 493 48.53 12.17 5.57
C ASP B 493 47.61 13.06 4.73
N SER B 494 46.78 12.44 3.88
CA SER B 494 45.85 13.20 3.04
C SER B 494 44.67 13.69 3.87
N ASN B 495 43.91 14.61 3.29
CA ASN B 495 42.74 15.17 3.98
C ASN B 495 41.71 14.09 4.28
N LEU B 496 41.40 13.28 3.28
CA LEU B 496 40.41 12.22 3.43
C LEU B 496 40.88 11.19 4.46
N ALA B 497 42.16 10.85 4.42
CA ALA B 497 42.74 9.92 5.38
C ALA B 497 42.62 10.50 6.78
N GLY B 498 42.84 11.81 6.88
CA GLY B 498 42.74 12.49 8.17
C GLY B 498 41.33 12.45 8.72
N PHE B 499 40.35 12.64 7.84
CA PHE B 499 38.95 12.60 8.22
C PHE B 499 38.56 11.21 8.70
N LEU B 500 39.10 10.20 8.02
CA LEU B 500 38.81 8.81 8.38
C LEU B 500 39.36 8.50 9.76
N GLN B 501 40.58 8.94 10.03
CA GLN B 501 41.21 8.74 11.33
C GLN B 501 40.51 9.55 12.42
N TRP B 502 40.02 10.72 12.04
CA TRP B 502 39.33 11.62 12.98
C TRP B 502 37.98 11.05 13.40
N ALA B 503 37.23 10.52 12.44
CA ALA B 503 35.90 9.99 12.71
C ALA B 503 35.95 8.70 13.53
N SER B 504 37.13 8.10 13.63
CA SER B 504 37.26 6.79 14.23
C SER B 504 37.85 6.81 15.65
N ARG B 505 38.27 8.00 16.10
CA ARG B 505 38.86 8.09 17.43
C ARG B 505 37.87 8.70 18.43
N ARG B 506 37.81 8.11 19.63
CA ARG B 506 36.92 8.58 20.68
C ARG B 506 35.52 8.83 20.13
N ALA B 507 35.07 7.95 19.26
CA ALA B 507 33.76 8.11 18.61
C ALA B 507 32.65 7.55 19.48
N SER B 508 31.50 8.22 19.46
CA SER B 508 30.32 7.76 20.18
C SER B 508 29.74 6.53 19.49
N THR B 509 28.74 5.93 20.11
CA THR B 509 28.13 4.72 19.57
C THR B 509 27.51 4.95 18.19
N PRO B 510 26.72 6.03 18.05
CA PRO B 510 26.17 6.34 16.72
C PRO B 510 27.27 6.56 15.68
N LEU B 511 28.28 7.35 16.04
CA LEU B 511 29.35 7.70 15.11
C LEU B 511 30.18 6.48 14.73
N VAL B 512 30.44 5.60 15.70
CA VAL B 512 31.20 4.38 15.43
C VAL B 512 30.44 3.51 14.45
N SER B 513 29.13 3.45 14.61
CA SER B 513 28.27 2.65 13.75
C SER B 513 28.33 3.17 12.33
N ALA B 514 28.17 4.47 12.17
CA ALA B 514 28.26 5.11 10.85
C ALA B 514 29.65 4.88 10.25
N PHE B 515 30.67 4.99 11.09
CA PHE B 515 32.05 4.82 10.63
C PHE B 515 32.26 3.43 10.03
N CYS B 516 31.66 2.42 10.65
CA CYS B 516 31.78 1.05 10.17
C CYS B 516 30.91 0.80 8.94
N GLU B 517 29.81 1.54 8.82
CA GLU B 517 29.01 1.49 7.60
C GLU B 517 29.89 1.97 6.45
N MET B 518 30.61 3.05 6.69
CA MET B 518 31.46 3.65 5.68
C MET B 518 32.62 2.73 5.32
N LEU B 519 33.32 2.24 6.33
CA LEU B 519 34.50 1.40 6.10
C LEU B 519 34.14 0.19 5.24
N ARG B 520 32.96 -0.37 5.50
CA ARG B 520 32.48 -1.52 4.75
C ARG B 520 32.42 -1.21 3.25
N CYS B 521 32.04 0.03 2.93
CA CYS B 521 31.90 0.45 1.54
C CYS B 521 33.20 1.04 0.98
N LEU B 522 34.27 0.99 1.77
CA LEU B 522 35.58 1.43 1.32
C LEU B 522 36.52 0.25 1.21
N ALA B 523 35.95 -0.95 1.04
CA ALA B 523 36.73 -2.17 1.00
C ALA B 523 36.13 -3.19 0.05
N ASP B 524 35.93 -2.80 -1.20
CA ASP B 524 35.27 -3.66 -2.18
C ASP B 524 36.24 -4.43 -3.06
N ASN B 525 37.50 -4.48 -2.67
CA ASN B 525 38.48 -5.34 -3.34
C ASN B 525 39.61 -5.72 -2.38
N GLU B 526 40.53 -6.56 -2.87
CA GLU B 526 41.59 -7.10 -2.02
C GLU B 526 42.48 -5.99 -1.46
N GLU B 527 42.83 -5.04 -2.32
CA GLU B 527 43.70 -3.94 -1.91
C GLU B 527 43.06 -3.09 -0.81
N CYS B 528 41.90 -2.51 -1.12
CA CYS B 528 41.21 -1.64 -0.16
C CYS B 528 40.88 -2.38 1.13
N ALA B 529 40.43 -3.63 0.99
CA ALA B 529 40.07 -4.43 2.16
C ALA B 529 41.27 -4.64 3.07
N THR B 530 42.40 -5.04 2.48
CA THR B 530 43.63 -5.23 3.24
C THR B 530 44.05 -3.93 3.90
N ALA B 531 43.82 -2.82 3.22
CA ALA B 531 44.14 -1.50 3.75
C ALA B 531 43.27 -1.18 4.98
N ALA B 532 42.00 -1.57 4.91
CA ALA B 532 41.08 -1.37 6.03
C ALA B 532 41.47 -2.27 7.20
N HIS B 533 41.81 -3.52 6.90
CA HIS B 533 42.24 -4.47 7.90
C HIS B 533 43.47 -3.96 8.65
N ASN B 534 44.48 -3.57 7.88
CA ASN B 534 45.72 -3.06 8.46
C ASN B 534 45.49 -1.78 9.25
N PHE B 535 44.51 -0.98 8.82
CA PHE B 535 44.14 0.22 9.54
C PHE B 535 43.58 -0.12 10.92
N LEU B 536 42.77 -1.17 10.98
CA LEU B 536 42.16 -1.60 12.22
C LEU B 536 43.16 -2.31 13.13
N LEU B 537 44.16 -2.95 12.54
CA LEU B 537 45.21 -3.59 13.32
C LEU B 537 46.03 -2.55 14.07
N ASP B 538 46.42 -1.49 13.36
CA ASP B 538 47.20 -0.42 13.95
C ASP B 538 48.44 -0.97 14.64
N GLU B 539 49.25 -1.72 13.88
CA GLU B 539 50.46 -2.33 14.42
C GLU B 539 51.54 -2.43 13.36
N GLN B 551 44.14 8.26 18.97
CA GLN B 551 44.29 6.90 18.47
C GLN B 551 42.93 6.35 18.02
N SER B 552 42.93 5.60 16.92
CA SER B 552 41.71 5.22 16.24
C SER B 552 41.04 3.97 16.82
N LEU B 553 39.94 3.58 16.20
CA LEU B 553 39.27 2.32 16.52
C LEU B 553 40.08 1.16 15.98
N THR B 554 40.21 0.10 16.77
CA THR B 554 41.01 -1.06 16.38
C THR B 554 40.22 -2.35 16.53
N TRP B 555 40.79 -3.44 16.01
CA TRP B 555 40.16 -4.75 16.16
C TRP B 555 40.03 -5.09 17.63
N SER B 556 41.09 -4.84 18.40
CA SER B 556 41.10 -5.13 19.82
C SER B 556 39.87 -4.56 20.51
N GLN B 557 39.52 -3.34 20.15
CA GLN B 557 38.38 -2.67 20.76
C GLN B 557 37.08 -3.33 20.31
N ILE B 558 37.03 -3.71 19.04
CA ILE B 558 35.86 -4.36 18.47
C ILE B 558 35.58 -5.71 19.13
N PHE B 559 36.64 -6.48 19.36
CA PHE B 559 36.50 -7.81 19.92
C PHE B 559 36.32 -7.80 21.43
N LYS B 560 36.81 -6.74 22.07
CA LYS B 560 36.58 -6.56 23.50
C LYS B 560 35.13 -6.15 23.74
N GLU B 561 34.54 -5.47 22.76
CA GLU B 561 33.14 -5.09 22.85
C GLU B 561 32.24 -6.28 22.55
N LEU B 562 32.68 -7.16 21.66
CA LEU B 562 31.97 -8.41 21.41
C LEU B 562 32.06 -9.32 22.63
N GLU B 563 33.25 -9.42 23.19
CA GLU B 563 33.47 -10.20 24.39
C GLU B 563 32.54 -9.70 25.48
N TYR B 564 32.43 -8.38 25.59
CA TYR B 564 31.61 -7.75 26.62
C TYR B 564 30.14 -8.16 26.51
N PHE B 565 29.52 -7.85 25.38
CA PHE B 565 28.10 -8.12 25.21
C PHE B 565 27.79 -9.61 25.28
N THR B 566 28.72 -10.44 24.82
CA THR B 566 28.55 -11.89 24.88
C THR B 566 28.43 -12.33 26.34
N THR B 567 29.29 -11.78 27.19
CA THR B 567 29.26 -12.08 28.62
C THR B 567 27.96 -11.57 29.22
N LYS B 568 27.53 -10.39 28.78
CA LYS B 568 26.30 -9.77 29.28
C LYS B 568 25.08 -10.59 28.87
N VAL B 569 25.10 -11.14 27.65
CA VAL B 569 23.97 -11.87 27.12
C VAL B 569 23.94 -13.32 27.59
N CYS B 570 25.11 -13.86 27.94
CA CYS B 570 25.22 -15.24 28.38
C CYS B 570 25.59 -15.34 29.86
N SER B 571 24.70 -14.86 30.73
CA SER B 571 24.93 -14.92 32.17
C SER B 571 23.62 -15.08 32.92
N PRO B 591 17.94 -6.65 33.47
CA PRO B 591 17.54 -7.25 32.18
C PRO B 591 18.73 -7.50 31.28
N ALA B 592 18.66 -8.57 30.49
CA ALA B 592 19.75 -8.92 29.58
C ALA B 592 19.50 -8.37 28.17
N GLU B 593 18.27 -7.95 27.90
CA GLU B 593 17.93 -7.39 26.61
C GLU B 593 18.91 -6.28 26.23
N ILE B 594 19.30 -6.26 24.97
CA ILE B 594 20.26 -5.28 24.47
C ILE B 594 19.54 -4.09 23.86
N GLU B 595 20.10 -2.90 24.08
CA GLU B 595 19.54 -1.68 23.51
C GLU B 595 19.73 -1.69 22.00
N PRO B 596 18.78 -1.12 21.26
CA PRO B 596 18.87 -1.09 19.79
C PRO B 596 20.17 -0.44 19.33
N GLU B 597 20.57 0.65 19.98
CA GLU B 597 21.80 1.35 19.64
C GLU B 597 22.98 0.39 19.71
N SER B 598 23.01 -0.45 20.74
CA SER B 598 24.09 -1.42 20.92
C SER B 598 24.01 -2.51 19.86
N ALA B 599 22.81 -3.02 19.63
CA ALA B 599 22.60 -4.06 18.63
C ALA B 599 23.12 -3.62 17.27
N LEU B 600 22.80 -2.38 16.90
CA LEU B 600 23.24 -1.84 15.62
C LEU B 600 24.75 -1.87 15.51
N MET B 601 25.42 -1.32 16.50
CA MET B 601 26.88 -1.26 16.52
C MET B 601 27.47 -2.64 16.29
N LEU B 602 26.97 -3.64 17.01
CA LEU B 602 27.47 -5.00 16.89
C LEU B 602 27.25 -5.51 15.47
N GLU B 603 26.05 -5.27 14.94
CA GLU B 603 25.71 -5.69 13.59
C GLU B 603 26.61 -5.03 12.55
N CYS B 604 27.05 -3.80 12.84
CA CYS B 604 27.95 -3.10 11.95
C CYS B 604 29.36 -3.69 12.02
N TYR B 605 29.78 -4.06 13.23
CA TYR B 605 31.06 -4.72 13.42
C TYR B 605 31.10 -6.03 12.63
N LEU B 606 30.04 -6.81 12.75
CA LEU B 606 29.99 -8.12 12.12
C LEU B 606 29.97 -8.02 10.59
N ARG B 607 29.19 -7.08 10.07
CA ARG B 607 29.13 -6.88 8.63
C ARG B 607 30.46 -6.37 8.09
N LEU B 608 31.16 -5.57 8.88
CA LEU B 608 32.49 -5.10 8.52
C LEU B 608 33.46 -6.26 8.50
N ILE B 609 33.43 -7.08 9.54
CA ILE B 609 34.26 -8.28 9.63
C ILE B 609 33.99 -9.19 8.45
N ALA B 610 32.71 -9.39 8.13
CA ALA B 610 32.32 -10.23 7.01
C ALA B 610 32.92 -9.71 5.71
N LYS B 611 32.81 -8.40 5.51
CA LYS B 611 33.28 -7.77 4.28
C LYS B 611 34.77 -8.00 4.08
N LEU B 612 35.56 -7.62 5.08
CA LEU B 612 37.02 -7.70 4.98
C LEU B 612 37.49 -9.15 4.80
N ALA B 613 36.84 -10.07 5.49
CA ALA B 613 37.19 -11.48 5.39
C ALA B 613 36.95 -12.00 3.98
N THR B 614 35.80 -11.62 3.42
CA THR B 614 35.42 -12.08 2.09
C THR B 614 36.33 -11.48 1.02
N GLU B 615 36.74 -10.23 1.23
CA GLU B 615 37.44 -9.49 0.20
C GLU B 615 38.96 -9.58 0.33
N SER B 616 39.45 -9.95 1.52
CA SER B 616 40.88 -10.01 1.77
C SER B 616 41.30 -11.31 2.45
N GLU B 617 42.20 -12.05 1.81
CA GLU B 617 42.70 -13.31 2.36
C GLU B 617 43.64 -13.05 3.53
N ILE B 618 44.34 -11.93 3.50
CA ILE B 618 45.21 -11.54 4.60
C ILE B 618 44.38 -11.27 5.85
N ALA B 619 43.30 -10.50 5.68
CA ALA B 619 42.41 -10.18 6.79
C ALA B 619 41.76 -11.44 7.32
N ARG B 620 41.25 -12.27 6.41
CA ARG B 620 40.56 -13.49 6.77
C ARG B 620 41.42 -14.37 7.68
N LYS B 621 42.60 -14.73 7.20
CA LYS B 621 43.48 -15.61 7.97
C LYS B 621 43.79 -15.03 9.34
N ARG B 622 43.98 -13.72 9.41
CA ARG B 622 44.29 -13.07 10.68
C ARG B 622 43.09 -13.16 11.63
N LEU B 623 41.90 -12.94 11.10
CA LEU B 623 40.68 -12.94 11.90
C LEU B 623 40.32 -14.35 12.41
N ILE B 624 40.68 -15.37 11.64
CA ILE B 624 40.33 -16.74 12.00
C ILE B 624 41.41 -17.39 12.88
N MET B 625 42.58 -16.77 12.94
CA MET B 625 43.70 -17.33 13.69
C MET B 625 43.94 -16.62 15.01
N ASP B 626 43.92 -15.28 14.99
CA ASP B 626 44.28 -14.48 16.15
C ASP B 626 43.60 -15.00 17.41
N GLU B 627 44.41 -15.43 18.38
CA GLU B 627 43.90 -16.01 19.61
C GLU B 627 43.20 -14.97 20.48
N ASP B 628 43.74 -13.75 20.50
CA ASP B 628 43.16 -12.68 21.30
C ASP B 628 41.75 -12.32 20.84
N PHE B 629 41.57 -12.22 19.52
CA PHE B 629 40.27 -11.86 18.97
C PHE B 629 39.23 -12.92 19.30
N ASN B 630 39.64 -14.19 19.27
CA ASN B 630 38.74 -15.29 19.59
C ASN B 630 37.42 -15.15 18.85
N LEU B 631 37.51 -14.86 17.56
CA LEU B 631 36.32 -14.57 16.75
C LEU B 631 35.30 -15.70 16.74
N VAL B 632 35.69 -16.86 16.20
CA VAL B 632 34.75 -17.96 15.98
C VAL B 632 34.08 -18.43 17.26
N ASP B 633 34.85 -18.59 18.32
CA ASP B 633 34.29 -19.05 19.60
C ASP B 633 33.32 -18.02 20.17
N THR B 634 33.75 -16.77 20.24
CA THR B 634 32.97 -15.71 20.86
C THR B 634 31.60 -15.54 20.19
N ILE B 635 31.57 -15.50 18.87
CA ILE B 635 30.31 -15.25 18.16
C ILE B 635 29.41 -16.48 18.15
N LEU B 636 30.01 -17.67 18.16
CA LEU B 636 29.23 -18.90 18.29
C LEU B 636 28.56 -18.93 19.65
N LYS B 637 29.31 -18.62 20.69
CA LYS B 637 28.76 -18.53 22.04
C LYS B 637 27.62 -17.53 22.06
N LEU B 638 27.83 -16.39 21.42
CA LEU B 638 26.83 -15.34 21.37
C LEU B 638 25.58 -15.82 20.63
N SER B 639 25.77 -16.68 19.64
CA SER B 639 24.67 -17.14 18.79
C SER B 639 23.70 -18.06 19.52
N VAL B 640 24.17 -18.72 20.58
CA VAL B 640 23.33 -19.65 21.31
C VAL B 640 22.70 -18.98 22.54
N GLY B 641 22.91 -17.66 22.66
CA GLY B 641 22.25 -16.88 23.68
C GLY B 641 20.99 -16.26 23.14
N VAL B 642 20.28 -15.50 23.96
CA VAL B 642 19.05 -14.83 23.53
C VAL B 642 19.37 -13.47 22.91
N ILE B 643 19.30 -13.40 21.59
CA ILE B 643 19.67 -12.19 20.86
C ILE B 643 18.72 -11.94 19.69
N PRO B 644 18.69 -10.69 19.19
CA PRO B 644 17.85 -10.37 18.04
C PRO B 644 18.17 -11.29 16.86
N HIS B 645 17.14 -11.67 16.10
CA HIS B 645 17.33 -12.57 14.97
C HIS B 645 18.32 -12.01 13.96
N ARG B 646 18.23 -10.71 13.70
CA ARG B 646 19.12 -10.08 12.73
C ARG B 646 20.57 -10.18 13.18
N LEU B 647 20.81 -9.98 14.48
CA LEU B 647 22.15 -10.07 15.03
C LEU B 647 22.72 -11.47 14.79
N ARG B 648 21.93 -12.49 15.05
CA ARG B 648 22.36 -13.86 14.82
C ARG B 648 22.68 -14.09 13.34
N ALA B 649 21.85 -13.52 12.47
CA ALA B 649 22.08 -13.65 11.03
C ALA B 649 23.45 -13.08 10.67
N CYS B 650 23.78 -11.93 11.23
CA CYS B 650 25.08 -11.33 11.00
C CYS B 650 26.19 -12.29 11.41
N ILE B 651 26.01 -12.94 12.55
CA ILE B 651 27.00 -13.90 13.03
C ILE B 651 27.19 -15.02 12.02
N PHE B 652 26.09 -15.56 11.51
CA PHE B 652 26.15 -16.66 10.55
C PHE B 652 26.86 -16.21 9.27
N TYR B 653 26.71 -14.94 8.90
CA TYR B 653 27.35 -14.41 7.70
C TYR B 653 28.84 -14.21 7.90
N VAL B 654 29.25 -13.87 9.12
CA VAL B 654 30.67 -13.77 9.44
C VAL B 654 31.29 -15.15 9.35
N LEU B 655 30.63 -16.14 9.95
CA LEU B 655 31.09 -17.52 9.89
C LEU B 655 31.22 -17.98 8.44
N LYS B 656 30.29 -17.55 7.60
CA LYS B 656 30.34 -17.88 6.19
C LYS B 656 31.52 -17.19 5.53
N ALA B 657 31.73 -15.92 5.90
CA ALA B 657 32.81 -15.12 5.32
C ALA B 657 34.17 -15.76 5.62
N LEU B 658 34.27 -16.41 6.77
CA LEU B 658 35.51 -17.06 7.18
C LEU B 658 35.71 -18.38 6.43
N MET B 659 34.66 -18.85 5.77
CA MET B 659 34.67 -20.17 5.13
C MET B 659 34.51 -20.13 3.62
N ILE B 660 34.33 -18.95 3.03
CA ILE B 660 34.24 -18.86 1.57
C ILE B 660 35.57 -19.23 0.92
N ARG B 661 36.61 -19.29 1.74
CA ARG B 661 37.93 -19.72 1.31
C ARG B 661 38.57 -20.37 2.51
N LYS B 662 38.94 -21.64 2.40
CA LYS B 662 39.47 -22.36 3.55
C LYS B 662 40.23 -23.63 3.20
N THR B 663 41.09 -24.05 4.12
CA THR B 663 41.81 -25.30 4.01
C THR B 663 40.97 -26.42 4.61
N HIS B 664 41.39 -27.66 4.41
CA HIS B 664 40.69 -28.79 4.98
C HIS B 664 40.64 -28.71 6.50
N GLU B 665 41.77 -28.33 7.09
CA GLU B 665 41.88 -28.26 8.55
C GLU B 665 40.93 -27.21 9.12
N GLU B 666 40.94 -26.02 8.53
CA GLU B 666 40.06 -24.94 8.97
C GLU B 666 38.60 -25.34 8.84
N LEU B 667 38.30 -26.17 7.84
CA LEU B 667 36.94 -26.62 7.60
C LEU B 667 36.52 -27.66 8.63
N ASP B 668 37.43 -28.57 8.95
CA ASP B 668 37.16 -29.57 9.97
C ASP B 668 36.91 -28.88 11.30
N ALA B 669 37.70 -27.86 11.60
CA ALA B 669 37.56 -27.12 12.84
C ALA B 669 36.19 -26.48 12.95
N MET B 670 35.83 -25.67 11.96
CA MET B 670 34.57 -24.94 11.99
C MET B 670 33.38 -25.87 12.24
N TRP B 671 33.38 -27.03 11.60
CA TRP B 671 32.31 -28.00 11.79
C TRP B 671 32.18 -28.40 13.26
N ARG B 672 33.31 -28.75 13.87
CA ARG B 672 33.32 -29.20 15.26
C ARG B 672 32.88 -28.09 16.21
N TRP B 673 33.26 -26.87 15.92
CA TRP B 673 32.84 -25.73 16.74
C TRP B 673 31.34 -25.51 16.64
N VAL B 674 30.84 -25.43 15.40
CA VAL B 674 29.41 -25.27 15.17
C VAL B 674 28.63 -26.41 15.83
N GLU B 675 29.19 -27.61 15.75
CA GLU B 675 28.58 -28.78 16.34
C GLU B 675 28.56 -28.65 17.86
N ALA B 676 29.70 -28.32 18.43
CA ALA B 676 29.86 -28.25 19.88
C ALA B 676 28.88 -27.26 20.50
N TRP B 677 28.84 -26.05 19.96
CA TRP B 677 28.00 -24.99 20.54
C TRP B 677 26.51 -25.27 20.36
N MET B 678 26.13 -25.90 19.26
CA MET B 678 24.73 -26.23 19.03
C MET B 678 24.23 -27.23 20.06
N THR B 679 25.16 -27.93 20.70
CA THR B 679 24.81 -28.86 21.77
C THR B 679 25.16 -28.24 23.13
N ASN B 680 25.22 -26.92 23.18
CA ASN B 680 25.59 -26.22 24.41
C ASN B 680 24.99 -24.82 24.49
N PRO B 681 23.68 -24.69 24.23
CA PRO B 681 23.03 -23.41 24.49
C PRO B 681 23.04 -23.09 25.98
N PHE B 682 23.29 -24.12 26.78
CA PHE B 682 23.47 -23.96 28.21
C PHE B 682 24.93 -23.67 28.54
N PRO B 702 18.17 -31.35 29.23
CA PRO B 702 18.22 -31.97 27.91
C PRO B 702 19.63 -32.42 27.53
N GLY B 703 19.72 -33.54 26.82
CA GLY B 703 20.99 -34.09 26.41
C GLY B 703 21.62 -33.32 25.27
N PRO B 704 22.73 -33.84 24.72
CA PRO B 704 23.46 -33.20 23.62
C PRO B 704 22.64 -33.09 22.34
N GLN B 705 21.94 -34.15 21.97
CA GLN B 705 21.15 -34.15 20.75
C GLN B 705 19.89 -33.31 20.90
N GLU B 706 19.20 -33.46 22.03
CA GLU B 706 17.99 -32.69 22.28
C GLU B 706 18.26 -31.20 22.15
N CYS B 707 19.48 -30.79 22.43
CA CYS B 707 19.84 -29.38 22.32
C CYS B 707 19.99 -28.94 20.88
N MET B 708 20.53 -29.82 20.04
CA MET B 708 20.60 -29.53 18.62
C MET B 708 19.20 -29.20 18.12
N GLU B 709 18.26 -30.11 18.38
CA GLU B 709 16.89 -29.92 17.96
C GLU B 709 16.37 -28.57 18.42
N MET B 710 16.73 -28.19 19.63
CA MET B 710 16.34 -26.90 20.19
C MET B 710 16.90 -25.76 19.33
N MET B 711 18.15 -25.90 18.91
CA MET B 711 18.82 -24.88 18.11
C MET B 711 18.32 -24.86 16.67
N PHE B 712 18.07 -26.04 16.10
CA PHE B 712 17.54 -26.13 14.75
C PHE B 712 16.16 -25.50 14.67
N ARG B 713 15.41 -25.59 15.77
CA ARG B 713 14.08 -24.99 15.81
C ARG B 713 14.22 -23.47 15.86
N GLU B 714 15.19 -22.99 16.62
CA GLU B 714 15.42 -21.55 16.75
C GLU B 714 15.95 -20.95 15.46
N PHE B 715 16.88 -21.65 14.83
CA PHE B 715 17.56 -21.14 13.64
C PHE B 715 16.65 -21.11 12.42
N GLY B 716 15.60 -21.93 12.43
CA GLY B 716 14.67 -21.97 11.32
C GLY B 716 13.51 -21.01 11.51
N THR B 717 13.57 -20.22 12.57
CA THR B 717 12.50 -19.29 12.90
C THR B 717 12.75 -17.91 12.30
N GLY B 718 11.86 -17.47 11.43
CA GLY B 718 12.02 -16.19 10.76
C GLY B 718 12.91 -16.32 9.54
N PHE B 719 12.78 -15.36 8.62
CA PHE B 719 13.50 -15.41 7.37
C PHE B 719 15.01 -15.21 7.54
N GLU B 720 15.38 -14.15 8.26
CA GLU B 720 16.76 -13.68 8.28
C GLU B 720 17.75 -14.72 8.80
N GLN B 721 17.50 -15.29 9.97
CA GLN B 721 18.45 -16.21 10.56
C GLN B 721 18.45 -17.58 9.84
N SER B 722 17.26 -18.02 9.43
CA SER B 722 17.16 -19.29 8.71
C SER B 722 17.91 -19.20 7.38
N ASN B 723 17.64 -18.14 6.63
CA ASN B 723 18.32 -17.91 5.37
C ASN B 723 19.83 -17.84 5.56
N ALA B 724 20.26 -17.12 6.58
CA ALA B 724 21.68 -16.93 6.86
C ALA B 724 22.36 -18.25 7.22
N PHE B 725 21.68 -19.06 8.04
CA PHE B 725 22.26 -20.32 8.50
C PHE B 725 22.39 -21.32 7.36
N ILE B 726 21.40 -21.35 6.48
CA ILE B 726 21.44 -22.22 5.32
C ILE B 726 22.58 -21.81 4.39
N GLN B 727 22.81 -20.51 4.26
CA GLN B 727 23.90 -20.00 3.46
C GLN B 727 25.23 -20.51 4.02
N LEU B 728 25.35 -20.52 5.34
CA LEU B 728 26.55 -21.01 6.00
C LEU B 728 26.77 -22.49 5.72
N LEU B 729 25.74 -23.29 5.95
CA LEU B 729 25.82 -24.73 5.72
C LEU B 729 26.21 -25.04 4.27
N THR B 730 25.73 -24.22 3.34
CA THR B 730 26.01 -24.41 1.93
C THR B 730 27.50 -24.19 1.66
N THR B 731 28.05 -23.14 2.26
CA THR B 731 29.47 -22.84 2.10
C THR B 731 30.33 -23.91 2.75
N LEU B 732 29.85 -24.45 3.87
CA LEU B 732 30.59 -25.49 4.59
C LEU B 732 30.64 -26.79 3.81
N LEU B 733 29.81 -26.91 2.78
CA LEU B 733 29.75 -28.13 1.98
C LEU B 733 30.49 -27.98 0.65
N VAL B 734 30.94 -26.76 0.35
CA VAL B 734 31.75 -26.51 -0.83
C VAL B 734 33.21 -26.84 -0.52
N PRO B 735 33.74 -27.90 -1.15
CA PRO B 735 35.11 -28.34 -0.87
C PRO B 735 36.11 -27.19 -0.94
N PRO B 736 37.20 -27.26 -0.16
CA PRO B 736 38.23 -26.22 -0.17
C PRO B 736 38.97 -26.15 -1.50
N GLU B 737 38.89 -27.23 -2.29
CA GLU B 737 39.59 -27.27 -3.57
C GLU B 737 38.65 -27.00 -4.74
N GLY B 738 37.56 -26.29 -4.48
CA GLY B 738 36.63 -25.92 -5.53
C GLY B 738 35.33 -26.69 -5.47
N LEU B 739 34.32 -26.19 -6.19
CA LEU B 739 32.98 -26.76 -6.17
C LEU B 739 32.87 -28.02 -7.04
N ASN B 740 33.98 -28.48 -7.59
CA ASN B 740 33.96 -29.69 -8.41
C ASN B 740 33.74 -30.95 -7.58
N SER B 741 33.42 -32.05 -8.25
CA SER B 741 33.26 -33.34 -7.59
C SER B 741 34.54 -34.15 -7.73
N LEU B 742 35.67 -33.44 -7.75
CA LEU B 742 36.98 -34.06 -7.93
C LEU B 742 37.33 -34.96 -6.75
N ASN B 743 37.00 -34.51 -5.54
CA ASN B 743 37.38 -35.21 -4.33
C ASN B 743 36.46 -36.39 -4.04
N ASP B 744 36.97 -37.36 -3.28
CA ASP B 744 36.22 -38.56 -2.92
C ASP B 744 36.02 -38.63 -1.41
N SER B 745 36.09 -37.48 -0.75
CA SER B 745 35.92 -37.41 0.70
C SER B 745 34.88 -36.37 1.06
N VAL B 746 34.09 -36.66 2.08
CA VAL B 746 33.09 -35.70 2.56
C VAL B 746 33.81 -34.47 3.09
N PRO B 747 33.20 -33.28 2.90
CA PRO B 747 33.82 -32.00 3.26
C PRO B 747 33.82 -31.71 4.76
N PHE B 748 33.46 -32.69 5.59
CA PHE B 748 33.44 -32.52 7.03
C PHE B 748 34.13 -33.70 7.70
N PRO B 749 34.46 -33.56 8.99
CA PRO B 749 35.06 -34.69 9.70
C PRO B 749 34.12 -35.89 9.70
N GLU B 750 34.65 -37.06 9.41
CA GLU B 750 33.83 -38.24 9.20
C GLU B 750 33.28 -38.79 10.51
N TRP B 751 33.82 -38.30 11.63
CA TRP B 751 33.35 -38.70 12.95
C TRP B 751 32.40 -37.68 13.55
N LEU B 752 31.91 -36.76 12.70
CA LEU B 752 31.06 -35.67 13.17
C LEU B 752 29.77 -36.21 13.78
N GLY B 753 29.50 -35.81 15.02
CA GLY B 753 28.27 -36.17 15.69
C GLY B 753 28.31 -37.51 16.42
N SER B 754 29.47 -38.15 16.43
CA SER B 754 29.60 -39.47 17.06
C SER B 754 29.30 -39.38 18.55
N SER B 755 28.83 -40.48 19.11
CA SER B 755 28.49 -40.55 20.54
C SER B 755 27.33 -39.63 20.91
N ILE B 756 26.78 -38.94 19.91
CA ILE B 756 25.62 -38.07 20.13
C ILE B 756 24.46 -38.48 19.22
N ARG B 757 24.78 -38.94 18.03
CA ARG B 757 23.77 -39.31 17.05
C ARG B 757 24.39 -40.15 15.94
N THR B 758 23.65 -40.32 14.85
CA THR B 758 24.19 -40.97 13.65
C THR B 758 25.29 -40.10 13.06
N LEU B 759 26.34 -40.74 12.56
CA LEU B 759 27.43 -40.02 11.91
C LEU B 759 26.90 -39.32 10.66
N GLY B 760 27.57 -38.24 10.27
CA GLY B 760 27.19 -37.50 9.08
C GLY B 760 26.57 -36.16 9.42
N ILE B 761 25.79 -35.62 8.50
CA ILE B 761 25.14 -34.32 8.69
C ILE B 761 23.65 -34.39 8.36
N GLU B 762 23.06 -35.56 8.59
CA GLU B 762 21.64 -35.77 8.33
C GLU B 762 20.77 -34.66 8.92
N PRO B 763 21.04 -34.30 10.19
CA PRO B 763 20.26 -33.24 10.85
C PRO B 763 20.29 -31.94 10.06
N TYR B 764 21.48 -31.55 9.61
CA TYR B 764 21.64 -30.31 8.86
C TYR B 764 20.87 -30.35 7.54
N VAL B 765 20.85 -31.52 6.91
CA VAL B 765 20.09 -31.72 5.69
C VAL B 765 18.59 -31.62 5.98
N ASP B 766 18.14 -32.36 6.98
CA ASP B 766 16.73 -32.34 7.37
C ASP B 766 16.27 -30.93 7.70
N PHE B 767 17.15 -30.15 8.30
CA PHE B 767 16.84 -28.77 8.66
C PHE B 767 16.51 -27.95 7.43
N VAL B 768 17.34 -28.04 6.41
CA VAL B 768 17.15 -27.26 5.19
C VAL B 768 15.83 -27.61 4.52
N PHE B 769 15.54 -28.90 4.39
CA PHE B 769 14.30 -29.34 3.77
C PHE B 769 13.09 -29.00 4.64
N ASP B 770 13.27 -29.04 5.95
CA ASP B 770 12.20 -28.65 6.87
C ASP B 770 11.81 -27.21 6.61
N VAL B 771 12.82 -26.35 6.46
CA VAL B 771 12.59 -24.94 6.14
C VAL B 771 11.89 -24.82 4.79
N PHE B 772 12.45 -25.48 3.78
CA PHE B 772 11.96 -25.38 2.42
C PHE B 772 10.51 -25.83 2.28
N ALA B 773 10.17 -26.95 2.91
CA ALA B 773 8.86 -27.58 2.70
C ALA B 773 7.80 -27.10 3.69
N ASN B 774 8.21 -26.75 4.90
CA ASN B 774 7.27 -26.42 5.95
C ASN B 774 7.33 -24.96 6.40
N ARG B 775 8.50 -24.54 6.87
CA ARG B 775 8.62 -23.26 7.55
C ARG B 775 8.57 -22.06 6.60
N THR B 776 8.57 -22.33 5.30
CA THR B 776 8.39 -21.28 4.31
C THR B 776 6.99 -20.69 4.40
N LYS B 777 6.05 -21.49 4.89
CA LYS B 777 4.67 -21.07 5.02
C LYS B 777 4.53 -19.90 6.00
N ASP B 778 5.51 -19.76 6.89
CA ASP B 778 5.51 -18.67 7.87
C ASP B 778 6.09 -17.39 7.28
N ILE B 779 6.45 -17.43 6.00
CA ILE B 779 7.01 -16.27 5.31
C ILE B 779 5.96 -15.60 4.45
N SER B 780 5.59 -14.37 4.80
CA SER B 780 4.53 -13.66 4.10
C SER B 780 5.06 -12.84 2.93
N ASP B 781 6.25 -12.24 3.10
CA ASP B 781 6.81 -11.38 2.08
C ASP B 781 7.30 -12.18 0.87
N PRO B 782 6.74 -11.89 -0.32
CA PRO B 782 7.06 -12.63 -1.55
C PRO B 782 8.54 -12.63 -1.91
N SER B 783 9.20 -11.48 -1.79
CA SER B 783 10.60 -11.39 -2.20
C SER B 783 11.52 -12.16 -1.26
N GLN B 784 11.15 -12.24 0.01
CA GLN B 784 11.94 -13.01 0.97
C GLN B 784 11.72 -14.50 0.78
N LEU B 785 10.51 -14.88 0.40
CA LEU B 785 10.19 -16.27 0.11
C LEU B 785 11.06 -16.80 -1.02
N ARG B 786 11.27 -15.98 -2.04
CA ARG B 786 12.07 -16.36 -3.20
C ARG B 786 13.53 -16.55 -2.82
N ILE B 787 14.06 -15.61 -2.05
CA ILE B 787 15.44 -15.68 -1.61
C ILE B 787 15.70 -16.92 -0.75
N LEU B 788 14.82 -17.17 0.22
CA LEU B 788 14.95 -18.31 1.11
C LEU B 788 14.88 -19.62 0.33
N ARG B 789 13.90 -19.71 -0.57
CA ARG B 789 13.75 -20.89 -1.41
C ARG B 789 15.01 -21.12 -2.22
N LEU B 790 15.56 -20.05 -2.78
CA LEU B 790 16.79 -20.15 -3.55
C LEU B 790 17.93 -20.69 -2.68
N SER B 791 18.05 -20.15 -1.48
CA SER B 791 19.07 -20.60 -0.54
C SER B 791 18.98 -22.11 -0.34
N CYS B 792 17.77 -22.58 -0.04
CA CYS B 792 17.54 -24.00 0.15
C CYS B 792 17.96 -24.78 -1.10
N LEU B 793 17.51 -24.29 -2.26
CA LEU B 793 17.78 -24.97 -3.52
C LEU B 793 19.27 -24.95 -3.85
N ASP B 794 19.97 -23.91 -3.43
CA ASP B 794 21.42 -23.84 -3.63
C ASP B 794 22.11 -24.88 -2.75
N PHE B 795 21.59 -25.09 -1.55
CA PHE B 795 22.11 -26.11 -0.65
C PHE B 795 21.96 -27.47 -1.30
N VAL B 796 20.79 -27.73 -1.88
CA VAL B 796 20.53 -28.99 -2.54
C VAL B 796 21.53 -29.23 -3.66
N MET B 797 21.72 -28.23 -4.50
CA MET B 797 22.62 -28.34 -5.65
C MET B 797 24.03 -28.74 -5.24
N VAL B 798 24.57 -28.07 -4.22
CA VAL B 798 25.92 -28.37 -3.77
C VAL B 798 26.01 -29.82 -3.31
N CYS B 799 24.97 -30.29 -2.64
CA CYS B 799 24.93 -31.66 -2.16
C CYS B 799 24.92 -32.66 -3.33
N LEU B 800 24.19 -32.33 -4.38
CA LEU B 800 24.08 -33.21 -5.54
C LEU B 800 25.29 -33.11 -6.47
N VAL B 801 25.82 -31.90 -6.62
CA VAL B 801 26.92 -31.65 -7.53
C VAL B 801 28.23 -32.21 -7.02
N THR B 802 28.44 -32.12 -5.71
CA THR B 802 29.71 -32.54 -5.12
C THR B 802 29.80 -34.05 -4.91
N PHE B 803 28.75 -34.77 -5.30
CA PHE B 803 28.77 -36.23 -5.23
C PHE B 803 29.62 -36.79 -6.36
N ASN B 804 30.61 -37.60 -6.00
CA ASN B 804 31.61 -38.08 -6.94
C ASN B 804 31.00 -38.60 -8.24
N GLU B 805 31.46 -38.06 -9.36
CA GLU B 805 30.92 -38.42 -10.67
C GLU B 805 31.42 -39.77 -11.15
N ASP B 806 32.43 -40.31 -10.46
CA ASP B 806 32.91 -41.66 -10.75
C ASP B 806 31.77 -42.65 -10.57
N LEU B 807 31.04 -42.47 -9.48
CA LEU B 807 30.01 -43.40 -9.05
C LEU B 807 28.72 -43.29 -9.86
N ILE B 808 28.43 -42.10 -10.36
CA ILE B 808 27.22 -41.88 -11.17
C ILE B 808 27.10 -42.98 -12.23
N ALA B 824 36.93 -50.94 -0.63
CA ALA B 824 35.47 -50.86 -0.62
C ALA B 824 34.97 -50.17 0.64
N THR B 825 35.76 -50.25 1.71
CA THR B 825 35.38 -49.65 2.99
C THR B 825 35.25 -48.13 2.86
N ASN B 826 36.31 -47.50 2.34
CA ASN B 826 36.30 -46.05 2.14
C ASN B 826 35.15 -45.61 1.24
N LEU B 827 34.70 -46.51 0.37
CA LEU B 827 33.62 -46.21 -0.55
C LEU B 827 32.27 -46.14 0.18
N ALA B 828 31.89 -47.24 0.81
CA ALA B 828 30.63 -47.31 1.53
C ALA B 828 30.57 -46.23 2.61
N THR B 829 31.72 -45.94 3.22
CA THR B 829 31.81 -44.90 4.22
C THR B 829 31.47 -43.55 3.59
N TYR B 830 31.92 -43.36 2.35
CA TYR B 830 31.65 -42.12 1.62
C TYR B 830 30.20 -42.04 1.16
N VAL B 831 29.60 -43.20 0.88
CA VAL B 831 28.25 -43.25 0.33
C VAL B 831 27.17 -43.03 1.40
N ARG B 832 27.50 -43.35 2.65
CA ARG B 832 26.53 -43.19 3.73
C ARG B 832 26.71 -41.88 4.50
N LEU B 833 27.88 -41.27 4.37
CA LEU B 833 28.15 -40.00 5.05
C LEU B 833 27.82 -38.81 4.17
N HIS B 834 27.99 -38.95 2.85
CA HIS B 834 27.74 -37.84 1.93
C HIS B 834 26.25 -37.54 1.86
N PRO B 835 25.88 -36.26 1.95
CA PRO B 835 24.47 -35.83 2.02
C PRO B 835 23.64 -36.22 0.79
N PHE B 836 24.29 -36.62 -0.29
CA PHE B 836 23.60 -37.01 -1.52
C PHE B 836 22.41 -37.93 -1.24
N SER B 837 22.67 -39.03 -0.55
CA SER B 837 21.62 -40.03 -0.27
C SER B 837 20.41 -39.39 0.41
N ARG B 838 20.66 -38.61 1.46
CA ARG B 838 19.58 -38.02 2.25
C ARG B 838 18.81 -36.99 1.43
N VAL B 839 19.53 -36.19 0.66
CA VAL B 839 18.91 -35.15 -0.15
C VAL B 839 17.97 -35.75 -1.19
N MET B 840 18.44 -36.77 -1.89
CA MET B 840 17.60 -37.46 -2.88
C MET B 840 16.34 -37.99 -2.20
N GLU B 841 16.50 -38.57 -1.02
CA GLU B 841 15.36 -39.14 -0.31
C GLU B 841 14.29 -38.08 -0.05
N TRP B 842 14.71 -36.87 0.30
CA TRP B 842 13.78 -35.78 0.54
C TRP B 842 13.10 -35.32 -0.76
N LEU B 843 13.86 -35.28 -1.84
CA LEU B 843 13.31 -34.85 -3.12
C LEU B 843 12.18 -35.78 -3.57
N PHE B 844 12.29 -37.05 -3.22
CA PHE B 844 11.24 -38.02 -3.52
C PHE B 844 10.03 -37.80 -2.61
N ASN B 845 10.22 -37.10 -1.50
CA ASN B 845 9.14 -36.77 -0.60
C ASN B 845 8.08 -35.92 -1.30
N GLU B 846 6.81 -36.21 -1.01
CA GLU B 846 5.70 -35.55 -1.69
C GLU B 846 5.65 -34.05 -1.43
N LYS B 847 5.83 -33.66 -0.16
CA LYS B 847 5.73 -32.27 0.22
C LYS B 847 6.80 -31.41 -0.43
N VAL B 848 8.01 -31.97 -0.55
CA VAL B 848 9.12 -31.25 -1.18
C VAL B 848 8.81 -30.99 -2.65
N ILE B 849 8.34 -32.02 -3.34
CA ILE B 849 7.96 -31.90 -4.75
C ILE B 849 6.96 -30.77 -4.92
N THR B 850 6.00 -30.69 -3.99
CA THR B 850 4.98 -29.66 -4.04
C THR B 850 5.60 -28.28 -3.85
N SER B 851 6.60 -28.20 -2.98
CA SER B 851 7.30 -26.94 -2.74
C SER B 851 8.12 -26.54 -3.96
N LEU B 852 8.63 -27.52 -4.69
CA LEU B 852 9.35 -27.26 -5.93
C LEU B 852 8.38 -26.67 -6.94
N ILE B 853 7.20 -27.27 -7.04
CA ILE B 853 6.16 -26.78 -7.95
C ILE B 853 5.68 -25.40 -7.51
N ASN B 854 5.60 -25.18 -6.21
CA ASN B 854 5.20 -23.88 -5.68
C ASN B 854 6.23 -22.80 -6.01
N THR B 855 7.49 -23.19 -6.01
CA THR B 855 8.57 -22.27 -6.35
C THR B 855 8.51 -21.92 -7.83
N ILE B 856 8.24 -22.93 -8.65
CA ILE B 856 8.23 -22.76 -10.10
C ILE B 856 6.99 -22.01 -10.59
N HIS B 857 5.84 -22.36 -10.06
CA HIS B 857 4.58 -21.75 -10.49
C HIS B 857 4.50 -20.30 -10.03
N GLN B 858 4.64 -19.38 -10.98
CA GLN B 858 4.63 -17.96 -10.69
C GLN B 858 3.92 -17.19 -11.79
N ASP B 859 3.53 -15.96 -11.50
CA ASP B 859 2.89 -15.09 -12.48
C ASP B 859 3.84 -14.86 -13.65
N PRO B 860 3.49 -15.36 -14.84
CA PRO B 860 4.36 -15.22 -16.01
C PRO B 860 4.61 -13.77 -16.40
N ILE B 861 3.61 -12.91 -16.17
CA ILE B 861 3.74 -11.49 -16.48
C ILE B 861 4.76 -10.83 -15.56
N SER B 862 4.67 -11.14 -14.27
CA SER B 862 5.62 -10.62 -13.29
C SER B 862 7.02 -11.17 -13.59
N LEU B 863 7.08 -12.42 -14.02
CA LEU B 863 8.34 -13.08 -14.29
C LEU B 863 9.07 -12.43 -15.47
N GLY B 864 8.35 -12.23 -16.57
CA GLY B 864 8.93 -11.62 -17.75
C GLY B 864 9.47 -10.22 -17.49
N SER B 865 8.72 -9.46 -16.70
CA SER B 865 9.09 -8.08 -16.39
C SER B 865 10.27 -8.00 -15.42
N ALA B 866 10.49 -9.07 -14.66
CA ALA B 866 11.53 -9.08 -13.65
C ALA B 866 12.91 -9.27 -14.27
N SER B 867 13.94 -8.88 -13.54
CA SER B 867 15.32 -9.02 -13.99
C SER B 867 15.73 -10.49 -13.98
N PRO B 868 16.64 -10.88 -14.90
CA PRO B 868 17.12 -12.26 -14.95
C PRO B 868 18.04 -12.59 -13.78
N ASP B 869 18.51 -11.58 -13.07
CA ASP B 869 19.34 -11.77 -11.89
C ASP B 869 18.51 -11.70 -10.61
N SER B 870 17.22 -11.47 -10.75
CA SER B 870 16.33 -11.33 -9.59
C SER B 870 16.13 -12.68 -8.91
N PRO B 871 15.92 -12.66 -7.59
CA PRO B 871 15.61 -13.91 -6.87
C PRO B 871 14.42 -14.64 -7.47
N LEU B 872 13.46 -13.89 -8.01
CA LEU B 872 12.29 -14.49 -8.64
C LEU B 872 12.68 -15.44 -9.76
N VAL B 873 13.43 -14.92 -10.74
CA VAL B 873 13.85 -15.70 -11.90
C VAL B 873 14.82 -16.81 -11.51
N VAL B 874 15.80 -16.45 -10.68
CA VAL B 874 16.85 -17.39 -10.31
C VAL B 874 16.33 -18.55 -9.46
N SER B 875 15.31 -18.29 -8.64
CA SER B 875 14.75 -19.33 -7.78
C SER B 875 13.98 -20.36 -8.60
N ILE B 876 13.31 -19.90 -9.66
CA ILE B 876 12.60 -20.81 -10.56
C ILE B 876 13.63 -21.60 -11.36
N LEU B 877 14.61 -20.89 -11.91
CA LEU B 877 15.70 -21.51 -12.66
C LEU B 877 16.30 -22.65 -11.84
N ARG B 878 16.67 -22.34 -10.61
CA ARG B 878 17.35 -23.30 -9.75
C ARG B 878 16.42 -24.46 -9.38
N ALA B 879 15.15 -24.16 -9.13
CA ALA B 879 14.18 -25.19 -8.82
C ALA B 879 14.07 -26.16 -9.98
N ILE B 880 14.12 -25.63 -11.20
CA ILE B 880 14.07 -26.45 -12.40
C ILE B 880 15.35 -27.25 -12.55
N GLN B 881 16.48 -26.59 -12.31
CA GLN B 881 17.77 -27.25 -12.40
C GLN B 881 17.87 -28.41 -11.41
N VAL B 882 17.31 -28.24 -10.22
CA VAL B 882 17.32 -29.29 -9.21
C VAL B 882 16.53 -30.51 -9.69
N MET B 883 15.35 -30.27 -10.25
CA MET B 883 14.54 -31.36 -10.80
C MET B 883 15.29 -32.07 -11.92
N ILE B 884 16.04 -31.31 -12.72
CA ILE B 884 16.82 -31.88 -13.79
C ILE B 884 17.96 -32.74 -13.25
N LYS B 885 18.71 -32.19 -12.30
CA LYS B 885 19.85 -32.88 -11.73
C LYS B 885 19.41 -34.13 -10.99
N ALA B 886 18.24 -34.06 -10.36
CA ALA B 886 17.69 -35.19 -9.62
C ALA B 886 17.38 -36.35 -10.57
N LEU B 887 16.80 -36.02 -11.73
CA LEU B 887 16.46 -37.04 -12.71
C LEU B 887 17.70 -37.76 -13.23
N GLU B 888 18.81 -37.03 -13.29
CA GLU B 888 20.05 -37.57 -13.83
C GLU B 888 20.73 -38.50 -12.83
N LEU B 889 20.46 -38.30 -11.54
CA LEU B 889 21.13 -39.05 -10.49
C LEU B 889 20.21 -40.08 -9.82
N GLN B 890 18.95 -40.12 -10.24
CA GLN B 890 17.99 -41.01 -9.61
C GLN B 890 18.32 -42.47 -9.89
N GLU B 891 18.90 -42.75 -11.05
CA GLU B 891 19.32 -44.10 -11.39
C GLU B 891 20.37 -44.59 -10.40
N THR B 892 21.24 -43.67 -9.97
CA THR B 892 22.27 -43.99 -8.99
C THR B 892 21.63 -44.21 -7.62
N TYR B 893 20.90 -43.21 -7.15
CA TYR B 893 20.28 -43.26 -5.83
C TYR B 893 19.45 -44.54 -5.64
N LEU B 894 18.68 -44.90 -6.65
CA LEU B 894 17.84 -46.10 -6.56
C LEU B 894 18.68 -47.37 -6.58
N HIS B 895 19.96 -47.24 -6.89
CA HIS B 895 20.89 -48.36 -6.82
C HIS B 895 21.58 -48.42 -5.47
N LEU B 896 21.15 -47.56 -4.53
CA LEU B 896 21.72 -47.53 -3.19
C LEU B 896 20.68 -47.81 -2.11
N VAL B 897 19.43 -48.03 -2.52
CA VAL B 897 18.34 -48.22 -1.57
C VAL B 897 18.56 -49.47 -0.71
N ARG B 898 18.86 -50.59 -1.37
CA ARG B 898 19.08 -51.85 -0.65
C ARG B 898 20.53 -51.98 -0.22
N TYR B 920 7.45 -42.47 -14.74
CA TYR B 920 7.95 -43.81 -14.44
C TYR B 920 8.42 -43.90 -13.00
N SER B 921 9.59 -43.34 -12.72
CA SER B 921 10.12 -43.33 -11.37
C SER B 921 9.30 -42.43 -10.47
N ALA B 922 9.23 -42.79 -9.19
CA ALA B 922 8.46 -42.02 -8.21
C ALA B 922 8.64 -40.52 -8.40
N PHE B 923 9.88 -40.10 -8.63
CA PHE B 923 10.19 -38.68 -8.77
C PHE B 923 9.56 -38.10 -10.03
N GLU B 924 9.64 -38.83 -11.14
CA GLU B 924 9.06 -38.38 -12.39
C GLU B 924 7.54 -38.31 -12.28
N ASP B 925 6.95 -39.39 -11.78
CA ASP B 925 5.50 -39.47 -11.62
C ASP B 925 4.99 -38.37 -10.68
N GLY B 926 5.73 -38.13 -9.60
CA GLY B 926 5.34 -37.14 -8.63
C GLY B 926 5.24 -35.75 -9.22
N ILE B 927 6.33 -35.27 -9.81
CA ILE B 927 6.36 -33.94 -10.40
C ILE B 927 5.34 -33.82 -11.53
N LEU B 928 5.09 -34.93 -12.21
CA LEU B 928 4.14 -34.94 -13.33
C LEU B 928 2.70 -34.90 -12.84
N SER B 929 2.48 -35.33 -11.60
CA SER B 929 1.14 -35.30 -11.01
C SER B 929 0.66 -33.85 -10.93
N HIS B 930 1.60 -32.91 -10.92
CA HIS B 930 1.28 -31.50 -10.95
C HIS B 930 1.22 -31.00 -12.39
N LEU B 931 0.00 -30.91 -12.92
CA LEU B 931 -0.18 -30.54 -14.32
C LEU B 931 0.32 -29.13 -14.60
N SER B 932 0.51 -28.34 -13.55
CA SER B 932 0.97 -26.96 -13.71
C SER B 932 2.42 -26.89 -14.18
N LEU B 933 3.21 -27.91 -13.84
CA LEU B 933 4.62 -27.91 -14.17
C LEU B 933 4.87 -27.73 -15.66
N VAL B 934 4.57 -28.76 -16.44
CA VAL B 934 4.83 -28.74 -17.88
C VAL B 934 4.25 -27.50 -18.52
N VAL B 935 3.09 -27.05 -18.05
CA VAL B 935 2.45 -25.87 -18.59
C VAL B 935 3.29 -24.62 -18.30
N ASP B 936 3.86 -24.56 -17.11
CA ASP B 936 4.70 -23.43 -16.72
C ASP B 936 6.00 -23.41 -17.50
N LEU B 937 6.59 -24.60 -17.69
CA LEU B 937 7.83 -24.71 -18.45
C LEU B 937 7.66 -24.16 -19.85
N GLY B 938 6.53 -24.50 -20.48
CA GLY B 938 6.22 -24.03 -21.82
C GLY B 938 6.08 -22.52 -21.87
N LYS B 939 5.29 -21.98 -20.96
CA LYS B 939 5.04 -20.55 -20.90
C LYS B 939 6.34 -19.76 -20.78
N TYR B 940 7.19 -20.16 -19.85
CA TYR B 940 8.39 -19.41 -19.53
C TYR B 940 9.36 -19.28 -20.70
N CYS B 941 9.33 -20.25 -21.62
CA CYS B 941 10.18 -20.21 -22.80
C CYS B 941 9.96 -18.94 -23.60
N ASN B 942 8.77 -18.38 -23.50
CA ASN B 942 8.40 -17.19 -24.26
C ASN B 942 8.56 -15.89 -23.47
N LEU B 943 9.35 -15.94 -22.40
CA LEU B 943 9.55 -14.76 -21.55
C LEU B 943 10.91 -14.11 -21.79
N GLY B 944 11.69 -14.67 -22.70
CA GLY B 944 12.93 -14.05 -23.13
C GLY B 944 14.07 -14.13 -22.14
N HIS B 945 13.89 -14.88 -21.05
CA HIS B 945 14.97 -15.07 -20.09
C HIS B 945 15.86 -16.23 -20.54
N ALA B 946 16.97 -15.90 -21.18
CA ALA B 946 17.83 -16.89 -21.81
C ALA B 946 18.15 -18.07 -20.90
N GLU B 947 18.77 -17.80 -19.77
CA GLU B 947 19.24 -18.86 -18.88
C GLU B 947 18.06 -19.70 -18.36
N LEU B 948 16.95 -19.04 -18.06
CA LEU B 948 15.75 -19.73 -17.60
C LEU B 948 15.18 -20.62 -18.70
N THR B 949 15.13 -20.08 -19.92
CA THR B 949 14.54 -20.80 -21.05
C THR B 949 15.30 -22.09 -21.32
N LEU B 950 16.63 -22.00 -21.35
CA LEU B 950 17.46 -23.16 -21.61
C LEU B 950 17.16 -24.28 -20.62
N ALA B 951 16.85 -23.91 -19.38
CA ALA B 951 16.55 -24.89 -18.34
C ALA B 951 15.19 -25.56 -18.59
N CYS B 952 14.19 -24.77 -18.92
CA CYS B 952 12.86 -25.30 -19.20
C CYS B 952 12.91 -26.30 -20.34
N LEU B 953 13.68 -25.97 -21.38
CA LEU B 953 13.85 -26.86 -22.52
C LEU B 953 14.53 -28.16 -22.10
N LYS B 954 15.56 -28.05 -21.26
CA LYS B 954 16.28 -29.21 -20.77
C LYS B 954 15.34 -30.16 -20.04
N LEU B 955 14.47 -29.61 -19.19
CA LEU B 955 13.58 -30.42 -18.38
C LEU B 955 12.47 -31.04 -19.21
N LEU B 956 11.95 -30.29 -20.18
CA LEU B 956 10.91 -30.81 -21.06
C LEU B 956 11.45 -31.95 -21.92
N GLU B 957 12.72 -31.87 -22.27
CA GLU B 957 13.39 -32.95 -23.00
C GLU B 957 13.29 -34.25 -22.21
N LYS B 958 13.30 -34.12 -20.88
CA LYS B 958 13.31 -35.28 -19.99
C LYS B 958 11.93 -35.90 -19.79
N ILE B 959 10.93 -35.09 -19.47
CA ILE B 959 9.66 -35.60 -18.99
C ILE B 959 8.49 -35.47 -19.96
N SER B 960 8.60 -34.58 -20.95
CA SER B 960 7.53 -34.43 -21.94
C SER B 960 7.24 -35.78 -22.60
N THR B 961 8.30 -36.49 -22.95
CA THR B 961 8.17 -37.84 -23.51
C THR B 961 9.37 -38.69 -23.13
S SO4 C . -28.97 25.63 2.02
O1 SO4 C . -28.22 25.22 0.83
O2 SO4 C . -28.18 26.59 2.78
O3 SO4 C . -29.24 24.45 2.84
O4 SO4 C . -30.23 26.24 1.62
C1 EDO D . -14.27 9.56 25.12
O1 EDO D . -15.26 9.16 24.17
C2 EDO D . -13.31 8.39 25.38
O2 EDO D . -12.77 7.91 24.14
H11 EDO D . -14.74 9.85 26.05
H12 EDO D . -13.70 10.41 24.73
HO1 EDO D . -15.86 9.90 24.01
H21 EDO D . -13.85 7.58 25.88
H22 EDO D . -12.50 8.73 26.03
HO2 EDO D . -12.17 7.18 24.32
C1 EDO E . -14.02 8.77 -7.26
O1 EDO E . -14.15 7.40 -7.65
C2 EDO E . -13.77 8.87 -5.75
O2 EDO E . -13.42 10.22 -5.41
H11 EDO E . -14.93 9.32 -7.51
H12 EDO E . -13.18 9.23 -7.79
HO1 EDO E . -14.31 7.36 -8.59
H21 EDO E . -14.67 8.57 -5.21
H22 EDO E . -12.95 8.20 -5.47
HO2 EDO E . -13.26 10.27 -4.46
C1 EDO F . -3.12 12.14 10.25
O1 EDO F . -3.75 11.78 9.02
C2 EDO F . -4.08 12.96 11.10
O2 EDO F . -4.50 14.12 10.38
H11 EDO F . -2.22 12.73 10.03
H12 EDO F . -2.82 11.24 10.79
HO1 EDO F . -3.14 11.26 8.47
H21 EDO F . -3.58 13.26 12.02
H22 EDO F . -4.94 12.36 11.37
HO2 EDO F . -5.10 14.64 10.92
C1 EDO G . -14.55 7.96 19.34
O1 EDO G . -14.60 9.35 18.97
C2 EDO G . -15.10 7.11 18.21
O2 EDO G . -16.44 7.52 17.90
H11 EDO G . -15.16 7.81 20.25
H12 EDO G . -13.53 7.66 19.57
HO1 EDO G . -14.25 9.88 19.70
H21 EDO G . -14.47 7.21 17.33
H22 EDO G . -15.11 6.05 18.51
HO2 EDO G . -16.78 6.97 17.18
C1 EDO H . 6.02 4.94 15.28
O1 EDO H . 4.59 4.97 15.37
C2 EDO H . 6.48 3.63 14.66
O2 EDO H . 5.56 3.19 13.67
H11 EDO H . 6.45 5.04 16.28
H12 EDO H . 6.37 5.78 14.68
HO1 EDO H . 4.30 5.81 15.76
H21 EDO H . 6.58 2.87 15.44
H22 EDO H . 7.47 3.77 14.20
HO2 EDO H . 5.85 2.37 13.28
C1 EDO I . -6.87 19.27 -10.48
O1 EDO I . -7.46 17.99 -10.26
C2 EDO I . -7.13 19.72 -11.91
O2 EDO I . -6.38 18.90 -12.82
H11 EDO I . -7.28 20.00 -9.78
H12 EDO I . -5.79 19.21 -10.30
HO1 EDO I . -7.29 17.70 -9.35
H21 EDO I . -8.20 19.64 -12.14
H22 EDO I . -6.83 20.77 -12.03
HO2 EDO I . -6.54 19.19 -13.73
C1 EDO J . -32.31 20.98 -13.44
O1 EDO J . -32.71 21.09 -12.07
C2 EDO J . -31.18 21.96 -13.71
O2 EDO J . -30.84 21.96 -15.09
H11 EDO J . -31.98 19.97 -13.65
H12 EDO J . -33.16 21.20 -14.09
HO1 EDO J . -33.43 20.46 -11.89
H21 EDO J . -31.49 22.98 -13.42
H22 EDO J . -30.31 21.70 -13.11
HO2 EDO J . -30.12 22.58 -15.26
C1 EDO K . -7.43 13.84 44.29
O1 EDO K . -7.90 12.70 45.03
C2 EDO K . -8.60 14.78 43.98
O2 EDO K . -8.98 15.49 45.16
H11 EDO K . -6.97 13.50 43.36
H12 EDO K . -6.67 14.37 44.87
HO1 EDO K . -7.15 12.12 45.22
H21 EDO K . -8.31 15.47 43.20
H22 EDO K . -9.45 14.19 43.61
HO2 EDO K . -9.72 16.08 44.96
S SO4 L . 35.70 18.96 -6.28
O1 SO4 L . 36.68 17.91 -6.51
O2 SO4 L . 35.71 19.90 -7.40
O3 SO4 L . 34.37 18.36 -6.18
O4 SO4 L . 36.02 19.66 -5.04
C1 EDO M . 28.82 -10.53 3.76
O1 EDO M . 28.01 -10.44 4.93
C2 EDO M . 29.34 -9.15 3.37
O2 EDO M . 30.26 -9.27 2.29
H11 EDO M . 28.23 -10.95 2.94
H12 EDO M . 29.67 -11.19 3.95
HO1 EDO M . 27.68 -11.32 5.18
H21 EDO M . 28.50 -8.51 3.08
H22 EDO M . 29.83 -8.69 4.23
HO2 EDO M . 30.59 -8.39 2.04
C1 EDO N . 8.99 10.20 -13.01
O1 EDO N . 9.39 11.13 -11.99
C2 EDO N . 8.05 9.16 -12.41
O2 EDO N . 8.77 7.95 -12.17
H11 EDO N . 9.86 9.71 -13.42
H12 EDO N . 8.48 10.73 -13.81
HO1 EDO N . 9.99 11.80 -12.38
H21 EDO N . 7.22 8.98 -13.08
H22 EDO N . 7.65 9.53 -11.46
HO2 EDO N . 8.19 7.28 -11.80
C1 EDO O . 37.51 16.64 10.01
O1 EDO O . 38.28 17.51 10.85
C2 EDO O . 38.06 16.70 8.59
O2 EDO O . 39.34 16.06 8.53
H11 EDO O . 37.57 15.62 10.38
H12 EDO O . 36.47 16.95 10.01
HO1 EDO O . 37.93 17.47 11.75
H21 EDO O . 38.15 17.75 8.27
H22 EDO O . 37.36 16.21 7.90
HO2 EDO O . 39.67 16.10 7.63
C1 EDO P . 18.51 1.70 -26.08
O1 EDO P . 18.97 2.41 -24.93
C2 EDO P . 17.01 1.48 -25.99
O2 EDO P . 16.70 0.86 -24.73
H11 EDO P . 19.03 0.73 -26.15
H12 EDO P . 18.74 2.27 -26.98
HO1 EDO P . 19.92 2.54 -24.99
H21 EDO P . 16.68 0.83 -26.80
H22 EDO P . 16.50 2.43 -26.07
HO2 EDO P . 15.74 0.72 -24.67
C1 EDO Q . 18.37 6.94 5.87
O1 EDO Q . 18.21 5.63 6.44
C2 EDO Q . 17.96 6.93 4.41
O2 EDO Q . 18.05 8.25 3.87
H11 EDO Q . 17.77 7.66 6.42
H12 EDO Q . 19.43 7.24 5.95
HO1 EDO Q . 18.49 5.65 7.37
H21 EDO Q . 16.93 6.56 4.32
H22 EDO Q . 18.61 6.25 3.84
HO2 EDO Q . 17.78 8.24 2.94
C1 EDO R . -2.54 0.70 -13.83
O1 EDO R . -1.43 0.03 -13.22
C2 EDO R . -2.09 2.04 -14.40
O2 EDO R . -3.15 2.65 -15.13
H11 EDO R . -2.94 0.08 -14.64
H12 EDO R . -3.33 0.85 -13.10
HO1 EDO R . -1.72 -0.82 -12.86
H21 EDO R . -1.77 2.69 -13.59
H22 EDO R . -1.23 1.89 -15.06
HO2 EDO R . -2.86 3.50 -15.48
C1 EDO S . 26.91 32.00 2.05
O1 EDO S . 27.96 32.00 1.09
C2 EDO S . 26.84 33.36 2.74
O2 EDO S . 26.48 34.36 1.78
H11 EDO S . 25.96 31.79 1.56
H12 EDO S . 27.08 31.21 2.79
HO1 EDO S . 28.00 31.14 0.66
H21 EDO S . 26.09 33.33 3.54
H22 EDO S . 27.80 33.60 3.18
HO2 EDO S . 26.43 35.22 2.23
C1 EDO T . 28.92 12.58 17.73
O1 EDO T . 28.09 11.44 17.47
C2 EDO T . 29.61 12.44 19.08
O2 EDO T . 30.77 11.61 18.95
H11 EDO T . 28.31 13.48 17.73
H12 EDO T . 29.66 12.67 16.94
HO1 EDO T . 27.65 11.54 16.62
H21 EDO T . 29.91 13.42 19.45
H22 EDO T . 28.93 11.99 19.81
HO2 EDO T . 31.21 11.52 19.82
MG MG U . 35.99 7.55 -42.96
#